data_6R8K
# 
_entry.id   6R8K 
# 
_audit_conform.dict_name       mmcif_pdbx.dic 
_audit_conform.dict_version    5.397 
_audit_conform.dict_location   http://mmcif.pdb.org/dictionaries/ascii/mmcif_pdbx.dic 
# 
loop_
_database_2.database_id 
_database_2.database_code 
_database_2.pdbx_database_accession 
_database_2.pdbx_DOI 
PDB   6R8K         pdb_00006r8k 10.2210/pdb6r8k/pdb 
WWPDB D_1292101552 ?            ?                   
# 
loop_
_pdbx_audit_revision_history.ordinal 
_pdbx_audit_revision_history.data_content_type 
_pdbx_audit_revision_history.major_revision 
_pdbx_audit_revision_history.minor_revision 
_pdbx_audit_revision_history.revision_date 
1 'Structure model' 1 0 2019-04-24 
2 'Structure model' 1 1 2019-07-10 
3 'Structure model' 1 2 2019-09-18 
4 'Structure model' 1 3 2019-10-02 
5 'Structure model' 1 4 2024-01-24 
6 'Structure model' 1 5 2024-10-16 
# 
_pdbx_audit_revision_details.ordinal             1 
_pdbx_audit_revision_details.revision_ordinal    1 
_pdbx_audit_revision_details.data_content_type   'Structure model' 
_pdbx_audit_revision_details.provider            repository 
_pdbx_audit_revision_details.type                'Initial release' 
_pdbx_audit_revision_details.description         ? 
_pdbx_audit_revision_details.details             ? 
# 
loop_
_pdbx_audit_revision_group.ordinal 
_pdbx_audit_revision_group.revision_ordinal 
_pdbx_audit_revision_group.data_content_type 
_pdbx_audit_revision_group.group 
1  2 'Structure model' 'Data collection'          
2  3 'Structure model' 'Data collection'          
3  3 'Structure model' 'Experimental preparation' 
4  3 'Structure model' 'Refinement description'   
5  4 'Structure model' 'Data collection'          
6  4 'Structure model' 'Database references'      
7  5 'Structure model' 'Data collection'          
8  5 'Structure model' 'Database references'      
9  5 'Structure model' 'Refinement description'   
10 6 'Structure model' 'Structure summary'        
# 
loop_
_pdbx_audit_revision_category.ordinal 
_pdbx_audit_revision_category.revision_ordinal 
_pdbx_audit_revision_category.data_content_type 
_pdbx_audit_revision_category.category 
1  2 'Structure model' diffrn_source                 
2  3 'Structure model' exptl_crystal_grow            
3  3 'Structure model' software                      
4  4 'Structure model' citation                      
5  4 'Structure model' citation_author               
6  5 'Structure model' chem_comp_atom                
7  5 'Structure model' chem_comp_bond                
8  5 'Structure model' citation                      
9  5 'Structure model' database_2                    
10 5 'Structure model' pdbx_initial_refinement_model 
11 6 'Structure model' pdbx_entry_details            
12 6 'Structure model' pdbx_modification_feature     
# 
loop_
_pdbx_audit_revision_item.ordinal 
_pdbx_audit_revision_item.revision_ordinal 
_pdbx_audit_revision_item.data_content_type 
_pdbx_audit_revision_item.item 
1 2 'Structure model' '_diffrn_source.pdbx_synchrotron_site' 
2 3 'Structure model' '_exptl_crystal_grow.pdbx_details'     
3 3 'Structure model' '_software.version'                    
4 5 'Structure model' '_citation.journal_id_ISSN'            
5 5 'Structure model' '_database_2.pdbx_DOI'                 
6 5 'Structure model' '_database_2.pdbx_database_accession'  
# 
_pdbx_database_status.status_code                     REL 
_pdbx_database_status.status_code_sf                  REL 
_pdbx_database_status.status_code_mr                  ? 
_pdbx_database_status.entry_id                        6R8K 
_pdbx_database_status.recvd_initial_deposition_date   2019-04-02 
_pdbx_database_status.SG_entry                        N 
_pdbx_database_status.deposit_site                    PDBE 
_pdbx_database_status.process_site                    PDBE 
_pdbx_database_status.status_code_cs                  ? 
_pdbx_database_status.methods_development_category    ? 
_pdbx_database_status.pdb_format_compatible           Y 
_pdbx_database_status.status_code_nmr_data            ? 
# 
loop_
_audit_author.name 
_audit_author.pdbx_ordinal 
_audit_author.identifier_ORCID 
'De la Concepcion, J.C.' 1 0000-0002-7642-8375 
'Franceschetti, M.'      2 0000-0002-1389-6825 
'Banfield, M.J.'         3 0000-0001-8921-3835 
# 
loop_
_citation.abstract 
_citation.abstract_id_CAS 
_citation.book_id_ISBN 
_citation.book_publisher 
_citation.book_publisher_city 
_citation.book_title 
_citation.coordinate_linkage 
_citation.country 
_citation.database_id_Medline 
_citation.details 
_citation.id 
_citation.journal_abbrev 
_citation.journal_id_ASTM 
_citation.journal_id_CSD 
_citation.journal_id_ISSN 
_citation.journal_full 
_citation.journal_issue 
_citation.journal_volume 
_citation.language 
_citation.page_first 
_citation.page_last 
_citation.title 
_citation.year 
_citation.database_id_CSD 
_citation.pdbx_database_id_DOI 
_citation.pdbx_database_id_PubMed 
_citation.unpublished_flag 
? ? ? ? ? ? ? US ? ? primary Elife   ? ? 2050-084X ? ? 8 ? ? ? 
'Protein engineering expands the effector recognition profile of a rice NLR immune receptor.' 2019 ? 10.7554/eLife.47713 31535976 
? 
? ? ? ? ? ? ? US ? ? 1       Biorxiv ? ? 2692-8205 ? ? ? ? ? ? 
'Protein engineering expands the effector recognition profile of a rice NLR immune receptor'  2019 ? 10.1101/611152      ?        
? 
# 
loop_
_citation_author.citation_id 
_citation_author.name 
_citation_author.ordinal 
_citation_author.identifier_ORCID 
primary 'De la Concepcion, J.C.' 1  ?                   
primary 'Franceschetti, M.'      2  ?                   
primary 'MacLean, D.'            3  ?                   
primary 'Terauchi, R.'           4  ?                   
primary 'Kamoun, S.'             5  0000-0002-0290-0315 
primary 'Banfield, M.J.'         6  0000-0001-8921-3835 
1       'De la Concepcion, J.C.' 7  0000-0002-7642-8375 
1       'Franceschetti, M.'      8  0000-0002-1389-6825 
1       'Terauchi, R.'           9  0000-0002-0095-4651 
1       'Kamoun, S.'             10 0000-0002-0290-0315 
1       'Banfield, M.J.'         11 0000-0001-8921-3835 
# 
loop_
_entity.id 
_entity.type 
_entity.src_method 
_entity.pdbx_description 
_entity.formula_weight 
_entity.pdbx_number_of_molecules 
_entity.pdbx_ec 
_entity.pdbx_mutation 
_entity.pdbx_fragment 
_entity.details 
1 polymer man 'NBS-LRR class disease resistance protein Pikh-1' 8388.819  1   ? ? ? ? 
2 polymer man 'AVR-Pik protein'                                 10827.340 1   ? ? ? ? 
3 water   nat water                                             18.015    126 ? ? ? ? 
# 
_entity_name_com.entity_id   2 
_entity_name_com.name        'AVR-Pik protein ( Pikmprotein,Pikp protein ),AvrPi7 protein' 
# 
loop_
_entity_poly.entity_id 
_entity_poly.type 
_entity_poly.nstd_linkage 
_entity_poly.nstd_monomer 
_entity_poly.pdbx_seq_one_letter_code 
_entity_poly.pdbx_seq_one_letter_code_can 
_entity_poly.pdbx_strand_id 
_entity_poly.pdbx_target_identifier 
1 'polypeptide(L)' no no GPGLKQKIVIKVAMEGNNCRSKAMALVASTGGVDSVALVGDLRDKIEVVGYGIDPIKLISALRKKVGDAELLQVSQAKED                 
GPGLKQKIVIKVAMEGNNCRSKAMALVASTGGVDSVALVGDLRDKIEVVGYGIDPIKLISALRKKVGDAELLQVSQAKED                 B ? 
2 'polypeptide(L)' no no 
;METGNKYIEKRAIDLSRERDPNFFDHPGIPVPECFWFMFKNNVRQDAGTCYSSWKMDMKVGPNWVHIKSDDNCNLSGDFP
PGWIVLGKKRPGF
;
;METGNKYIEKRAIDLSRERDPNFFDHPGIPVPECFWFMFKNNVRQDAGTCYSSWKMDMKVGPNWVHIKSDDNCNLSGDFP
PGWIVLGKKRPGF
;
C ? 
# 
_pdbx_entity_nonpoly.entity_id   3 
_pdbx_entity_nonpoly.name        water 
_pdbx_entity_nonpoly.comp_id     HOH 
# 
loop_
_entity_poly_seq.entity_id 
_entity_poly_seq.num 
_entity_poly_seq.mon_id 
_entity_poly_seq.hetero 
1 1  GLY n 
1 2  PRO n 
1 3  GLY n 
1 4  LEU n 
1 5  LYS n 
1 6  GLN n 
1 7  LYS n 
1 8  ILE n 
1 9  VAL n 
1 10 ILE n 
1 11 LYS n 
1 12 VAL n 
1 13 ALA n 
1 14 MET n 
1 15 GLU n 
1 16 GLY n 
1 17 ASN n 
1 18 ASN n 
1 19 CYS n 
1 20 ARG n 
1 21 SER n 
1 22 LYS n 
1 23 ALA n 
1 24 MET n 
1 25 ALA n 
1 26 LEU n 
1 27 VAL n 
1 28 ALA n 
1 29 SER n 
1 30 THR n 
1 31 GLY n 
1 32 GLY n 
1 33 VAL n 
1 34 ASP n 
1 35 SER n 
1 36 VAL n 
1 37 ALA n 
1 38 LEU n 
1 39 VAL n 
1 40 GLY n 
1 41 ASP n 
1 42 LEU n 
1 43 ARG n 
1 44 ASP n 
1 45 LYS n 
1 46 ILE n 
1 47 GLU n 
1 48 VAL n 
1 49 VAL n 
1 50 GLY n 
1 51 TYR n 
1 52 GLY n 
1 53 ILE n 
1 54 ASP n 
1 55 PRO n 
1 56 ILE n 
1 57 LYS n 
1 58 LEU n 
1 59 ILE n 
1 60 SER n 
1 61 ALA n 
1 62 LEU n 
1 63 ARG n 
1 64 LYS n 
1 65 LYS n 
1 66 VAL n 
1 67 GLY n 
1 68 ASP n 
1 69 ALA n 
1 70 GLU n 
1 71 LEU n 
1 72 LEU n 
1 73 GLN n 
1 74 VAL n 
1 75 SER n 
1 76 GLN n 
1 77 ALA n 
1 78 LYS n 
1 79 GLU n 
1 80 ASP n 
2 1  MET n 
2 2  GLU n 
2 3  THR n 
2 4  GLY n 
2 5  ASN n 
2 6  LYS n 
2 7  TYR n 
2 8  ILE n 
2 9  GLU n 
2 10 LYS n 
2 11 ARG n 
2 12 ALA n 
2 13 ILE n 
2 14 ASP n 
2 15 LEU n 
2 16 SER n 
2 17 ARG n 
2 18 GLU n 
2 19 ARG n 
2 20 ASP n 
2 21 PRO n 
2 22 ASN n 
2 23 PHE n 
2 24 PHE n 
2 25 ASP n 
2 26 HIS n 
2 27 PRO n 
2 28 GLY n 
2 29 ILE n 
2 30 PRO n 
2 31 VAL n 
2 32 PRO n 
2 33 GLU n 
2 34 CYS n 
2 35 PHE n 
2 36 TRP n 
2 37 PHE n 
2 38 MET n 
2 39 PHE n 
2 40 LYS n 
2 41 ASN n 
2 42 ASN n 
2 43 VAL n 
2 44 ARG n 
2 45 GLN n 
2 46 ASP n 
2 47 ALA n 
2 48 GLY n 
2 49 THR n 
2 50 CYS n 
2 51 TYR n 
2 52 SER n 
2 53 SER n 
2 54 TRP n 
2 55 LYS n 
2 56 MET n 
2 57 ASP n 
2 58 MET n 
2 59 LYS n 
2 60 VAL n 
2 61 GLY n 
2 62 PRO n 
2 63 ASN n 
2 64 TRP n 
2 65 VAL n 
2 66 HIS n 
2 67 ILE n 
2 68 LYS n 
2 69 SER n 
2 70 ASP n 
2 71 ASP n 
2 72 ASN n 
2 73 CYS n 
2 74 ASN n 
2 75 LEU n 
2 76 SER n 
2 77 GLY n 
2 78 ASP n 
2 79 PHE n 
2 80 PRO n 
2 81 PRO n 
2 82 GLY n 
2 83 TRP n 
2 84 ILE n 
2 85 VAL n 
2 86 LEU n 
2 87 GLY n 
2 88 LYS n 
2 89 LYS n 
2 90 ARG n 
2 91 PRO n 
2 92 GLY n 
2 93 PHE n 
# 
loop_
_entity_src_gen.entity_id 
_entity_src_gen.pdbx_src_id 
_entity_src_gen.pdbx_alt_source_flag 
_entity_src_gen.pdbx_seq_type 
_entity_src_gen.pdbx_beg_seq_num 
_entity_src_gen.pdbx_end_seq_num 
_entity_src_gen.gene_src_common_name 
_entity_src_gen.gene_src_genus 
_entity_src_gen.pdbx_gene_src_gene 
_entity_src_gen.gene_src_species 
_entity_src_gen.gene_src_strain 
_entity_src_gen.gene_src_tissue 
_entity_src_gen.gene_src_tissue_fraction 
_entity_src_gen.gene_src_details 
_entity_src_gen.pdbx_gene_src_fragment 
_entity_src_gen.pdbx_gene_src_scientific_name 
_entity_src_gen.pdbx_gene_src_ncbi_taxonomy_id 
_entity_src_gen.pdbx_gene_src_variant 
_entity_src_gen.pdbx_gene_src_cell_line 
_entity_src_gen.pdbx_gene_src_atcc 
_entity_src_gen.pdbx_gene_src_organ 
_entity_src_gen.pdbx_gene_src_organelle 
_entity_src_gen.pdbx_gene_src_cell 
_entity_src_gen.pdbx_gene_src_cellular_location 
_entity_src_gen.host_org_common_name 
_entity_src_gen.pdbx_host_org_scientific_name 
_entity_src_gen.pdbx_host_org_ncbi_taxonomy_id 
_entity_src_gen.host_org_genus 
_entity_src_gen.pdbx_host_org_gene 
_entity_src_gen.pdbx_host_org_organ 
_entity_src_gen.host_org_species 
_entity_src_gen.pdbx_host_org_tissue 
_entity_src_gen.pdbx_host_org_tissue_fraction 
_entity_src_gen.pdbx_host_org_strain 
_entity_src_gen.pdbx_host_org_variant 
_entity_src_gen.pdbx_host_org_cell_line 
_entity_src_gen.pdbx_host_org_atcc 
_entity_src_gen.pdbx_host_org_culture_collection 
_entity_src_gen.pdbx_host_org_cell 
_entity_src_gen.pdbx_host_org_organelle 
_entity_src_gen.pdbx_host_org_cellular_location 
_entity_src_gen.pdbx_host_org_vector_type 
_entity_src_gen.pdbx_host_org_vector 
_entity_src_gen.host_org_details 
_entity_src_gen.expression_system_id 
_entity_src_gen.plasmid_name 
_entity_src_gen.plasmid_details 
_entity_src_gen.pdbx_description 
1 1 sample 'Biological sequence' 1 80 'Japanese rice' ? 'Pi-km1, Pikh-1'              ? ? ? ? ? ? 'Oryza sativa subsp. japonica' 
39947  ? ? ? ? ? ? ? ? 'Escherichia coli' 562 ? ? ? ? ? ? ? ? ? ? ? ? ? ? ? ? ? ? ? ? ? 
2 1 sample 'Biological sequence' 1 93 ?               ? 'AVR-Pik, AvrPik, Pikm, Pikp' ? ? ? ? ? ? 'Magnaporthe oryzae'           
318829 ? ? ? ? ? ? ? ? 'Escherichia coli' 562 ? ? ? ? ? ? ? ? ? ? ? ? ? ? ? ? ? ? ? ? ? 
# 
loop_
_chem_comp.id 
_chem_comp.type 
_chem_comp.mon_nstd_flag 
_chem_comp.name 
_chem_comp.pdbx_synonyms 
_chem_comp.formula 
_chem_comp.formula_weight 
ALA 'L-peptide linking' y ALANINE         ? 'C3 H7 N O2'     89.093  
ARG 'L-peptide linking' y ARGININE        ? 'C6 H15 N4 O2 1' 175.209 
ASN 'L-peptide linking' y ASPARAGINE      ? 'C4 H8 N2 O3'    132.118 
ASP 'L-peptide linking' y 'ASPARTIC ACID' ? 'C4 H7 N O4'     133.103 
CYS 'L-peptide linking' y CYSTEINE        ? 'C3 H7 N O2 S'   121.158 
GLN 'L-peptide linking' y GLUTAMINE       ? 'C5 H10 N2 O3'   146.144 
GLU 'L-peptide linking' y 'GLUTAMIC ACID' ? 'C5 H9 N O4'     147.129 
GLY 'peptide linking'   y GLYCINE         ? 'C2 H5 N O2'     75.067  
HIS 'L-peptide linking' y HISTIDINE       ? 'C6 H10 N3 O2 1' 156.162 
HOH non-polymer         . WATER           ? 'H2 O'           18.015  
ILE 'L-peptide linking' y ISOLEUCINE      ? 'C6 H13 N O2'    131.173 
LEU 'L-peptide linking' y LEUCINE         ? 'C6 H13 N O2'    131.173 
LYS 'L-peptide linking' y LYSINE          ? 'C6 H15 N2 O2 1' 147.195 
MET 'L-peptide linking' y METHIONINE      ? 'C5 H11 N O2 S'  149.211 
PHE 'L-peptide linking' y PHENYLALANINE   ? 'C9 H11 N O2'    165.189 
PRO 'L-peptide linking' y PROLINE         ? 'C5 H9 N O2'     115.130 
SER 'L-peptide linking' y SERINE          ? 'C3 H7 N O3'     105.093 
THR 'L-peptide linking' y THREONINE       ? 'C4 H9 N O3'     119.119 
TRP 'L-peptide linking' y TRYPTOPHAN      ? 'C11 H12 N2 O2'  204.225 
TYR 'L-peptide linking' y TYROSINE        ? 'C9 H11 N O3'    181.189 
VAL 'L-peptide linking' y VALINE          ? 'C5 H11 N O2'    117.146 
# 
loop_
_pdbx_poly_seq_scheme.asym_id 
_pdbx_poly_seq_scheme.entity_id 
_pdbx_poly_seq_scheme.seq_id 
_pdbx_poly_seq_scheme.mon_id 
_pdbx_poly_seq_scheme.ndb_seq_num 
_pdbx_poly_seq_scheme.pdb_seq_num 
_pdbx_poly_seq_scheme.auth_seq_num 
_pdbx_poly_seq_scheme.pdb_mon_id 
_pdbx_poly_seq_scheme.auth_mon_id 
_pdbx_poly_seq_scheme.pdb_strand_id 
_pdbx_poly_seq_scheme.pdb_ins_code 
_pdbx_poly_seq_scheme.hetero 
A 1 1  GLY 1  184 ?   ?   ?   B . n 
A 1 2  PRO 2  185 ?   ?   ?   B . n 
A 1 3  GLY 3  186 ?   ?   ?   B . n 
A 1 4  LEU 4  187 187 LEU LEU B . n 
A 1 5  LYS 5  188 188 LYS LYS B . n 
A 1 6  GLN 6  189 189 GLN GLN B . n 
A 1 7  LYS 7  190 190 LYS LYS B . n 
A 1 8  ILE 8  191 191 ILE ILE B . n 
A 1 9  VAL 9  192 192 VAL VAL B . n 
A 1 10 ILE 10 193 193 ILE ILE B . n 
A 1 11 LYS 11 194 194 LYS LYS B . n 
A 1 12 VAL 12 195 195 VAL VAL B . n 
A 1 13 ALA 13 196 196 ALA ALA B . n 
A 1 14 MET 14 197 197 MET MET B . n 
A 1 15 GLU 15 198 198 GLU GLU B . n 
A 1 16 GLY 16 199 199 GLY GLY B . n 
A 1 17 ASN 17 200 200 ASN ASN B . n 
A 1 18 ASN 18 201 201 ASN ASN B . n 
A 1 19 CYS 19 202 202 CYS CYS B . n 
A 1 20 ARG 20 203 203 ARG ARG B . n 
A 1 21 SER 21 204 204 SER SER B . n 
A 1 22 LYS 22 205 205 LYS LYS B . n 
A 1 23 ALA 23 206 206 ALA ALA B . n 
A 1 24 MET 24 207 207 MET MET B . n 
A 1 25 ALA 25 208 208 ALA ALA B . n 
A 1 26 LEU 26 209 209 LEU LEU B . n 
A 1 27 VAL 27 210 210 VAL VAL B . n 
A 1 28 ALA 28 211 211 ALA ALA B . n 
A 1 29 SER 29 212 212 SER SER B . n 
A 1 30 THR 30 213 213 THR THR B . n 
A 1 31 GLY 31 214 214 GLY GLY B . n 
A 1 32 GLY 32 215 215 GLY GLY B . n 
A 1 33 VAL 33 216 216 VAL VAL B . n 
A 1 34 ASP 34 217 217 ASP ASP B . n 
A 1 35 SER 35 218 218 SER SER B . n 
A 1 36 VAL 36 219 219 VAL VAL B . n 
A 1 37 ALA 37 220 220 ALA ALA B . n 
A 1 38 LEU 38 221 221 LEU LEU B . n 
A 1 39 VAL 39 222 222 VAL VAL B . n 
A 1 40 GLY 40 223 223 GLY GLY B . n 
A 1 41 ASP 41 224 224 ASP ASP B . n 
A 1 42 LEU 42 225 225 LEU LEU B . n 
A 1 43 ARG 43 226 226 ARG ARG B . n 
A 1 44 ASP 44 227 227 ASP ASP B . n 
A 1 45 LYS 45 228 228 LYS LYS B . n 
A 1 46 ILE 46 229 229 ILE ILE B . n 
A 1 47 GLU 47 230 230 GLU GLU B . n 
A 1 48 VAL 48 231 231 VAL VAL B . n 
A 1 49 VAL 49 232 232 VAL VAL B . n 
A 1 50 GLY 50 233 233 GLY GLY B . n 
A 1 51 TYR 51 234 234 TYR TYR B . n 
A 1 52 GLY 52 235 235 GLY GLY B . n 
A 1 53 ILE 53 236 236 ILE ILE B . n 
A 1 54 ASP 54 237 237 ASP ASP B . n 
A 1 55 PRO 55 238 238 PRO PRO B . n 
A 1 56 ILE 56 239 239 ILE ILE B . n 
A 1 57 LYS 57 240 240 LYS LYS B . n 
A 1 58 LEU 58 241 241 LEU LEU B . n 
A 1 59 ILE 59 242 242 ILE ILE B . n 
A 1 60 SER 60 243 243 SER SER B . n 
A 1 61 ALA 61 244 244 ALA ALA B . n 
A 1 62 LEU 62 245 245 LEU LEU B . n 
A 1 63 ARG 63 246 246 ARG ARG B . n 
A 1 64 LYS 64 247 247 LYS LYS B . n 
A 1 65 LYS 65 248 248 LYS LYS B . n 
A 1 66 VAL 66 249 249 VAL VAL B . n 
A 1 67 GLY 67 250 250 GLY GLY B . n 
A 1 68 ASP 68 251 251 ASP ASP B . n 
A 1 69 ALA 69 252 252 ALA ALA B . n 
A 1 70 GLU 70 253 253 GLU GLU B . n 
A 1 71 LEU 71 254 254 LEU LEU B . n 
A 1 72 LEU 72 255 255 LEU LEU B . n 
A 1 73 GLN 73 256 256 GLN GLN B . n 
A 1 74 VAL 74 257 257 VAL VAL B . n 
A 1 75 SER 75 258 258 SER SER B . n 
A 1 76 GLN 76 259 259 GLN GLN B . n 
A 1 77 ALA 77 260 260 ALA ALA B . n 
A 1 78 LYS 78 261 261 LYS LYS B . n 
A 1 79 GLU 79 262 262 GLU GLU B . n 
A 1 80 ASP 80 263 263 ASP ASP B . n 
B 2 1  MET 1  21  ?   ?   ?   C . n 
B 2 2  GLU 2  22  ?   ?   ?   C . n 
B 2 3  THR 3  23  ?   ?   ?   C . n 
B 2 4  GLY 4  24  ?   ?   ?   C . n 
B 2 5  ASN 5  25  ?   ?   ?   C . n 
B 2 6  LYS 6  26  ?   ?   ?   C . n 
B 2 7  TYR 7  27  ?   ?   ?   C . n 
B 2 8  ILE 8  28  ?   ?   ?   C . n 
B 2 9  GLU 9  29  ?   ?   ?   C . n 
B 2 10 LYS 10 30  ?   ?   ?   C . n 
B 2 11 ARG 11 31  31  ARG ARG C . n 
B 2 12 ALA 12 32  32  ALA ALA C . n 
B 2 13 ILE 13 33  33  ILE ILE C . n 
B 2 14 ASP 14 34  34  ASP ASP C . n 
B 2 15 LEU 15 35  35  LEU LEU C . n 
B 2 16 SER 16 36  36  SER SER C . n 
B 2 17 ARG 17 37  37  ARG ARG C . n 
B 2 18 GLU 18 38  38  GLU GLU C . n 
B 2 19 ARG 19 39  39  ARG ARG C . n 
B 2 20 ASP 20 40  40  ASP ASP C . n 
B 2 21 PRO 21 41  41  PRO PRO C . n 
B 2 22 ASN 22 42  42  ASN ASN C . n 
B 2 23 PHE 23 43  43  PHE PHE C . n 
B 2 24 PHE 24 44  44  PHE PHE C . n 
B 2 25 ASP 25 45  45  ASP ASP C . n 
B 2 26 HIS 26 46  46  HIS HIS C . n 
B 2 27 PRO 27 47  47  PRO PRO C . n 
B 2 28 GLY 28 48  48  GLY GLY C . n 
B 2 29 ILE 29 49  49  ILE ILE C . n 
B 2 30 PRO 30 50  50  PRO PRO C . n 
B 2 31 VAL 31 51  51  VAL VAL C . n 
B 2 32 PRO 32 52  52  PRO PRO C . n 
B 2 33 GLU 33 53  53  GLU GLU C . n 
B 2 34 CYS 34 54  54  CYS CYS C . n 
B 2 35 PHE 35 55  55  PHE PHE C . n 
B 2 36 TRP 36 56  56  TRP TRP C . n 
B 2 37 PHE 37 57  57  PHE PHE C . n 
B 2 38 MET 38 58  58  MET MET C . n 
B 2 39 PHE 39 59  59  PHE PHE C . n 
B 2 40 LYS 40 60  60  LYS LYS C . n 
B 2 41 ASN 41 61  61  ASN ASN C . n 
B 2 42 ASN 42 62  62  ASN ASN C . n 
B 2 43 VAL 43 63  63  VAL VAL C . n 
B 2 44 ARG 44 64  64  ARG ARG C . n 
B 2 45 GLN 45 65  65  GLN GLN C . n 
B 2 46 ASP 46 66  66  ASP ASP C . n 
B 2 47 ALA 47 67  67  ALA ALA C . n 
B 2 48 GLY 48 68  68  GLY GLY C . n 
B 2 49 THR 49 69  69  THR THR C . n 
B 2 50 CYS 50 70  70  CYS CYS C . n 
B 2 51 TYR 51 71  71  TYR TYR C . n 
B 2 52 SER 52 72  72  SER SER C . n 
B 2 53 SER 53 73  73  SER SER C . n 
B 2 54 TRP 54 74  74  TRP TRP C . n 
B 2 55 LYS 55 75  75  LYS LYS C . n 
B 2 56 MET 56 76  76  MET MET C . n 
B 2 57 ASP 57 77  77  ASP ASP C . n 
B 2 58 MET 58 78  78  MET MET C . n 
B 2 59 LYS 59 79  79  LYS LYS C . n 
B 2 60 VAL 60 80  80  VAL VAL C . n 
B 2 61 GLY 61 81  81  GLY GLY C . n 
B 2 62 PRO 62 82  82  PRO PRO C . n 
B 2 63 ASN 63 83  83  ASN ASN C . n 
B 2 64 TRP 64 84  84  TRP TRP C . n 
B 2 65 VAL 65 85  85  VAL VAL C . n 
B 2 66 HIS 66 86  86  HIS HIS C . n 
B 2 67 ILE 67 87  87  ILE ILE C . n 
B 2 68 LYS 68 88  88  LYS LYS C . n 
B 2 69 SER 69 89  89  SER SER C . n 
B 2 70 ASP 70 90  90  ASP ASP C . n 
B 2 71 ASP 71 91  91  ASP ASP C . n 
B 2 72 ASN 72 92  92  ASN ASN C . n 
B 2 73 CYS 73 93  93  CYS CYS C . n 
B 2 74 ASN 74 94  94  ASN ASN C . n 
B 2 75 LEU 75 95  95  LEU LEU C . n 
B 2 76 SER 76 96  96  SER SER C . n 
B 2 77 GLY 77 97  97  GLY GLY C . n 
B 2 78 ASP 78 98  98  ASP ASP C . n 
B 2 79 PHE 79 99  99  PHE PHE C . n 
B 2 80 PRO 80 100 100 PRO PRO C . n 
B 2 81 PRO 81 101 101 PRO PRO C . n 
B 2 82 GLY 82 102 102 GLY GLY C . n 
B 2 83 TRP 83 103 103 TRP TRP C . n 
B 2 84 ILE 84 104 104 ILE ILE C . n 
B 2 85 VAL 85 105 105 VAL VAL C . n 
B 2 86 LEU 86 106 106 LEU LEU C . n 
B 2 87 GLY 87 107 107 GLY GLY C . n 
B 2 88 LYS 88 108 108 LYS LYS C . n 
B 2 89 LYS 89 109 109 LYS LYS C . n 
B 2 90 ARG 90 110 110 ARG ARG C . n 
B 2 91 PRO 91 111 111 PRO PRO C . n 
B 2 92 GLY 92 112 112 GLY GLY C . n 
B 2 93 PHE 93 113 113 PHE PHE C . n 
# 
loop_
_pdbx_nonpoly_scheme.asym_id 
_pdbx_nonpoly_scheme.entity_id 
_pdbx_nonpoly_scheme.mon_id 
_pdbx_nonpoly_scheme.ndb_seq_num 
_pdbx_nonpoly_scheme.pdb_seq_num 
_pdbx_nonpoly_scheme.auth_seq_num 
_pdbx_nonpoly_scheme.pdb_mon_id 
_pdbx_nonpoly_scheme.auth_mon_id 
_pdbx_nonpoly_scheme.pdb_strand_id 
_pdbx_nonpoly_scheme.pdb_ins_code 
C 3 HOH 1  301 105 HOH HOH B . 
C 3 HOH 2  302 30  HOH HOH B . 
C 3 HOH 3  303 92  HOH HOH B . 
C 3 HOH 4  304 36  HOH HOH B . 
C 3 HOH 5  305 68  HOH HOH B . 
C 3 HOH 6  306 83  HOH HOH B . 
C 3 HOH 7  307 4   HOH HOH B . 
C 3 HOH 8  308 124 HOH HOH B . 
C 3 HOH 9  309 5   HOH HOH B . 
C 3 HOH 10 310 3   HOH HOH B . 
C 3 HOH 11 311 141 HOH HOH B . 
C 3 HOH 12 312 15  HOH HOH B . 
C 3 HOH 13 313 40  HOH HOH B . 
C 3 HOH 14 314 28  HOH HOH B . 
C 3 HOH 15 315 20  HOH HOH B . 
C 3 HOH 16 316 75  HOH HOH B . 
C 3 HOH 17 317 88  HOH HOH B . 
C 3 HOH 18 318 57  HOH HOH B . 
C 3 HOH 19 319 33  HOH HOH B . 
C 3 HOH 20 320 123 HOH HOH B . 
C 3 HOH 21 321 34  HOH HOH B . 
C 3 HOH 22 322 120 HOH HOH B . 
C 3 HOH 23 323 23  HOH HOH B . 
C 3 HOH 24 324 19  HOH HOH B . 
C 3 HOH 25 325 140 HOH HOH B . 
C 3 HOH 26 326 122 HOH HOH B . 
C 3 HOH 27 327 55  HOH HOH B . 
C 3 HOH 28 328 127 HOH HOH B . 
C 3 HOH 29 329 109 HOH HOH B . 
C 3 HOH 30 330 82  HOH HOH B . 
C 3 HOH 31 331 139 HOH HOH B . 
D 3 HOH 1  201 74  HOH HOH C . 
D 3 HOH 2  202 134 HOH HOH C . 
D 3 HOH 3  203 106 HOH HOH C . 
D 3 HOH 4  204 129 HOH HOH C . 
D 3 HOH 5  205 47  HOH HOH C . 
D 3 HOH 6  206 138 HOH HOH C . 
D 3 HOH 7  207 143 HOH HOH C . 
D 3 HOH 8  208 32  HOH HOH C . 
D 3 HOH 9  209 93  HOH HOH C . 
D 3 HOH 10 210 37  HOH HOH C . 
D 3 HOH 11 211 101 HOH HOH C . 
D 3 HOH 12 212 31  HOH HOH C . 
D 3 HOH 13 213 85  HOH HOH C . 
D 3 HOH 14 214 45  HOH HOH C . 
D 3 HOH 15 215 81  HOH HOH C . 
D 3 HOH 16 216 77  HOH HOH C . 
D 3 HOH 17 217 84  HOH HOH C . 
D 3 HOH 18 218 50  HOH HOH C . 
D 3 HOH 19 219 114 HOH HOH C . 
D 3 HOH 20 220 102 HOH HOH C . 
D 3 HOH 21 221 61  HOH HOH C . 
D 3 HOH 22 222 97  HOH HOH C . 
D 3 HOH 23 223 39  HOH HOH C . 
D 3 HOH 24 224 24  HOH HOH C . 
D 3 HOH 25 225 70  HOH HOH C . 
D 3 HOH 26 226 118 HOH HOH C . 
D 3 HOH 27 227 76  HOH HOH C . 
D 3 HOH 28 228 48  HOH HOH C . 
D 3 HOH 29 229 12  HOH HOH C . 
D 3 HOH 30 230 95  HOH HOH C . 
D 3 HOH 31 231 128 HOH HOH C . 
D 3 HOH 32 232 135 HOH HOH C . 
D 3 HOH 33 233 8   HOH HOH C . 
D 3 HOH 34 234 121 HOH HOH C . 
D 3 HOH 35 235 98  HOH HOH C . 
D 3 HOH 36 236 52  HOH HOH C . 
D 3 HOH 37 237 145 HOH HOH C . 
D 3 HOH 38 238 136 HOH HOH C . 
D 3 HOH 39 239 10  HOH HOH C . 
D 3 HOH 40 240 16  HOH HOH C . 
D 3 HOH 41 241 6   HOH HOH C . 
D 3 HOH 42 242 58  HOH HOH C . 
D 3 HOH 43 243 38  HOH HOH C . 
D 3 HOH 44 244 71  HOH HOH C . 
D 3 HOH 45 245 26  HOH HOH C . 
D 3 HOH 46 246 142 HOH HOH C . 
D 3 HOH 47 247 25  HOH HOH C . 
D 3 HOH 48 248 43  HOH HOH C . 
D 3 HOH 49 249 110 HOH HOH C . 
D 3 HOH 50 250 42  HOH HOH C . 
D 3 HOH 51 251 65  HOH HOH C . 
D 3 HOH 52 252 1   HOH HOH C . 
D 3 HOH 53 253 14  HOH HOH C . 
D 3 HOH 54 254 125 HOH HOH C . 
D 3 HOH 55 255 18  HOH HOH C . 
D 3 HOH 56 256 89  HOH HOH C . 
D 3 HOH 57 257 21  HOH HOH C . 
D 3 HOH 58 258 11  HOH HOH C . 
D 3 HOH 59 259 49  HOH HOH C . 
D 3 HOH 60 260 66  HOH HOH C . 
D 3 HOH 61 261 27  HOH HOH C . 
D 3 HOH 62 262 22  HOH HOH C . 
D 3 HOH 63 263 59  HOH HOH C . 
D 3 HOH 64 264 13  HOH HOH C . 
D 3 HOH 65 265 79  HOH HOH C . 
D 3 HOH 66 266 2   HOH HOH C . 
D 3 HOH 67 267 99  HOH HOH C . 
D 3 HOH 68 268 35  HOH HOH C . 
D 3 HOH 69 269 96  HOH HOH C . 
D 3 HOH 70 270 29  HOH HOH C . 
D 3 HOH 71 271 41  HOH HOH C . 
D 3 HOH 72 272 73  HOH HOH C . 
D 3 HOH 73 273 67  HOH HOH C . 
D 3 HOH 74 274 103 HOH HOH C . 
D 3 HOH 75 275 119 HOH HOH C . 
D 3 HOH 76 276 7   HOH HOH C . 
D 3 HOH 77 277 9   HOH HOH C . 
D 3 HOH 78 278 17  HOH HOH C . 
D 3 HOH 79 279 63  HOH HOH C . 
D 3 HOH 80 280 53  HOH HOH C . 
D 3 HOH 81 281 72  HOH HOH C . 
D 3 HOH 82 282 87  HOH HOH C . 
D 3 HOH 83 283 80  HOH HOH C . 
D 3 HOH 84 284 126 HOH HOH C . 
D 3 HOH 85 285 137 HOH HOH C . 
D 3 HOH 86 286 104 HOH HOH C . 
D 3 HOH 87 287 116 HOH HOH C . 
D 3 HOH 88 288 131 HOH HOH C . 
D 3 HOH 89 289 107 HOH HOH C . 
D 3 HOH 90 290 108 HOH HOH C . 
D 3 HOH 91 291 146 HOH HOH C . 
D 3 HOH 92 292 113 HOH HOH C . 
D 3 HOH 93 293 130 HOH HOH C . 
D 3 HOH 94 294 78  HOH HOH C . 
D 3 HOH 95 295 94  HOH HOH C . 
# 
loop_
_software.citation_id 
_software.classification 
_software.compiler_name 
_software.compiler_version 
_software.contact_author 
_software.contact_author_email 
_software.date 
_software.description 
_software.dependencies 
_software.hardware 
_software.language 
_software.location 
_software.mods 
_software.name 
_software.os 
_software.os_version 
_software.type 
_software.version 
_software.pdbx_ordinal 
? refinement        ? ? ? ? ? ? ? ? ? ? ? REFMAC      ? ? ? 5.8.0232 1 
? 'data reduction'  ? ? ? ? ? ? ? ? ? ? ? XDS         ? ? ? .        2 
? 'data scaling'    ? ? ? ? ? ? ? ? ? ? ? Aimless     ? ? ? .        3 
? 'data extraction' ? ? ? ? ? ? ? ? ? ? ? PDB_EXTRACT ? ? ? 3.24     4 
? phasing           ? ? ? ? ? ? ? ? ? ? ? PHASER      ? ? ? 2.6.1    5 
# 
_cell.angle_alpha                  90.000 
_cell.angle_alpha_esd              ? 
_cell.angle_beta                   90.000 
_cell.angle_beta_esd               ? 
_cell.angle_gamma                  90.000 
_cell.angle_gamma_esd              ? 
_cell.entry_id                     6R8K 
_cell.details                      ? 
_cell.formula_units_Z              ? 
_cell.length_a                     29.790 
_cell.length_a_esd                 ? 
_cell.length_b                     65.330 
_cell.length_b_esd                 ? 
_cell.length_c                     75.860 
_cell.length_c_esd                 ? 
_cell.volume                       ? 
_cell.volume_esd                   ? 
_cell.Z_PDB                        4 
_cell.reciprocal_angle_alpha       ? 
_cell.reciprocal_angle_beta        ? 
_cell.reciprocal_angle_gamma       ? 
_cell.reciprocal_angle_alpha_esd   ? 
_cell.reciprocal_angle_beta_esd    ? 
_cell.reciprocal_angle_gamma_esd   ? 
_cell.reciprocal_length_a          ? 
_cell.reciprocal_length_b          ? 
_cell.reciprocal_length_c          ? 
_cell.reciprocal_length_a_esd      ? 
_cell.reciprocal_length_b_esd      ? 
_cell.reciprocal_length_c_esd      ? 
_cell.pdbx_unique_axis             ? 
# 
_symmetry.entry_id                         6R8K 
_symmetry.cell_setting                     ? 
_symmetry.Int_Tables_number                19 
_symmetry.space_group_name_Hall            ? 
_symmetry.space_group_name_H-M             'P 21 21 21' 
_symmetry.pdbx_full_space_group_name_H-M   ? 
# 
_exptl.absorpt_coefficient_mu     ? 
_exptl.absorpt_correction_T_max   ? 
_exptl.absorpt_correction_T_min   ? 
_exptl.absorpt_correction_type    ? 
_exptl.absorpt_process_details    ? 
_exptl.entry_id                   6R8K 
_exptl.crystals_number            1 
_exptl.details                    ? 
_exptl.method                     'X-RAY DIFFRACTION' 
_exptl.method_details             ? 
# 
_exptl_crystal.colour                      ? 
_exptl_crystal.density_diffrn              ? 
_exptl_crystal.density_Matthews            1.92 
_exptl_crystal.density_method              ? 
_exptl_crystal.density_percent_sol         36.01 
_exptl_crystal.description                 ? 
_exptl_crystal.F_000                       ? 
_exptl_crystal.id                          1 
_exptl_crystal.preparation                 ? 
_exptl_crystal.size_max                    ? 
_exptl_crystal.size_mid                    ? 
_exptl_crystal.size_min                    ? 
_exptl_crystal.size_rad                    ? 
_exptl_crystal.colour_lustre               ? 
_exptl_crystal.colour_modifier             ? 
_exptl_crystal.colour_primary              ? 
_exptl_crystal.density_meas                ? 
_exptl_crystal.density_meas_esd            ? 
_exptl_crystal.density_meas_gt             ? 
_exptl_crystal.density_meas_lt             ? 
_exptl_crystal.density_meas_temp           ? 
_exptl_crystal.density_meas_temp_esd       ? 
_exptl_crystal.density_meas_temp_gt        ? 
_exptl_crystal.density_meas_temp_lt        ? 
_exptl_crystal.pdbx_crystal_image_url      ? 
_exptl_crystal.pdbx_crystal_image_format   ? 
_exptl_crystal.pdbx_mosaicity              ? 
_exptl_crystal.pdbx_mosaicity_esd          ? 
# 
_exptl_crystal_grow.apparatus       ? 
_exptl_crystal_grow.atmosphere      ? 
_exptl_crystal_grow.crystal_id      1 
_exptl_crystal_grow.details         ? 
_exptl_crystal_grow.method          'VAPOR DIFFUSION, SITTING DROP' 
_exptl_crystal_grow.method_ref      ? 
_exptl_crystal_grow.pH              ? 
_exptl_crystal_grow.pressure        ? 
_exptl_crystal_grow.pressure_esd    ? 
_exptl_crystal_grow.seeding         ? 
_exptl_crystal_grow.seeding_ref     ? 
_exptl_crystal_grow.temp            293 
_exptl_crystal_grow.temp_details    ? 
_exptl_crystal_grow.temp_esd        ? 
_exptl_crystal_grow.time            ? 
_exptl_crystal_grow.pdbx_details    
;0.12M Alcohols (0.2M 1,6-Hexanediol, 0.2M 1-Butanol, 0.2M 1,2-Propanediol, 0.2M 2- Propanol, 0.2M 1,4-Butanediol, 0.2M 1,3-Propanediol), 0.1M Buffer system 1 (1M Imidazole, MES monohydrate (acid)) pH 6.5, 50% v/v Precipitant mix 4 (25%v/v MPD, 25%v/v PEG 1000, 25%v/v PEG3350)
;
_exptl_crystal_grow.pdbx_pH_range   ? 
# 
_diffrn.ambient_environment              ? 
_diffrn.ambient_temp                     100 
_diffrn.ambient_temp_details             ? 
_diffrn.ambient_temp_esd                 ? 
_diffrn.crystal_id                       1 
_diffrn.crystal_support                  ? 
_diffrn.crystal_treatment                ? 
_diffrn.details                          ? 
_diffrn.id                               1 
_diffrn.ambient_pressure                 ? 
_diffrn.ambient_pressure_esd             ? 
_diffrn.ambient_pressure_gt              ? 
_diffrn.ambient_pressure_lt              ? 
_diffrn.ambient_temp_gt                  ? 
_diffrn.ambient_temp_lt                  ? 
_diffrn.pdbx_serial_crystal_experiment   N 
# 
_diffrn_detector.details                      ? 
_diffrn_detector.detector                     PIXEL 
_diffrn_detector.diffrn_id                    1 
_diffrn_detector.type                         'DECTRIS PILATUS3 6M' 
_diffrn_detector.area_resol_mean              ? 
_diffrn_detector.dtime                        ? 
_diffrn_detector.pdbx_frames_total            ? 
_diffrn_detector.pdbx_collection_time_total   ? 
_diffrn_detector.pdbx_collection_date         2017-04-29 
_diffrn_detector.pdbx_frequency               ? 
# 
_diffrn_radiation.collimation                      ? 
_diffrn_radiation.diffrn_id                        1 
_diffrn_radiation.filter_edge                      ? 
_diffrn_radiation.inhomogeneity                    ? 
_diffrn_radiation.monochromator                    ? 
_diffrn_radiation.polarisn_norm                    ? 
_diffrn_radiation.polarisn_ratio                   ? 
_diffrn_radiation.probe                            ? 
_diffrn_radiation.type                             ? 
_diffrn_radiation.xray_symbol                      ? 
_diffrn_radiation.wavelength_id                    1 
_diffrn_radiation.pdbx_monochromatic_or_laue_m_l   M 
_diffrn_radiation.pdbx_wavelength_list             ? 
_diffrn_radiation.pdbx_wavelength                  ? 
_diffrn_radiation.pdbx_diffrn_protocol             'SINGLE WAVELENGTH' 
_diffrn_radiation.pdbx_analyzer                    ? 
_diffrn_radiation.pdbx_scattering_type             x-ray 
# 
_diffrn_radiation_wavelength.id           1 
_diffrn_radiation_wavelength.wavelength   0.9763 
_diffrn_radiation_wavelength.wt           1.0 
# 
_diffrn_source.current                     ? 
_diffrn_source.details                     ? 
_diffrn_source.diffrn_id                   1 
_diffrn_source.power                       ? 
_diffrn_source.size                        ? 
_diffrn_source.source                      SYNCHROTRON 
_diffrn_source.target                      ? 
_diffrn_source.type                        'DIAMOND BEAMLINE I03' 
_diffrn_source.voltage                     ? 
_diffrn_source.take-off_angle              ? 
_diffrn_source.pdbx_wavelength_list        0.9763 
_diffrn_source.pdbx_wavelength             ? 
_diffrn_source.pdbx_synchrotron_beamline   I03 
_diffrn_source.pdbx_synchrotron_site       Diamond 
# 
_reflns.B_iso_Wilson_estimate            ? 
_reflns.entry_id                         6R8K 
_reflns.data_reduction_details           ? 
_reflns.data_reduction_method            ? 
_reflns.d_resolution_high                1.6 
_reflns.d_resolution_low                 32.8 
_reflns.details                          ? 
_reflns.limit_h_max                      ? 
_reflns.limit_h_min                      ? 
_reflns.limit_k_max                      ? 
_reflns.limit_k_min                      ? 
_reflns.limit_l_max                      ? 
_reflns.limit_l_min                      ? 
_reflns.number_all                       ? 
_reflns.number_obs                       20294 
_reflns.observed_criterion               ? 
_reflns.observed_criterion_F_max         ? 
_reflns.observed_criterion_F_min         ? 
_reflns.observed_criterion_I_max         ? 
_reflns.observed_criterion_I_min         ? 
_reflns.observed_criterion_sigma_F       ? 
_reflns.observed_criterion_sigma_I       ? 
_reflns.percent_possible_obs             100 
_reflns.R_free_details                   ? 
_reflns.Rmerge_F_all                     ? 
_reflns.Rmerge_F_obs                     ? 
_reflns.Friedel_coverage                 ? 
_reflns.number_gt                        ? 
_reflns.threshold_expression             ? 
_reflns.pdbx_redundancy                  12.8 
_reflns.pdbx_Rmerge_I_obs                0.081 
_reflns.pdbx_Rmerge_I_all                ? 
_reflns.pdbx_Rsym_value                  ? 
_reflns.pdbx_netI_over_av_sigmaI         ? 
_reflns.pdbx_netI_over_sigmaI            16.1 
_reflns.pdbx_res_netI_over_av_sigmaI_2   ? 
_reflns.pdbx_res_netI_over_sigmaI_2      ? 
_reflns.pdbx_chi_squared                 ? 
_reflns.pdbx_scaling_rejects             ? 
_reflns.pdbx_d_res_high_opt              ? 
_reflns.pdbx_d_res_low_opt               ? 
_reflns.pdbx_d_res_opt_method            ? 
_reflns.phase_calculation_details        ? 
_reflns.pdbx_Rrim_I_all                  0.084 
_reflns.pdbx_Rpim_I_all                  0.024 
_reflns.pdbx_d_opt                       ? 
_reflns.pdbx_number_measured_all         ? 
_reflns.pdbx_diffrn_id                   1 
_reflns.pdbx_ordinal                     1 
_reflns.pdbx_CC_half                     0.99 
_reflns.pdbx_R_split                     ? 
# 
_reflns_shell.d_res_high                  1.6 
_reflns_shell.d_res_low                   1.63 
_reflns_shell.meanI_over_sigI_all         ? 
_reflns_shell.meanI_over_sigI_obs         2.6 
_reflns_shell.number_measured_all         ? 
_reflns_shell.number_measured_obs         ? 
_reflns_shell.number_possible             ? 
_reflns_shell.number_unique_all           ? 
_reflns_shell.number_unique_obs           978 
_reflns_shell.percent_possible_all        100 
_reflns_shell.percent_possible_obs        ? 
_reflns_shell.Rmerge_F_all                ? 
_reflns_shell.Rmerge_F_obs                ? 
_reflns_shell.Rmerge_I_all                ? 
_reflns_shell.Rmerge_I_obs                0.971 
_reflns_shell.meanI_over_sigI_gt          ? 
_reflns_shell.meanI_over_uI_all           ? 
_reflns_shell.meanI_over_uI_gt            ? 
_reflns_shell.number_measured_gt          ? 
_reflns_shell.number_unique_gt            ? 
_reflns_shell.percent_possible_gt         ? 
_reflns_shell.Rmerge_F_gt                 ? 
_reflns_shell.Rmerge_I_gt                 ? 
_reflns_shell.pdbx_redundancy             13.3 
_reflns_shell.pdbx_Rsym_value             ? 
_reflns_shell.pdbx_chi_squared            ? 
_reflns_shell.pdbx_netI_over_sigmaI_all   ? 
_reflns_shell.pdbx_netI_over_sigmaI_obs   ? 
_reflns_shell.pdbx_Rrim_I_all             1.01 
_reflns_shell.pdbx_Rpim_I_all             0.38 
_reflns_shell.pdbx_rejects                ? 
_reflns_shell.pdbx_ordinal                1 
_reflns_shell.pdbx_diffrn_id              1 
_reflns_shell.pdbx_CC_half                0.866 
_reflns_shell.pdbx_R_split                ? 
# 
_refine.aniso_B[1][1]                            -0.8700 
_refine.aniso_B[1][2]                            0.0000 
_refine.aniso_B[1][3]                            0.0000 
_refine.aniso_B[2][2]                            0.0100 
_refine.aniso_B[2][3]                            0.0000 
_refine.aniso_B[3][3]                            0.8600 
_refine.B_iso_max                                72.560 
_refine.B_iso_mean                               25.6090 
_refine.B_iso_min                                13.300 
_refine.correlation_coeff_Fo_to_Fc               0.9590 
_refine.correlation_coeff_Fo_to_Fc_free          0.9420 
_refine.details                                  
'HYDROGENS HAVE BEEN ADDED IN THE RIDING POSITIONS U VALUES      : REFINED INDIVIDUALLY' 
_refine.diff_density_max                         ? 
_refine.diff_density_max_esd                     ? 
_refine.diff_density_min                         ? 
_refine.diff_density_min_esd                     ? 
_refine.diff_density_rms                         ? 
_refine.diff_density_rms_esd                     ? 
_refine.entry_id                                 6R8K 
_refine.pdbx_refine_id                           'X-RAY DIFFRACTION' 
_refine.ls_abs_structure_details                 ? 
_refine.ls_abs_structure_Flack                   ? 
_refine.ls_abs_structure_Flack_esd               ? 
_refine.ls_abs_structure_Rogers                  ? 
_refine.ls_abs_structure_Rogers_esd              ? 
_refine.ls_d_res_high                            1.6000 
_refine.ls_d_res_low                             32.800 
_refine.ls_extinction_coef                       ? 
_refine.ls_extinction_coef_esd                   ? 
_refine.ls_extinction_expression                 ? 
_refine.ls_extinction_method                     ? 
_refine.ls_goodness_of_fit_all                   ? 
_refine.ls_goodness_of_fit_all_esd               ? 
_refine.ls_goodness_of_fit_obs                   ? 
_refine.ls_goodness_of_fit_obs_esd               ? 
_refine.ls_hydrogen_treatment                    ? 
_refine.ls_matrix_type                           ? 
_refine.ls_number_constraints                    ? 
_refine.ls_number_parameters                     ? 
_refine.ls_number_reflns_all                     ? 
_refine.ls_number_reflns_obs                     19242 
_refine.ls_number_reflns_R_free                  1001 
_refine.ls_number_reflns_R_work                  ? 
_refine.ls_number_restraints                     ? 
_refine.ls_percent_reflns_obs                    99.9200 
_refine.ls_percent_reflns_R_free                 4.9000 
_refine.ls_R_factor_all                          ? 
_refine.ls_R_factor_obs                          0.1983 
_refine.ls_R_factor_R_free                       0.2320 
_refine.ls_R_factor_R_free_error                 ? 
_refine.ls_R_factor_R_free_error_details         ? 
_refine.ls_R_factor_R_work                       0.1966 
_refine.ls_R_Fsqd_factor_obs                     ? 
_refine.ls_R_I_factor_obs                        ? 
_refine.ls_redundancy_reflns_all                 ? 
_refine.ls_redundancy_reflns_obs                 ? 
_refine.ls_restrained_S_all                      ? 
_refine.ls_restrained_S_obs                      ? 
_refine.ls_shift_over_esd_max                    ? 
_refine.ls_shift_over_esd_mean                   ? 
_refine.ls_structure_factor_coef                 ? 
_refine.ls_weighting_details                     ? 
_refine.ls_weighting_scheme                      ? 
_refine.ls_wR_factor_all                         ? 
_refine.ls_wR_factor_obs                         ? 
_refine.ls_wR_factor_R_free                      ? 
_refine.ls_wR_factor_R_work                      ? 
_refine.occupancy_max                            ? 
_refine.occupancy_min                            ? 
_refine.solvent_model_details                    ? 
_refine.solvent_model_param_bsol                 ? 
_refine.solvent_model_param_ksol                 ? 
_refine.ls_R_factor_gt                           ? 
_refine.ls_goodness_of_fit_gt                    ? 
_refine.ls_goodness_of_fit_ref                   ? 
_refine.ls_shift_over_su_max                     ? 
_refine.ls_shift_over_su_max_lt                  ? 
_refine.ls_shift_over_su_mean                    ? 
_refine.ls_shift_over_su_mean_lt                 ? 
_refine.pdbx_ls_sigma_I                          ? 
_refine.pdbx_ls_sigma_F                          0.000 
_refine.pdbx_ls_sigma_Fsqd                       ? 
_refine.pdbx_data_cutoff_high_absF               ? 
_refine.pdbx_data_cutoff_high_rms_absF           ? 
_refine.pdbx_data_cutoff_low_absF                ? 
_refine.pdbx_isotropic_thermal_model             ? 
_refine.pdbx_ls_cross_valid_method               THROUGHOUT 
_refine.pdbx_method_to_determine_struct          'MOLECULAR REPLACEMENT' 
_refine.pdbx_starting_model                      6G10 
_refine.pdbx_stereochemistry_target_values       ? 
_refine.pdbx_R_Free_selection_details            RANDOM 
_refine.pdbx_stereochem_target_val_spec_case     ? 
_refine.pdbx_overall_ESU_R                       0.1030 
_refine.pdbx_overall_ESU_R_Free                  0.1020 
_refine.pdbx_solvent_vdw_probe_radii             1.2000 
_refine.pdbx_solvent_ion_probe_radii             0.8000 
_refine.pdbx_solvent_shrinkage_radii             0.8000 
_refine.pdbx_real_space_R                        ? 
_refine.pdbx_density_correlation                 ? 
_refine.pdbx_pd_number_of_powder_patterns        ? 
_refine.pdbx_pd_number_of_points                 ? 
_refine.pdbx_pd_meas_number_of_points            ? 
_refine.pdbx_pd_proc_ls_prof_R_factor            ? 
_refine.pdbx_pd_proc_ls_prof_wR_factor           ? 
_refine.pdbx_pd_Marquardt_correlation_coeff      ? 
_refine.pdbx_pd_Fsqrd_R_factor                   ? 
_refine.pdbx_pd_ls_matrix_band_width             ? 
_refine.pdbx_overall_phase_error                 ? 
_refine.pdbx_overall_SU_R_free_Cruickshank_DPI   ? 
_refine.pdbx_overall_SU_R_free_Blow_DPI          ? 
_refine.pdbx_overall_SU_R_Blow_DPI               ? 
_refine.pdbx_TLS_residual_ADP_flag               ? 
_refine.pdbx_diffrn_id                           1 
_refine.overall_SU_B                             1.9870 
_refine.overall_SU_ML                            0.0700 
_refine.overall_SU_R_Cruickshank_DPI             0.1029 
_refine.overall_SU_R_free                        ? 
_refine.overall_FOM_free_R_set                   ? 
_refine.overall_FOM_work_R_set                   ? 
_refine.pdbx_average_fsc_overall                 ? 
_refine.pdbx_average_fsc_work                    ? 
_refine.pdbx_average_fsc_free                    ? 
# 
_refine_hist.pdbx_refine_id                   'X-RAY DIFFRACTION' 
_refine_hist.cycle_id                         final 
_refine_hist.details                          ? 
_refine_hist.d_res_high                       1.6000 
_refine_hist.d_res_low                        32.800 
_refine_hist.number_atoms_solvent             126 
_refine_hist.number_atoms_total               1374 
_refine_hist.number_reflns_all                ? 
_refine_hist.number_reflns_obs                ? 
_refine_hist.number_reflns_R_free             ? 
_refine_hist.number_reflns_R_work             ? 
_refine_hist.R_factor_all                     ? 
_refine_hist.R_factor_obs                     ? 
_refine_hist.R_factor_R_free                  ? 
_refine_hist.R_factor_R_work                  ? 
_refine_hist.pdbx_number_residues_total       160 
_refine_hist.pdbx_B_iso_mean_ligand           ? 
_refine_hist.pdbx_B_iso_mean_solvent          32.40 
_refine_hist.pdbx_number_atoms_protein        1248 
_refine_hist.pdbx_number_atoms_nucleic_acid   0 
_refine_hist.pdbx_number_atoms_ligand         0 
_refine_hist.pdbx_number_atoms_lipid          ? 
_refine_hist.pdbx_number_atoms_carb           ? 
_refine_hist.pdbx_pseudo_atom_details         ? 
# 
loop_
_refine_ls_restr.pdbx_refine_id 
_refine_ls_restr.criterion 
_refine_ls_restr.dev_ideal 
_refine_ls_restr.dev_ideal_target 
_refine_ls_restr.number 
_refine_ls_restr.rejects 
_refine_ls_restr.type 
_refine_ls_restr.weight 
_refine_ls_restr.pdbx_restraint_function 
'X-RAY DIFFRACTION' ? 0.009  0.013  1307 ? r_bond_refined_d       ? ? 
'X-RAY DIFFRACTION' ? 0.001  0.017  1250 ? r_bond_other_d         ? ? 
'X-RAY DIFFRACTION' ? 1.495  1.636  1768 ? r_angle_refined_deg    ? ? 
'X-RAY DIFFRACTION' ? 1.339  1.594  2908 ? r_angle_other_deg      ? ? 
'X-RAY DIFFRACTION' ? 6.801  5.000  166  ? r_dihedral_angle_1_deg ? ? 
'X-RAY DIFFRACTION' ? 29.977 22.273 66   ? r_dihedral_angle_2_deg ? ? 
'X-RAY DIFFRACTION' ? 17.467 15.000 236  ? r_dihedral_angle_3_deg ? ? 
'X-RAY DIFFRACTION' ? 18.226 15.000 9    ? r_dihedral_angle_4_deg ? ? 
'X-RAY DIFFRACTION' ? 0.063  0.200  164  ? r_chiral_restr         ? ? 
'X-RAY DIFFRACTION' ? 0.009  0.020  1469 ? r_gen_planes_refined   ? ? 
'X-RAY DIFFRACTION' ? 0.002  0.020  270  ? r_gen_planes_other     ? ? 
# 
_refine_ls_shell.pdbx_refine_id                   'X-RAY DIFFRACTION' 
_refine_ls_shell.d_res_high                       1.6000 
_refine_ls_shell.d_res_low                        1.6420 
_refine_ls_shell.number_reflns_all                1477 
_refine_ls_shell.number_reflns_obs                ? 
_refine_ls_shell.number_reflns_R_free             76 
_refine_ls_shell.number_reflns_R_work             1401 
_refine_ls_shell.percent_reflns_obs               100.0000 
_refine_ls_shell.percent_reflns_R_free            ? 
_refine_ls_shell.R_factor_all                     ? 
_refine_ls_shell.R_factor_obs                     ? 
_refine_ls_shell.R_factor_R_free                  0.2730 
_refine_ls_shell.R_factor_R_free_error            0.0000 
_refine_ls_shell.R_factor_R_work                  0.2550 
_refine_ls_shell.redundancy_reflns_all            ? 
_refine_ls_shell.redundancy_reflns_obs            ? 
_refine_ls_shell.wR_factor_all                    ? 
_refine_ls_shell.wR_factor_obs                    ? 
_refine_ls_shell.wR_factor_R_free                 ? 
_refine_ls_shell.wR_factor_R_work                 ? 
_refine_ls_shell.pdbx_total_number_of_bins_used   20 
_refine_ls_shell.pdbx_phase_error                 ? 
_refine_ls_shell.pdbx_fsc_work                    ? 
_refine_ls_shell.pdbx_fsc_free                    ? 
# 
_struct.entry_id                     6R8K 
_struct.title                        
;Complex of rice blast (Magnaporthe oryzae) effector protein AVR-PikD with an engineered HMA domain of Pikp-1 from rice (Oryza sativa)
;
_struct.pdbx_model_details           ? 
_struct.pdbx_formula_weight          ? 
_struct.pdbx_formula_weight_method   ? 
_struct.pdbx_model_type_details      ? 
_struct.pdbx_CASP_flag               N 
# 
_struct_keywords.entry_id        6R8K 
_struct_keywords.text            'NLR, Complex, HMA, Rice blast, PLANT PROTEIN' 
_struct_keywords.pdbx_keywords   'PLANT PROTEIN' 
# 
loop_
_struct_asym.id 
_struct_asym.pdbx_blank_PDB_chainid_flag 
_struct_asym.pdbx_modified 
_struct_asym.entity_id 
_struct_asym.details 
A N N 1 ? 
B N N 2 ? 
C N N 3 ? 
D N N 3 ? 
# 
loop_
_struct_ref.id 
_struct_ref.db_name 
_struct_ref.db_code 
_struct_ref.pdbx_db_accession 
_struct_ref.pdbx_db_isoform 
_struct_ref.entity_id 
_struct_ref.pdbx_seq_one_letter_code 
_struct_ref.pdbx_align_begin 
1 UNP D5L9G5_ORYSJ D5L9G5 ? 1 GLKQKIVIKVAMEGNNCRSKAMALVASTGGVDSVALVGDLRDKIEVVGYGIDPIKLISALRKKVGDAELLQVSQAKKD                  186 
2 UNP C4B8B8_MAGOR C4B8B8 ? 2 
;ETGNKYIEKRAIDLSRERDPNFFDHPGIPVPECFWFMFKNNVRQDAGTCYSSWKMDMKVGPNWVHIKSDDNCNLSGDFPP
GWIVLGKKRPGF
;
22  
# 
loop_
_struct_ref_seq.align_id 
_struct_ref_seq.ref_id 
_struct_ref_seq.pdbx_PDB_id_code 
_struct_ref_seq.pdbx_strand_id 
_struct_ref_seq.seq_align_beg 
_struct_ref_seq.pdbx_seq_align_beg_ins_code 
_struct_ref_seq.seq_align_end 
_struct_ref_seq.pdbx_seq_align_end_ins_code 
_struct_ref_seq.pdbx_db_accession 
_struct_ref_seq.db_align_beg 
_struct_ref_seq.pdbx_db_align_beg_ins_code 
_struct_ref_seq.db_align_end 
_struct_ref_seq.pdbx_db_align_end_ins_code 
_struct_ref_seq.pdbx_auth_seq_align_beg 
_struct_ref_seq.pdbx_auth_seq_align_end 
1 1 6R8K B 3 ? 80 ? D5L9G5 186 ? 263 ? 186 263 
2 2 6R8K C 2 ? 93 ? C4B8B8 22  ? 113 ? 22  113 
# 
loop_
_struct_ref_seq_dif.align_id 
_struct_ref_seq_dif.pdbx_pdb_id_code 
_struct_ref_seq_dif.mon_id 
_struct_ref_seq_dif.pdbx_pdb_strand_id 
_struct_ref_seq_dif.seq_num 
_struct_ref_seq_dif.pdbx_pdb_ins_code 
_struct_ref_seq_dif.pdbx_seq_db_name 
_struct_ref_seq_dif.pdbx_seq_db_accession_code 
_struct_ref_seq_dif.db_mon_id 
_struct_ref_seq_dif.pdbx_seq_db_seq_num 
_struct_ref_seq_dif.details 
_struct_ref_seq_dif.pdbx_auth_seq_num 
_struct_ref_seq_dif.pdbx_ordinal 
1 6R8K GLY B 1  ? UNP D5L9G5 ?   ?   'expression tag'        184 1 
1 6R8K PRO B 2  ? UNP D5L9G5 ?   ?   'expression tag'        185 2 
1 6R8K GLU B 79 ? UNP D5L9G5 LYS 262 conflict                262 3 
2 6R8K MET C 1  ? UNP C4B8B8 ?   ?   'initiating methionine' 21  4 
# 
_pdbx_struct_assembly.id                   1 
_pdbx_struct_assembly.details              author_and_software_defined_assembly 
_pdbx_struct_assembly.method_details       PISA 
_pdbx_struct_assembly.oligomeric_details   dimeric 
_pdbx_struct_assembly.oligomeric_count     2 
# 
loop_
_pdbx_struct_assembly_prop.biol_id 
_pdbx_struct_assembly_prop.type 
_pdbx_struct_assembly_prop.value 
_pdbx_struct_assembly_prop.details 
1 'ABSA (A^2)' 1960 ? 
1 MORE         -4   ? 
1 'SSA (A^2)'  8430 ? 
# 
_pdbx_struct_assembly_gen.assembly_id       1 
_pdbx_struct_assembly_gen.oper_expression   1 
_pdbx_struct_assembly_gen.asym_id_list      A,B,C,D 
# 
_pdbx_struct_assembly_auth_evidence.id                     1 
_pdbx_struct_assembly_auth_evidence.assembly_id            1 
_pdbx_struct_assembly_auth_evidence.experimental_support   'surface plasmon resonance' 
_pdbx_struct_assembly_auth_evidence.details                ? 
# 
_pdbx_struct_oper_list.id                   1 
_pdbx_struct_oper_list.type                 'identity operation' 
_pdbx_struct_oper_list.name                 1_555 
_pdbx_struct_oper_list.symmetry_operation   x,y,z 
_pdbx_struct_oper_list.matrix[1][1]         1.0000000000 
_pdbx_struct_oper_list.matrix[1][2]         0.0000000000 
_pdbx_struct_oper_list.matrix[1][3]         0.0000000000 
_pdbx_struct_oper_list.vector[1]            0.0000000000 
_pdbx_struct_oper_list.matrix[2][1]         0.0000000000 
_pdbx_struct_oper_list.matrix[2][2]         1.0000000000 
_pdbx_struct_oper_list.matrix[2][3]         0.0000000000 
_pdbx_struct_oper_list.vector[2]            0.0000000000 
_pdbx_struct_oper_list.matrix[3][1]         0.0000000000 
_pdbx_struct_oper_list.matrix[3][2]         0.0000000000 
_pdbx_struct_oper_list.matrix[3][3]         1.0000000000 
_pdbx_struct_oper_list.vector[3]            0.0000000000 
# 
loop_
_struct_conf.conf_type_id 
_struct_conf.id 
_struct_conf.pdbx_PDB_helix_id 
_struct_conf.beg_label_comp_id 
_struct_conf.beg_label_asym_id 
_struct_conf.beg_label_seq_id 
_struct_conf.pdbx_beg_PDB_ins_code 
_struct_conf.end_label_comp_id 
_struct_conf.end_label_asym_id 
_struct_conf.end_label_seq_id 
_struct_conf.pdbx_end_PDB_ins_code 
_struct_conf.beg_auth_comp_id 
_struct_conf.beg_auth_asym_id 
_struct_conf.beg_auth_seq_id 
_struct_conf.end_auth_comp_id 
_struct_conf.end_auth_asym_id 
_struct_conf.end_auth_seq_id 
_struct_conf.pdbx_PDB_helix_class 
_struct_conf.details 
_struct_conf.pdbx_PDB_helix_length 
HELX_P HELX_P1 AA1 GLY A 16 ? SER A 29 ? GLY B 199 SER B 212 1 ? 14 
HELX_P HELX_P2 AA2 ASP A 54 ? VAL A 66 ? ASP B 237 VAL B 249 1 ? 13 
HELX_P HELX_P3 AA3 ASP B 14 ? GLU B 18 ? ASP C 34  GLU C 38  5 ? 5  
# 
_struct_conf_type.id          HELX_P 
_struct_conf_type.criteria    ? 
_struct_conf_type.reference   ? 
# 
_struct_conn.id                            disulf1 
_struct_conn.conn_type_id                  disulf 
_struct_conn.pdbx_leaving_atom_flag        ? 
_struct_conn.pdbx_PDB_id                   ? 
_struct_conn.ptnr1_label_asym_id           B 
_struct_conn.ptnr1_label_comp_id           CYS 
_struct_conn.ptnr1_label_seq_id            34 
_struct_conn.ptnr1_label_atom_id           SG 
_struct_conn.pdbx_ptnr1_label_alt_id       ? 
_struct_conn.pdbx_ptnr1_PDB_ins_code       ? 
_struct_conn.pdbx_ptnr1_standard_comp_id   ? 
_struct_conn.ptnr1_symmetry                1_555 
_struct_conn.ptnr2_label_asym_id           B 
_struct_conn.ptnr2_label_comp_id           CYS 
_struct_conn.ptnr2_label_seq_id            73 
_struct_conn.ptnr2_label_atom_id           SG 
_struct_conn.pdbx_ptnr2_label_alt_id       ? 
_struct_conn.pdbx_ptnr2_PDB_ins_code       ? 
_struct_conn.ptnr1_auth_asym_id            C 
_struct_conn.ptnr1_auth_comp_id            CYS 
_struct_conn.ptnr1_auth_seq_id             54 
_struct_conn.ptnr2_auth_asym_id            C 
_struct_conn.ptnr2_auth_comp_id            CYS 
_struct_conn.ptnr2_auth_seq_id             93 
_struct_conn.ptnr2_symmetry                1_555 
_struct_conn.pdbx_ptnr3_label_atom_id      ? 
_struct_conn.pdbx_ptnr3_label_seq_id       ? 
_struct_conn.pdbx_ptnr3_label_comp_id      ? 
_struct_conn.pdbx_ptnr3_label_asym_id      ? 
_struct_conn.pdbx_ptnr3_label_alt_id       ? 
_struct_conn.pdbx_ptnr3_PDB_ins_code       ? 
_struct_conn.details                       ? 
_struct_conn.pdbx_dist_value               2.051 
_struct_conn.pdbx_value_order              ? 
_struct_conn.pdbx_role                     ? 
# 
_struct_conn_type.id          disulf 
_struct_conn_type.criteria    ? 
_struct_conn_type.reference   ? 
# 
_pdbx_modification_feature.ordinal                            1 
_pdbx_modification_feature.label_comp_id                      CYS 
_pdbx_modification_feature.label_asym_id                      B 
_pdbx_modification_feature.label_seq_id                       34 
_pdbx_modification_feature.label_alt_id                       ? 
_pdbx_modification_feature.modified_residue_label_comp_id     CYS 
_pdbx_modification_feature.modified_residue_label_asym_id     B 
_pdbx_modification_feature.modified_residue_label_seq_id      73 
_pdbx_modification_feature.modified_residue_label_alt_id      ? 
_pdbx_modification_feature.auth_comp_id                       CYS 
_pdbx_modification_feature.auth_asym_id                       C 
_pdbx_modification_feature.auth_seq_id                        54 
_pdbx_modification_feature.PDB_ins_code                       ? 
_pdbx_modification_feature.symmetry                           1_555 
_pdbx_modification_feature.modified_residue_auth_comp_id      CYS 
_pdbx_modification_feature.modified_residue_auth_asym_id      C 
_pdbx_modification_feature.modified_residue_auth_seq_id       93 
_pdbx_modification_feature.modified_residue_PDB_ins_code      ? 
_pdbx_modification_feature.modified_residue_symmetry          1_555 
_pdbx_modification_feature.comp_id_linking_atom               SG 
_pdbx_modification_feature.modified_residue_id_linking_atom   SG 
_pdbx_modification_feature.modified_residue_id                . 
_pdbx_modification_feature.ref_pcm_id                         . 
_pdbx_modification_feature.ref_comp_id                        . 
_pdbx_modification_feature.type                               None 
_pdbx_modification_feature.category                           'Disulfide bridge' 
# 
loop_
_struct_sheet.id 
_struct_sheet.type 
_struct_sheet.number_strands 
_struct_sheet.details 
AA1 ? 7 ? 
AA2 ? 3 ? 
# 
loop_
_struct_sheet_order.sheet_id 
_struct_sheet_order.range_id_1 
_struct_sheet_order.range_id_2 
_struct_sheet_order.offset 
_struct_sheet_order.sense 
AA1 1 2 ? anti-parallel 
AA1 2 3 ? anti-parallel 
AA1 3 4 ? anti-parallel 
AA1 4 5 ? anti-parallel 
AA1 5 6 ? anti-parallel 
AA1 6 7 ? anti-parallel 
AA2 1 2 ? anti-parallel 
AA2 2 3 ? anti-parallel 
# 
loop_
_struct_sheet_range.sheet_id 
_struct_sheet_range.id 
_struct_sheet_range.beg_label_comp_id 
_struct_sheet_range.beg_label_asym_id 
_struct_sheet_range.beg_label_seq_id 
_struct_sheet_range.pdbx_beg_PDB_ins_code 
_struct_sheet_range.end_label_comp_id 
_struct_sheet_range.end_label_asym_id 
_struct_sheet_range.end_label_seq_id 
_struct_sheet_range.pdbx_end_PDB_ins_code 
_struct_sheet_range.beg_auth_comp_id 
_struct_sheet_range.beg_auth_asym_id 
_struct_sheet_range.beg_auth_seq_id 
_struct_sheet_range.end_auth_comp_id 
_struct_sheet_range.end_auth_asym_id 
_struct_sheet_range.end_auth_seq_id 
AA1 1 VAL A 33 ? VAL A 39 ? VAL B 216 VAL B 222 
AA1 2 LYS A 45 ? GLY A 50 ? LYS B 228 GLY B 233 
AA1 3 GLN A 6  ? VAL A 12 ? GLN B 189 VAL B 195 
AA1 4 ALA A 69 ? GLN A 76 ? ALA B 252 GLN B 259 
AA1 5 TRP B 54 ? VAL B 60 ? TRP C 74  VAL C 80  
AA1 6 ASN B 63 ? SER B 69 ? ASN C 83  SER C 89  
AA1 7 LEU B 75 ? SER B 76 ? LEU C 95  SER C 96  
AA2 1 VAL B 43 ? CYS B 50 ? VAL C 63  CYS C 70  
AA2 2 CYS B 34 ? LYS B 40 ? CYS C 54  LYS C 60  
AA2 3 TRP B 83 ? LYS B 89 ? TRP C 103 LYS C 109 
# 
loop_
_pdbx_struct_sheet_hbond.sheet_id 
_pdbx_struct_sheet_hbond.range_id_1 
_pdbx_struct_sheet_hbond.range_id_2 
_pdbx_struct_sheet_hbond.range_1_label_atom_id 
_pdbx_struct_sheet_hbond.range_1_label_comp_id 
_pdbx_struct_sheet_hbond.range_1_label_asym_id 
_pdbx_struct_sheet_hbond.range_1_label_seq_id 
_pdbx_struct_sheet_hbond.range_1_PDB_ins_code 
_pdbx_struct_sheet_hbond.range_1_auth_atom_id 
_pdbx_struct_sheet_hbond.range_1_auth_comp_id 
_pdbx_struct_sheet_hbond.range_1_auth_asym_id 
_pdbx_struct_sheet_hbond.range_1_auth_seq_id 
_pdbx_struct_sheet_hbond.range_2_label_atom_id 
_pdbx_struct_sheet_hbond.range_2_label_comp_id 
_pdbx_struct_sheet_hbond.range_2_label_asym_id 
_pdbx_struct_sheet_hbond.range_2_label_seq_id 
_pdbx_struct_sheet_hbond.range_2_PDB_ins_code 
_pdbx_struct_sheet_hbond.range_2_auth_atom_id 
_pdbx_struct_sheet_hbond.range_2_auth_comp_id 
_pdbx_struct_sheet_hbond.range_2_auth_asym_id 
_pdbx_struct_sheet_hbond.range_2_auth_seq_id 
AA1 1 2 N ASP A 34 ? N ASP B 217 O VAL A 49 ? O VAL B 232 
AA1 2 3 O ILE A 46 ? O ILE B 229 N ILE A 10 ? N ILE B 193 
AA1 3 4 N VAL A 9  ? N VAL B 192 O LEU A 72 ? O LEU B 255 
AA1 4 5 N LEU A 72 ? N LEU B 255 O LYS B 59 ? O LYS C 79  
AA1 5 6 N MET B 56 ? N MET C 76  O ILE B 67 ? O ILE C 87  
AA1 6 7 N LYS B 68 ? N LYS C 88  O SER B 76 ? O SER C 96  
AA2 1 2 O GLN B 45 ? O GLN C 65  N MET B 38 ? N MET C 58  
AA2 2 3 N PHE B 39 ? N PHE C 59  O ILE B 84 ? O ILE C 104 
# 
_pdbx_entry_details.entry_id                   6R8K 
_pdbx_entry_details.compound_details           ? 
_pdbx_entry_details.source_details             ? 
_pdbx_entry_details.nonpolymer_details         ? 
_pdbx_entry_details.sequence_details           ? 
_pdbx_entry_details.has_ligand_of_interest     ? 
_pdbx_entry_details.has_protein_modification   Y 
# 
_pdbx_validate_close_contact.id               1 
_pdbx_validate_close_contact.PDB_model_num    1 
_pdbx_validate_close_contact.auth_atom_id_1   O 
_pdbx_validate_close_contact.auth_asym_id_1   C 
_pdbx_validate_close_contact.auth_comp_id_1   HOH 
_pdbx_validate_close_contact.auth_seq_id_1    207 
_pdbx_validate_close_contact.PDB_ins_code_1   ? 
_pdbx_validate_close_contact.label_alt_id_1   ? 
_pdbx_validate_close_contact.auth_atom_id_2   O 
_pdbx_validate_close_contact.auth_asym_id_2   C 
_pdbx_validate_close_contact.auth_comp_id_2   HOH 
_pdbx_validate_close_contact.auth_seq_id_2    232 
_pdbx_validate_close_contact.PDB_ins_code_2   ? 
_pdbx_validate_close_contact.label_alt_id_2   ? 
_pdbx_validate_close_contact.dist             1.97 
# 
loop_
_pdbx_validate_torsion.id 
_pdbx_validate_torsion.PDB_model_num 
_pdbx_validate_torsion.auth_comp_id 
_pdbx_validate_torsion.auth_asym_id 
_pdbx_validate_torsion.auth_seq_id 
_pdbx_validate_torsion.PDB_ins_code 
_pdbx_validate_torsion.label_alt_id 
_pdbx_validate_torsion.phi 
_pdbx_validate_torsion.psi 
1 1 ALA B 196 ? ? -58.13  105.01 
2 1 VAL B 249 ? ? -120.17 -61.13 
# 
loop_
_pdbx_unobs_or_zero_occ_residues.id 
_pdbx_unobs_or_zero_occ_residues.PDB_model_num 
_pdbx_unobs_or_zero_occ_residues.polymer_flag 
_pdbx_unobs_or_zero_occ_residues.occupancy_flag 
_pdbx_unobs_or_zero_occ_residues.auth_asym_id 
_pdbx_unobs_or_zero_occ_residues.auth_comp_id 
_pdbx_unobs_or_zero_occ_residues.auth_seq_id 
_pdbx_unobs_or_zero_occ_residues.PDB_ins_code 
_pdbx_unobs_or_zero_occ_residues.label_asym_id 
_pdbx_unobs_or_zero_occ_residues.label_comp_id 
_pdbx_unobs_or_zero_occ_residues.label_seq_id 
1  1 Y 1 B GLY 184 ? A GLY 1  
2  1 Y 1 B PRO 185 ? A PRO 2  
3  1 Y 1 B GLY 186 ? A GLY 3  
4  1 Y 1 C MET 21  ? B MET 1  
5  1 Y 1 C GLU 22  ? B GLU 2  
6  1 Y 1 C THR 23  ? B THR 3  
7  1 Y 1 C GLY 24  ? B GLY 4  
8  1 Y 1 C ASN 25  ? B ASN 5  
9  1 Y 1 C LYS 26  ? B LYS 6  
10 1 Y 1 C TYR 27  ? B TYR 7  
11 1 Y 1 C ILE 28  ? B ILE 8  
12 1 Y 1 C GLU 29  ? B GLU 9  
13 1 Y 1 C LYS 30  ? B LYS 10 
# 
loop_
_chem_comp_atom.comp_id 
_chem_comp_atom.atom_id 
_chem_comp_atom.type_symbol 
_chem_comp_atom.pdbx_aromatic_flag 
_chem_comp_atom.pdbx_stereo_config 
_chem_comp_atom.pdbx_ordinal 
ALA N    N N N 1   
ALA CA   C N S 2   
ALA C    C N N 3   
ALA O    O N N 4   
ALA CB   C N N 5   
ALA OXT  O N N 6   
ALA H    H N N 7   
ALA H2   H N N 8   
ALA HA   H N N 9   
ALA HB1  H N N 10  
ALA HB2  H N N 11  
ALA HB3  H N N 12  
ALA HXT  H N N 13  
ARG N    N N N 14  
ARG CA   C N S 15  
ARG C    C N N 16  
ARG O    O N N 17  
ARG CB   C N N 18  
ARG CG   C N N 19  
ARG CD   C N N 20  
ARG NE   N N N 21  
ARG CZ   C N N 22  
ARG NH1  N N N 23  
ARG NH2  N N N 24  
ARG OXT  O N N 25  
ARG H    H N N 26  
ARG H2   H N N 27  
ARG HA   H N N 28  
ARG HB2  H N N 29  
ARG HB3  H N N 30  
ARG HG2  H N N 31  
ARG HG3  H N N 32  
ARG HD2  H N N 33  
ARG HD3  H N N 34  
ARG HE   H N N 35  
ARG HH11 H N N 36  
ARG HH12 H N N 37  
ARG HH21 H N N 38  
ARG HH22 H N N 39  
ARG HXT  H N N 40  
ASN N    N N N 41  
ASN CA   C N S 42  
ASN C    C N N 43  
ASN O    O N N 44  
ASN CB   C N N 45  
ASN CG   C N N 46  
ASN OD1  O N N 47  
ASN ND2  N N N 48  
ASN OXT  O N N 49  
ASN H    H N N 50  
ASN H2   H N N 51  
ASN HA   H N N 52  
ASN HB2  H N N 53  
ASN HB3  H N N 54  
ASN HD21 H N N 55  
ASN HD22 H N N 56  
ASN HXT  H N N 57  
ASP N    N N N 58  
ASP CA   C N S 59  
ASP C    C N N 60  
ASP O    O N N 61  
ASP CB   C N N 62  
ASP CG   C N N 63  
ASP OD1  O N N 64  
ASP OD2  O N N 65  
ASP OXT  O N N 66  
ASP H    H N N 67  
ASP H2   H N N 68  
ASP HA   H N N 69  
ASP HB2  H N N 70  
ASP HB3  H N N 71  
ASP HD2  H N N 72  
ASP HXT  H N N 73  
CYS N    N N N 74  
CYS CA   C N R 75  
CYS C    C N N 76  
CYS O    O N N 77  
CYS CB   C N N 78  
CYS SG   S N N 79  
CYS OXT  O N N 80  
CYS H    H N N 81  
CYS H2   H N N 82  
CYS HA   H N N 83  
CYS HB2  H N N 84  
CYS HB3  H N N 85  
CYS HG   H N N 86  
CYS HXT  H N N 87  
GLN N    N N N 88  
GLN CA   C N S 89  
GLN C    C N N 90  
GLN O    O N N 91  
GLN CB   C N N 92  
GLN CG   C N N 93  
GLN CD   C N N 94  
GLN OE1  O N N 95  
GLN NE2  N N N 96  
GLN OXT  O N N 97  
GLN H    H N N 98  
GLN H2   H N N 99  
GLN HA   H N N 100 
GLN HB2  H N N 101 
GLN HB3  H N N 102 
GLN HG2  H N N 103 
GLN HG3  H N N 104 
GLN HE21 H N N 105 
GLN HE22 H N N 106 
GLN HXT  H N N 107 
GLU N    N N N 108 
GLU CA   C N S 109 
GLU C    C N N 110 
GLU O    O N N 111 
GLU CB   C N N 112 
GLU CG   C N N 113 
GLU CD   C N N 114 
GLU OE1  O N N 115 
GLU OE2  O N N 116 
GLU OXT  O N N 117 
GLU H    H N N 118 
GLU H2   H N N 119 
GLU HA   H N N 120 
GLU HB2  H N N 121 
GLU HB3  H N N 122 
GLU HG2  H N N 123 
GLU HG3  H N N 124 
GLU HE2  H N N 125 
GLU HXT  H N N 126 
GLY N    N N N 127 
GLY CA   C N N 128 
GLY C    C N N 129 
GLY O    O N N 130 
GLY OXT  O N N 131 
GLY H    H N N 132 
GLY H2   H N N 133 
GLY HA2  H N N 134 
GLY HA3  H N N 135 
GLY HXT  H N N 136 
HIS N    N N N 137 
HIS CA   C N S 138 
HIS C    C N N 139 
HIS O    O N N 140 
HIS CB   C N N 141 
HIS CG   C Y N 142 
HIS ND1  N Y N 143 
HIS CD2  C Y N 144 
HIS CE1  C Y N 145 
HIS NE2  N Y N 146 
HIS OXT  O N N 147 
HIS H    H N N 148 
HIS H2   H N N 149 
HIS HA   H N N 150 
HIS HB2  H N N 151 
HIS HB3  H N N 152 
HIS HD1  H N N 153 
HIS HD2  H N N 154 
HIS HE1  H N N 155 
HIS HE2  H N N 156 
HIS HXT  H N N 157 
HOH O    O N N 158 
HOH H1   H N N 159 
HOH H2   H N N 160 
ILE N    N N N 161 
ILE CA   C N S 162 
ILE C    C N N 163 
ILE O    O N N 164 
ILE CB   C N S 165 
ILE CG1  C N N 166 
ILE CG2  C N N 167 
ILE CD1  C N N 168 
ILE OXT  O N N 169 
ILE H    H N N 170 
ILE H2   H N N 171 
ILE HA   H N N 172 
ILE HB   H N N 173 
ILE HG12 H N N 174 
ILE HG13 H N N 175 
ILE HG21 H N N 176 
ILE HG22 H N N 177 
ILE HG23 H N N 178 
ILE HD11 H N N 179 
ILE HD12 H N N 180 
ILE HD13 H N N 181 
ILE HXT  H N N 182 
LEU N    N N N 183 
LEU CA   C N S 184 
LEU C    C N N 185 
LEU O    O N N 186 
LEU CB   C N N 187 
LEU CG   C N N 188 
LEU CD1  C N N 189 
LEU CD2  C N N 190 
LEU OXT  O N N 191 
LEU H    H N N 192 
LEU H2   H N N 193 
LEU HA   H N N 194 
LEU HB2  H N N 195 
LEU HB3  H N N 196 
LEU HG   H N N 197 
LEU HD11 H N N 198 
LEU HD12 H N N 199 
LEU HD13 H N N 200 
LEU HD21 H N N 201 
LEU HD22 H N N 202 
LEU HD23 H N N 203 
LEU HXT  H N N 204 
LYS N    N N N 205 
LYS CA   C N S 206 
LYS C    C N N 207 
LYS O    O N N 208 
LYS CB   C N N 209 
LYS CG   C N N 210 
LYS CD   C N N 211 
LYS CE   C N N 212 
LYS NZ   N N N 213 
LYS OXT  O N N 214 
LYS H    H N N 215 
LYS H2   H N N 216 
LYS HA   H N N 217 
LYS HB2  H N N 218 
LYS HB3  H N N 219 
LYS HG2  H N N 220 
LYS HG3  H N N 221 
LYS HD2  H N N 222 
LYS HD3  H N N 223 
LYS HE2  H N N 224 
LYS HE3  H N N 225 
LYS HZ1  H N N 226 
LYS HZ2  H N N 227 
LYS HZ3  H N N 228 
LYS HXT  H N N 229 
MET N    N N N 230 
MET CA   C N S 231 
MET C    C N N 232 
MET O    O N N 233 
MET CB   C N N 234 
MET CG   C N N 235 
MET SD   S N N 236 
MET CE   C N N 237 
MET OXT  O N N 238 
MET H    H N N 239 
MET H2   H N N 240 
MET HA   H N N 241 
MET HB2  H N N 242 
MET HB3  H N N 243 
MET HG2  H N N 244 
MET HG3  H N N 245 
MET HE1  H N N 246 
MET HE2  H N N 247 
MET HE3  H N N 248 
MET HXT  H N N 249 
PHE N    N N N 250 
PHE CA   C N S 251 
PHE C    C N N 252 
PHE O    O N N 253 
PHE CB   C N N 254 
PHE CG   C Y N 255 
PHE CD1  C Y N 256 
PHE CD2  C Y N 257 
PHE CE1  C Y N 258 
PHE CE2  C Y N 259 
PHE CZ   C Y N 260 
PHE OXT  O N N 261 
PHE H    H N N 262 
PHE H2   H N N 263 
PHE HA   H N N 264 
PHE HB2  H N N 265 
PHE HB3  H N N 266 
PHE HD1  H N N 267 
PHE HD2  H N N 268 
PHE HE1  H N N 269 
PHE HE2  H N N 270 
PHE HZ   H N N 271 
PHE HXT  H N N 272 
PRO N    N N N 273 
PRO CA   C N S 274 
PRO C    C N N 275 
PRO O    O N N 276 
PRO CB   C N N 277 
PRO CG   C N N 278 
PRO CD   C N N 279 
PRO OXT  O N N 280 
PRO H    H N N 281 
PRO HA   H N N 282 
PRO HB2  H N N 283 
PRO HB3  H N N 284 
PRO HG2  H N N 285 
PRO HG3  H N N 286 
PRO HD2  H N N 287 
PRO HD3  H N N 288 
PRO HXT  H N N 289 
SER N    N N N 290 
SER CA   C N S 291 
SER C    C N N 292 
SER O    O N N 293 
SER CB   C N N 294 
SER OG   O N N 295 
SER OXT  O N N 296 
SER H    H N N 297 
SER H2   H N N 298 
SER HA   H N N 299 
SER HB2  H N N 300 
SER HB3  H N N 301 
SER HG   H N N 302 
SER HXT  H N N 303 
THR N    N N N 304 
THR CA   C N S 305 
THR C    C N N 306 
THR O    O N N 307 
THR CB   C N R 308 
THR OG1  O N N 309 
THR CG2  C N N 310 
THR OXT  O N N 311 
THR H    H N N 312 
THR H2   H N N 313 
THR HA   H N N 314 
THR HB   H N N 315 
THR HG1  H N N 316 
THR HG21 H N N 317 
THR HG22 H N N 318 
THR HG23 H N N 319 
THR HXT  H N N 320 
TRP N    N N N 321 
TRP CA   C N S 322 
TRP C    C N N 323 
TRP O    O N N 324 
TRP CB   C N N 325 
TRP CG   C Y N 326 
TRP CD1  C Y N 327 
TRP CD2  C Y N 328 
TRP NE1  N Y N 329 
TRP CE2  C Y N 330 
TRP CE3  C Y N 331 
TRP CZ2  C Y N 332 
TRP CZ3  C Y N 333 
TRP CH2  C Y N 334 
TRP OXT  O N N 335 
TRP H    H N N 336 
TRP H2   H N N 337 
TRP HA   H N N 338 
TRP HB2  H N N 339 
TRP HB3  H N N 340 
TRP HD1  H N N 341 
TRP HE1  H N N 342 
TRP HE3  H N N 343 
TRP HZ2  H N N 344 
TRP HZ3  H N N 345 
TRP HH2  H N N 346 
TRP HXT  H N N 347 
TYR N    N N N 348 
TYR CA   C N S 349 
TYR C    C N N 350 
TYR O    O N N 351 
TYR CB   C N N 352 
TYR CG   C Y N 353 
TYR CD1  C Y N 354 
TYR CD2  C Y N 355 
TYR CE1  C Y N 356 
TYR CE2  C Y N 357 
TYR CZ   C Y N 358 
TYR OH   O N N 359 
TYR OXT  O N N 360 
TYR H    H N N 361 
TYR H2   H N N 362 
TYR HA   H N N 363 
TYR HB2  H N N 364 
TYR HB3  H N N 365 
TYR HD1  H N N 366 
TYR HD2  H N N 367 
TYR HE1  H N N 368 
TYR HE2  H N N 369 
TYR HH   H N N 370 
TYR HXT  H N N 371 
VAL N    N N N 372 
VAL CA   C N S 373 
VAL C    C N N 374 
VAL O    O N N 375 
VAL CB   C N N 376 
VAL CG1  C N N 377 
VAL CG2  C N N 378 
VAL OXT  O N N 379 
VAL H    H N N 380 
VAL H2   H N N 381 
VAL HA   H N N 382 
VAL HB   H N N 383 
VAL HG11 H N N 384 
VAL HG12 H N N 385 
VAL HG13 H N N 386 
VAL HG21 H N N 387 
VAL HG22 H N N 388 
VAL HG23 H N N 389 
VAL HXT  H N N 390 
# 
loop_
_chem_comp_bond.comp_id 
_chem_comp_bond.atom_id_1 
_chem_comp_bond.atom_id_2 
_chem_comp_bond.value_order 
_chem_comp_bond.pdbx_aromatic_flag 
_chem_comp_bond.pdbx_stereo_config 
_chem_comp_bond.pdbx_ordinal 
ALA N   CA   sing N N 1   
ALA N   H    sing N N 2   
ALA N   H2   sing N N 3   
ALA CA  C    sing N N 4   
ALA CA  CB   sing N N 5   
ALA CA  HA   sing N N 6   
ALA C   O    doub N N 7   
ALA C   OXT  sing N N 8   
ALA CB  HB1  sing N N 9   
ALA CB  HB2  sing N N 10  
ALA CB  HB3  sing N N 11  
ALA OXT HXT  sing N N 12  
ARG N   CA   sing N N 13  
ARG N   H    sing N N 14  
ARG N   H2   sing N N 15  
ARG CA  C    sing N N 16  
ARG CA  CB   sing N N 17  
ARG CA  HA   sing N N 18  
ARG C   O    doub N N 19  
ARG C   OXT  sing N N 20  
ARG CB  CG   sing N N 21  
ARG CB  HB2  sing N N 22  
ARG CB  HB3  sing N N 23  
ARG CG  CD   sing N N 24  
ARG CG  HG2  sing N N 25  
ARG CG  HG3  sing N N 26  
ARG CD  NE   sing N N 27  
ARG CD  HD2  sing N N 28  
ARG CD  HD3  sing N N 29  
ARG NE  CZ   sing N N 30  
ARG NE  HE   sing N N 31  
ARG CZ  NH1  sing N N 32  
ARG CZ  NH2  doub N N 33  
ARG NH1 HH11 sing N N 34  
ARG NH1 HH12 sing N N 35  
ARG NH2 HH21 sing N N 36  
ARG NH2 HH22 sing N N 37  
ARG OXT HXT  sing N N 38  
ASN N   CA   sing N N 39  
ASN N   H    sing N N 40  
ASN N   H2   sing N N 41  
ASN CA  C    sing N N 42  
ASN CA  CB   sing N N 43  
ASN CA  HA   sing N N 44  
ASN C   O    doub N N 45  
ASN C   OXT  sing N N 46  
ASN CB  CG   sing N N 47  
ASN CB  HB2  sing N N 48  
ASN CB  HB3  sing N N 49  
ASN CG  OD1  doub N N 50  
ASN CG  ND2  sing N N 51  
ASN ND2 HD21 sing N N 52  
ASN ND2 HD22 sing N N 53  
ASN OXT HXT  sing N N 54  
ASP N   CA   sing N N 55  
ASP N   H    sing N N 56  
ASP N   H2   sing N N 57  
ASP CA  C    sing N N 58  
ASP CA  CB   sing N N 59  
ASP CA  HA   sing N N 60  
ASP C   O    doub N N 61  
ASP C   OXT  sing N N 62  
ASP CB  CG   sing N N 63  
ASP CB  HB2  sing N N 64  
ASP CB  HB3  sing N N 65  
ASP CG  OD1  doub N N 66  
ASP CG  OD2  sing N N 67  
ASP OD2 HD2  sing N N 68  
ASP OXT HXT  sing N N 69  
CYS N   CA   sing N N 70  
CYS N   H    sing N N 71  
CYS N   H2   sing N N 72  
CYS CA  C    sing N N 73  
CYS CA  CB   sing N N 74  
CYS CA  HA   sing N N 75  
CYS C   O    doub N N 76  
CYS C   OXT  sing N N 77  
CYS CB  SG   sing N N 78  
CYS CB  HB2  sing N N 79  
CYS CB  HB3  sing N N 80  
CYS SG  HG   sing N N 81  
CYS OXT HXT  sing N N 82  
GLN N   CA   sing N N 83  
GLN N   H    sing N N 84  
GLN N   H2   sing N N 85  
GLN CA  C    sing N N 86  
GLN CA  CB   sing N N 87  
GLN CA  HA   sing N N 88  
GLN C   O    doub N N 89  
GLN C   OXT  sing N N 90  
GLN CB  CG   sing N N 91  
GLN CB  HB2  sing N N 92  
GLN CB  HB3  sing N N 93  
GLN CG  CD   sing N N 94  
GLN CG  HG2  sing N N 95  
GLN CG  HG3  sing N N 96  
GLN CD  OE1  doub N N 97  
GLN CD  NE2  sing N N 98  
GLN NE2 HE21 sing N N 99  
GLN NE2 HE22 sing N N 100 
GLN OXT HXT  sing N N 101 
GLU N   CA   sing N N 102 
GLU N   H    sing N N 103 
GLU N   H2   sing N N 104 
GLU CA  C    sing N N 105 
GLU CA  CB   sing N N 106 
GLU CA  HA   sing N N 107 
GLU C   O    doub N N 108 
GLU C   OXT  sing N N 109 
GLU CB  CG   sing N N 110 
GLU CB  HB2  sing N N 111 
GLU CB  HB3  sing N N 112 
GLU CG  CD   sing N N 113 
GLU CG  HG2  sing N N 114 
GLU CG  HG3  sing N N 115 
GLU CD  OE1  doub N N 116 
GLU CD  OE2  sing N N 117 
GLU OE2 HE2  sing N N 118 
GLU OXT HXT  sing N N 119 
GLY N   CA   sing N N 120 
GLY N   H    sing N N 121 
GLY N   H2   sing N N 122 
GLY CA  C    sing N N 123 
GLY CA  HA2  sing N N 124 
GLY CA  HA3  sing N N 125 
GLY C   O    doub N N 126 
GLY C   OXT  sing N N 127 
GLY OXT HXT  sing N N 128 
HIS N   CA   sing N N 129 
HIS N   H    sing N N 130 
HIS N   H2   sing N N 131 
HIS CA  C    sing N N 132 
HIS CA  CB   sing N N 133 
HIS CA  HA   sing N N 134 
HIS C   O    doub N N 135 
HIS C   OXT  sing N N 136 
HIS CB  CG   sing N N 137 
HIS CB  HB2  sing N N 138 
HIS CB  HB3  sing N N 139 
HIS CG  ND1  sing Y N 140 
HIS CG  CD2  doub Y N 141 
HIS ND1 CE1  doub Y N 142 
HIS ND1 HD1  sing N N 143 
HIS CD2 NE2  sing Y N 144 
HIS CD2 HD2  sing N N 145 
HIS CE1 NE2  sing Y N 146 
HIS CE1 HE1  sing N N 147 
HIS NE2 HE2  sing N N 148 
HIS OXT HXT  sing N N 149 
HOH O   H1   sing N N 150 
HOH O   H2   sing N N 151 
ILE N   CA   sing N N 152 
ILE N   H    sing N N 153 
ILE N   H2   sing N N 154 
ILE CA  C    sing N N 155 
ILE CA  CB   sing N N 156 
ILE CA  HA   sing N N 157 
ILE C   O    doub N N 158 
ILE C   OXT  sing N N 159 
ILE CB  CG1  sing N N 160 
ILE CB  CG2  sing N N 161 
ILE CB  HB   sing N N 162 
ILE CG1 CD1  sing N N 163 
ILE CG1 HG12 sing N N 164 
ILE CG1 HG13 sing N N 165 
ILE CG2 HG21 sing N N 166 
ILE CG2 HG22 sing N N 167 
ILE CG2 HG23 sing N N 168 
ILE CD1 HD11 sing N N 169 
ILE CD1 HD12 sing N N 170 
ILE CD1 HD13 sing N N 171 
ILE OXT HXT  sing N N 172 
LEU N   CA   sing N N 173 
LEU N   H    sing N N 174 
LEU N   H2   sing N N 175 
LEU CA  C    sing N N 176 
LEU CA  CB   sing N N 177 
LEU CA  HA   sing N N 178 
LEU C   O    doub N N 179 
LEU C   OXT  sing N N 180 
LEU CB  CG   sing N N 181 
LEU CB  HB2  sing N N 182 
LEU CB  HB3  sing N N 183 
LEU CG  CD1  sing N N 184 
LEU CG  CD2  sing N N 185 
LEU CG  HG   sing N N 186 
LEU CD1 HD11 sing N N 187 
LEU CD1 HD12 sing N N 188 
LEU CD1 HD13 sing N N 189 
LEU CD2 HD21 sing N N 190 
LEU CD2 HD22 sing N N 191 
LEU CD2 HD23 sing N N 192 
LEU OXT HXT  sing N N 193 
LYS N   CA   sing N N 194 
LYS N   H    sing N N 195 
LYS N   H2   sing N N 196 
LYS CA  C    sing N N 197 
LYS CA  CB   sing N N 198 
LYS CA  HA   sing N N 199 
LYS C   O    doub N N 200 
LYS C   OXT  sing N N 201 
LYS CB  CG   sing N N 202 
LYS CB  HB2  sing N N 203 
LYS CB  HB3  sing N N 204 
LYS CG  CD   sing N N 205 
LYS CG  HG2  sing N N 206 
LYS CG  HG3  sing N N 207 
LYS CD  CE   sing N N 208 
LYS CD  HD2  sing N N 209 
LYS CD  HD3  sing N N 210 
LYS CE  NZ   sing N N 211 
LYS CE  HE2  sing N N 212 
LYS CE  HE3  sing N N 213 
LYS NZ  HZ1  sing N N 214 
LYS NZ  HZ2  sing N N 215 
LYS NZ  HZ3  sing N N 216 
LYS OXT HXT  sing N N 217 
MET N   CA   sing N N 218 
MET N   H    sing N N 219 
MET N   H2   sing N N 220 
MET CA  C    sing N N 221 
MET CA  CB   sing N N 222 
MET CA  HA   sing N N 223 
MET C   O    doub N N 224 
MET C   OXT  sing N N 225 
MET CB  CG   sing N N 226 
MET CB  HB2  sing N N 227 
MET CB  HB3  sing N N 228 
MET CG  SD   sing N N 229 
MET CG  HG2  sing N N 230 
MET CG  HG3  sing N N 231 
MET SD  CE   sing N N 232 
MET CE  HE1  sing N N 233 
MET CE  HE2  sing N N 234 
MET CE  HE3  sing N N 235 
MET OXT HXT  sing N N 236 
PHE N   CA   sing N N 237 
PHE N   H    sing N N 238 
PHE N   H2   sing N N 239 
PHE CA  C    sing N N 240 
PHE CA  CB   sing N N 241 
PHE CA  HA   sing N N 242 
PHE C   O    doub N N 243 
PHE C   OXT  sing N N 244 
PHE CB  CG   sing N N 245 
PHE CB  HB2  sing N N 246 
PHE CB  HB3  sing N N 247 
PHE CG  CD1  doub Y N 248 
PHE CG  CD2  sing Y N 249 
PHE CD1 CE1  sing Y N 250 
PHE CD1 HD1  sing N N 251 
PHE CD2 CE2  doub Y N 252 
PHE CD2 HD2  sing N N 253 
PHE CE1 CZ   doub Y N 254 
PHE CE1 HE1  sing N N 255 
PHE CE2 CZ   sing Y N 256 
PHE CE2 HE2  sing N N 257 
PHE CZ  HZ   sing N N 258 
PHE OXT HXT  sing N N 259 
PRO N   CA   sing N N 260 
PRO N   CD   sing N N 261 
PRO N   H    sing N N 262 
PRO CA  C    sing N N 263 
PRO CA  CB   sing N N 264 
PRO CA  HA   sing N N 265 
PRO C   O    doub N N 266 
PRO C   OXT  sing N N 267 
PRO CB  CG   sing N N 268 
PRO CB  HB2  sing N N 269 
PRO CB  HB3  sing N N 270 
PRO CG  CD   sing N N 271 
PRO CG  HG2  sing N N 272 
PRO CG  HG3  sing N N 273 
PRO CD  HD2  sing N N 274 
PRO CD  HD3  sing N N 275 
PRO OXT HXT  sing N N 276 
SER N   CA   sing N N 277 
SER N   H    sing N N 278 
SER N   H2   sing N N 279 
SER CA  C    sing N N 280 
SER CA  CB   sing N N 281 
SER CA  HA   sing N N 282 
SER C   O    doub N N 283 
SER C   OXT  sing N N 284 
SER CB  OG   sing N N 285 
SER CB  HB2  sing N N 286 
SER CB  HB3  sing N N 287 
SER OG  HG   sing N N 288 
SER OXT HXT  sing N N 289 
THR N   CA   sing N N 290 
THR N   H    sing N N 291 
THR N   H2   sing N N 292 
THR CA  C    sing N N 293 
THR CA  CB   sing N N 294 
THR CA  HA   sing N N 295 
THR C   O    doub N N 296 
THR C   OXT  sing N N 297 
THR CB  OG1  sing N N 298 
THR CB  CG2  sing N N 299 
THR CB  HB   sing N N 300 
THR OG1 HG1  sing N N 301 
THR CG2 HG21 sing N N 302 
THR CG2 HG22 sing N N 303 
THR CG2 HG23 sing N N 304 
THR OXT HXT  sing N N 305 
TRP N   CA   sing N N 306 
TRP N   H    sing N N 307 
TRP N   H2   sing N N 308 
TRP CA  C    sing N N 309 
TRP CA  CB   sing N N 310 
TRP CA  HA   sing N N 311 
TRP C   O    doub N N 312 
TRP C   OXT  sing N N 313 
TRP CB  CG   sing N N 314 
TRP CB  HB2  sing N N 315 
TRP CB  HB3  sing N N 316 
TRP CG  CD1  doub Y N 317 
TRP CG  CD2  sing Y N 318 
TRP CD1 NE1  sing Y N 319 
TRP CD1 HD1  sing N N 320 
TRP CD2 CE2  doub Y N 321 
TRP CD2 CE3  sing Y N 322 
TRP NE1 CE2  sing Y N 323 
TRP NE1 HE1  sing N N 324 
TRP CE2 CZ2  sing Y N 325 
TRP CE3 CZ3  doub Y N 326 
TRP CE3 HE3  sing N N 327 
TRP CZ2 CH2  doub Y N 328 
TRP CZ2 HZ2  sing N N 329 
TRP CZ3 CH2  sing Y N 330 
TRP CZ3 HZ3  sing N N 331 
TRP CH2 HH2  sing N N 332 
TRP OXT HXT  sing N N 333 
TYR N   CA   sing N N 334 
TYR N   H    sing N N 335 
TYR N   H2   sing N N 336 
TYR CA  C    sing N N 337 
TYR CA  CB   sing N N 338 
TYR CA  HA   sing N N 339 
TYR C   O    doub N N 340 
TYR C   OXT  sing N N 341 
TYR CB  CG   sing N N 342 
TYR CB  HB2  sing N N 343 
TYR CB  HB3  sing N N 344 
TYR CG  CD1  doub Y N 345 
TYR CG  CD2  sing Y N 346 
TYR CD1 CE1  sing Y N 347 
TYR CD1 HD1  sing N N 348 
TYR CD2 CE2  doub Y N 349 
TYR CD2 HD2  sing N N 350 
TYR CE1 CZ   doub Y N 351 
TYR CE1 HE1  sing N N 352 
TYR CE2 CZ   sing Y N 353 
TYR CE2 HE2  sing N N 354 
TYR CZ  OH   sing N N 355 
TYR OH  HH   sing N N 356 
TYR OXT HXT  sing N N 357 
VAL N   CA   sing N N 358 
VAL N   H    sing N N 359 
VAL N   H2   sing N N 360 
VAL CA  C    sing N N 361 
VAL CA  CB   sing N N 362 
VAL CA  HA   sing N N 363 
VAL C   O    doub N N 364 
VAL C   OXT  sing N N 365 
VAL CB  CG1  sing N N 366 
VAL CB  CG2  sing N N 367 
VAL CB  HB   sing N N 368 
VAL CG1 HG11 sing N N 369 
VAL CG1 HG12 sing N N 370 
VAL CG1 HG13 sing N N 371 
VAL CG2 HG21 sing N N 372 
VAL CG2 HG22 sing N N 373 
VAL CG2 HG23 sing N N 374 
VAL OXT HXT  sing N N 375 
# 
loop_
_pdbx_audit_support.funding_organization 
_pdbx_audit_support.country 
_pdbx_audit_support.grant_number 
_pdbx_audit_support.ordinal 
'Biotechnology and Biological Sciences Research Council' 'United Kingdom' BB/J004553         1 
'Biotechnology and Biological Sciences Research Council' 'United Kingdom' BB/P012574         2 
'Biotechnology and Biological Sciences Research Council' 'United Kingdom' BB/M02198X         3 
'European Research Council'                              'United Kingdom' 743165             4 
'Japan Society for the Promotion of Science'             Japan            'KAKENHI 15H05779' 5 
# 
_pdbx_initial_refinement_model.id               1 
_pdbx_initial_refinement_model.entity_id_list   ? 
_pdbx_initial_refinement_model.type             'experimental model' 
_pdbx_initial_refinement_model.source_name      PDB 
_pdbx_initial_refinement_model.accession_code   6G10 
_pdbx_initial_refinement_model.details          ? 
# 
_atom_sites.entry_id                    6R8K 
_atom_sites.fract_transf_matrix[1][1]   -0.03305912 
_atom_sites.fract_transf_matrix[1][2]   -0.00456818 
_atom_sites.fract_transf_matrix[1][3]   -0.00361069 
_atom_sites.fract_transf_matrix[2][1]   0.00174560 
_atom_sites.fract_transf_matrix[2][2]   -0.01492742 
_atom_sites.fract_transf_matrix[2][3]   0.00290332 
_atom_sites.fract_transf_matrix[3][1]   -0.00172300 
_atom_sites.fract_transf_matrix[3][2]   0.00230067 
_atom_sites.fract_transf_matrix[3][3]   0.01286481 
_atom_sites.fract_transf_vector[1]      0.360078 
_atom_sites.fract_transf_vector[2]      0.148971 
_atom_sites.fract_transf_vector[3]      0.233138 
# 
loop_
_atom_type.symbol 
C 
N 
O 
S 
# 
loop_
_atom_site.group_PDB 
_atom_site.id 
_atom_site.type_symbol 
_atom_site.label_atom_id 
_atom_site.label_alt_id 
_atom_site.label_comp_id 
_atom_site.label_asym_id 
_atom_site.label_entity_id 
_atom_site.label_seq_id 
_atom_site.pdbx_PDB_ins_code 
_atom_site.Cartn_x 
_atom_site.Cartn_y 
_atom_site.Cartn_z 
_atom_site.occupancy 
_atom_site.B_iso_or_equiv 
_atom_site.pdbx_formal_charge 
_atom_site.auth_seq_id 
_atom_site.auth_comp_id 
_atom_site.auth_asym_id 
_atom_site.auth_atom_id 
_atom_site.pdbx_PDB_model_num 
ATOM   1    N N   . LEU A 1 4  ? 3.169   17.483  -4.058  1.00 47.15 ? 187 LEU B N   1 
ATOM   2    C CA  . LEU A 1 4  ? 1.930   16.670  -3.970  1.00 42.21 ? 187 LEU B CA  1 
ATOM   3    C C   . LEU A 1 4  ? 1.745   16.124  -2.540  1.00 39.07 ? 187 LEU B C   1 
ATOM   4    O O   . LEU A 1 4  ? 2.705   16.064  -1.746  1.00 36.34 ? 187 LEU B O   1 
ATOM   5    C CB  . LEU A 1 4  ? 2.011   15.516  -4.978  1.00 44.58 ? 187 LEU B CB  1 
ATOM   6    C CG  . LEU A 1 4  ? 1.958   15.902  -6.460  1.00 49.15 ? 187 LEU B CG  1 
ATOM   7    C CD1 . LEU A 1 4  ? 2.379   14.731  -7.343  1.00 46.85 ? 187 LEU B CD1 1 
ATOM   8    C CD2 . LEU A 1 4  ? 0.568   16.394  -6.852  1.00 50.84 ? 187 LEU B CD2 1 
ATOM   9    N N   . LYS A 1 5  ? 0.523   15.706  -2.225  1.00 37.12 ? 188 LYS B N   1 
ATOM   10   C CA  . LYS A 1 5  ? 0.259   14.842  -1.064  1.00 31.17 ? 188 LYS B CA  1 
ATOM   11   C C   . LYS A 1 5  ? 1.104   13.556  -1.243  1.00 26.65 ? 188 LYS B C   1 
ATOM   12   O O   . LYS A 1 5  ? 1.372   13.169  -2.382  1.00 24.55 ? 188 LYS B O   1 
ATOM   13   C CB  . LYS A 1 5  ? -1.253  14.579  -0.980  1.00 32.52 ? 188 LYS B CB  1 
ATOM   14   C CG  . LYS A 1 5  ? -2.014  15.337  0.099   1.00 36.03 ? 188 LYS B CG  1 
ATOM   15   C CD  . LYS A 1 5  ? -2.791  16.546  -0.377  1.00 34.63 ? 188 LYS B CD  1 
ATOM   16   C CE  . LYS A 1 5  ? -4.202  16.246  -0.843  1.00 35.35 ? 188 LYS B CE  1 
ATOM   17   N NZ  . LYS A 1 5  ? -4.344  16.392  -2.315  1.00 43.90 ? 188 LYS B NZ  1 
ATOM   18   N N   . GLN A 1 6  ? 1.536   12.948  -0.146  1.00 26.69 ? 189 GLN B N   1 
ATOM   19   C CA  . GLN A 1 6  ? 2.179   11.615  -0.186  1.00 28.72 ? 189 GLN B CA  1 
ATOM   20   C C   . GLN A 1 6  ? 1.250   10.594  0.454   1.00 23.97 ? 189 GLN B C   1 
ATOM   21   O O   . GLN A 1 6  ? 0.431   10.934  1.287   1.00 21.65 ? 189 GLN B O   1 
ATOM   22   C CB  . GLN A 1 6  ? 3.548   11.613  0.484   1.00 33.56 ? 189 GLN B CB  1 
ATOM   23   C CG  . GLN A 1 6  ? 4.554   12.466  -0.278  1.00 38.71 ? 189 GLN B CG  1 
ATOM   24   C CD  . GLN A 1 6  ? 5.869   11.770  -0.479  1.00 39.22 ? 189 GLN B CD  1 
ATOM   25   O OE1 . GLN A 1 6  ? 6.707   11.725  0.414   1.00 49.20 ? 189 GLN B OE1 1 
ATOM   26   N NE2 . GLN A 1 6  ? 6.042   11.217  -1.667  1.00 46.00 ? 189 GLN B NE2 1 
ATOM   27   N N   . LYS A 1 7  ? 1.435   9.357   0.025   1.00 23.61 ? 190 LYS B N   1 
ATOM   28   C CA  . LYS A 1 7  ? 0.792   8.177   0.627   1.00 23.34 ? 190 LYS B CA  1 
ATOM   29   C C   . LYS A 1 7  ? 1.930   7.293   1.095   1.00 21.52 ? 190 LYS B C   1 
ATOM   30   O O   . LYS A 1 7  ? 2.851   7.022   0.268   1.00 22.64 ? 190 LYS B O   1 
ATOM   31   C CB  . LYS A 1 7  ? -0.107  7.467   -0.384  1.00 24.53 ? 190 LYS B CB  1 
ATOM   32   C CG  . LYS A 1 7  ? -0.799  6.209   0.134   1.00 26.15 ? 190 LYS B CG  1 
ATOM   33   C CD  . LYS A 1 7  ? -1.857  5.635   -0.811  1.00 30.11 ? 190 LYS B CD  1 
ATOM   34   C CE  . LYS A 1 7  ? -1.618  5.960   -2.276  1.00 34.26 ? 190 LYS B CE  1 
ATOM   35   N NZ  . LYS A 1 7  ? -2.466  5.168   -3.202  0.70 34.39 ? 190 LYS B NZ  1 
ATOM   36   N N   . ILE A 1 8  ? 1.890   6.914   2.360   1.00 20.53 ? 191 ILE B N   1 
ATOM   37   C CA  . ILE A 1 8  ? 2.990   6.149   3.010   1.00 20.70 ? 191 ILE B CA  1 
ATOM   38   C C   . ILE A 1 8  ? 2.363   4.885   3.584   1.00 20.56 ? 191 ILE B C   1 
ATOM   39   O O   . ILE A 1 8  ? 1.315   4.976   4.222   1.00 21.11 ? 191 ILE B O   1 
ATOM   40   C CB  . ILE A 1 8  ? 3.694   7.018   4.076   1.00 23.62 ? 191 ILE B CB  1 
ATOM   41   C CG1 . ILE A 1 8  ? 4.497   8.143   3.412   1.00 26.60 ? 191 ILE B CG1 1 
ATOM   42   C CG2 . ILE A 1 8  ? 4.585   6.195   4.987   1.00 27.30 ? 191 ILE B CG2 1 
ATOM   43   C CD1 . ILE A 1 8  ? 4.838   9.279   4.347   1.00 29.86 ? 191 ILE B CD1 1 
ATOM   44   N N   . VAL A 1 9  ? 2.910   3.705   3.285   1.00 17.96 ? 192 VAL B N   1 
ATOM   45   C CA  . VAL A 1 9  ? 2.374   2.470   3.909   1.00 18.06 ? 192 VAL B CA  1 
ATOM   46   C C   . VAL A 1 9  ? 3.449   1.848   4.798   1.00 18.68 ? 192 VAL B C   1 
ATOM   47   O O   . VAL A 1 9  ? 4.598   1.646   4.309   1.00 18.39 ? 192 VAL B O   1 
ATOM   48   C CB  . VAL A 1 9  ? 1.901   1.437   2.870   1.00 18.79 ? 192 VAL B CB  1 
ATOM   49   C CG1 . VAL A 1 9  ? 1.373   0.202   3.569   1.00 19.99 ? 192 VAL B CG1 1 
ATOM   50   C CG2 . VAL A 1 9  ? 0.852   2.003   1.933   1.00 18.51 ? 192 VAL B CG2 1 
ATOM   51   N N   . ILE A 1 10 ? 3.056   1.516   6.018   1.00 18.43 ? 193 ILE B N   1 
ATOM   52   C CA  . ILE A 1 10 ? 3.957   0.948   7.052   1.00 19.96 ? 193 ILE B CA  1 
ATOM   53   C C   . ILE A 1 10 ? 3.351   -0.343  7.571   1.00 19.99 ? 193 ILE B C   1 
ATOM   54   O O   . ILE A 1 10 ? 2.213   -0.316  8.045   1.00 19.83 ? 193 ILE B O   1 
ATOM   55   C CB  . ILE A 1 10 ? 4.164   1.950   8.203   1.00 21.76 ? 193 ILE B CB  1 
ATOM   56   C CG1 . ILE A 1 10 ? 4.749   3.251   7.662   1.00 24.52 ? 193 ILE B CG1 1 
ATOM   57   C CG2 . ILE A 1 10 ? 5.046   1.312   9.271   1.00 22.63 ? 193 ILE B CG2 1 
ATOM   58   C CD1 . ILE A 1 10 ? 4.888   4.370   8.675   1.00 27.10 ? 193 ILE B CD1 1 
ATOM   59   N N   . LYS A 1 11 ? 4.126   -1.425  7.534   1.00 23.22 ? 194 LYS B N   1 
ATOM   60   C CA  . LYS A 1 11 ? 3.724   -2.704  8.150   1.00 25.49 ? 194 LYS B CA  1 
ATOM   61   C C   . LYS A 1 11 ? 4.110   -2.623  9.618   1.00 25.42 ? 194 LYS B C   1 
ATOM   62   O O   . LYS A 1 11 ? 5.258   -2.231  9.908   1.00 26.44 ? 194 LYS B O   1 
ATOM   63   C CB  . LYS A 1 11 ? 4.395   -3.906  7.490   1.00 28.06 ? 194 LYS B CB  1 
ATOM   64   C CG  . LYS A 1 11 ? 3.894   -5.245  7.999   1.00 32.22 ? 194 LYS B CG  1 
ATOM   65   C CD  . LYS A 1 11 ? 4.580   -6.419  7.359   1.00 36.84 ? 194 LYS B CD  1 
ATOM   66   C CE  . LYS A 1 11 ? 4.290   -7.722  8.073   1.00 40.99 ? 194 LYS B CE  1 
ATOM   67   N NZ  . LYS A 1 11 ? 5.505   -8.573  8.144   1.00 47.95 ? 194 LYS B NZ  1 
ATOM   68   N N   . VAL A 1 12 ? 3.148   -2.884  10.491  1.00 27.72 ? 195 VAL B N   1 
ATOM   69   C CA  . VAL A 1 12 ? 3.402   -2.820  11.954  1.00 30.21 ? 195 VAL B CA  1 
ATOM   70   C C   . VAL A 1 12 ? 3.004   -4.171  12.537  1.00 31.45 ? 195 VAL B C   1 
ATOM   71   O O   . VAL A 1 12 ? 1.887   -4.631  12.244  1.00 31.12 ? 195 VAL B O   1 
ATOM   72   C CB  . VAL A 1 12 ? 2.670   -1.637  12.614  1.00 32.23 ? 195 VAL B CB  1 
ATOM   73   C CG1 . VAL A 1 12 ? 3.001   -1.526  14.103  1.00 33.58 ? 195 VAL B CG1 1 
ATOM   74   C CG2 . VAL A 1 12 ? 3.017   -0.322  11.924  1.00 33.08 ? 195 VAL B CG2 1 
ATOM   75   N N   . ALA A 1 13 ? 3.916   -4.777  13.295  1.00 33.91 ? 196 ALA B N   1 
ATOM   76   C CA  . ALA A 1 13 ? 3.614   -5.918  14.185  1.00 39.27 ? 196 ALA B CA  1 
ATOM   77   C C   . ALA A 1 13 ? 2.530   -5.442  15.166  1.00 44.70 ? 196 ALA B C   1 
ATOM   78   O O   . ALA A 1 13 ? 2.842   -4.596  16.020  1.00 45.20 ? 196 ALA B O   1 
ATOM   79   C CB  . ALA A 1 13 ? 4.871   -6.371  14.886  1.00 41.79 ? 196 ALA B CB  1 
ATOM   80   N N   . MET A 1 14 ? 1.282   -5.876  14.972  1.00 44.67 ? 197 MET B N   1 
ATOM   81   C CA  . MET A 1 14 ? 0.108   -5.451  15.783  1.00 45.98 ? 197 MET B CA  1 
ATOM   82   C C   . MET A 1 14 ? -0.682  -6.703  16.186  1.00 51.93 ? 197 MET B C   1 
ATOM   83   O O   . MET A 1 14 ? -1.275  -7.359  15.299  1.00 51.35 ? 197 MET B O   1 
ATOM   84   C CB  . MET A 1 14 ? -0.796  -4.496  14.994  1.00 43.59 ? 197 MET B CB  1 
ATOM   85   C CG  . MET A 1 14 ? -0.163  -3.135  14.749  1.00 39.98 ? 197 MET B CG  1 
ATOM   86   S SD  . MET A 1 14 ? -1.157  -2.096  13.656  1.00 40.91 ? 197 MET B SD  1 
ATOM   87   C CE  . MET A 1 14 ? -1.171  -3.056  12.139  1.00 44.25 ? 197 MET B CE  1 
ATOM   88   N N   . GLU A 1 15 ? -0.704  -7.005  17.484  1.00 57.13 ? 198 GLU B N   1 
ATOM   89   C CA  . GLU A 1 15 ? -1.165  -8.306  18.030  1.00 60.24 ? 198 GLU B CA  1 
ATOM   90   C C   . GLU A 1 15 ? -2.644  -8.515  17.698  1.00 54.95 ? 198 GLU B C   1 
ATOM   91   O O   . GLU A 1 15 ? -2.957  -9.567  17.115  1.00 67.08 ? 198 GLU B O   1 
ATOM   92   C CB  . GLU A 1 15 ? -0.885  -8.375  19.532  1.00 65.07 ? 198 GLU B CB  1 
ATOM   93   C CG  . GLU A 1 15 ? 0.556   -8.032  19.889  1.00 67.64 ? 198 GLU B CG  1 
ATOM   94   C CD  . GLU A 1 15 ? 1.285   -9.069  20.730  1.00 71.09 ? 198 GLU B CD  1 
ATOM   95   O OE1 . GLU A 1 15 ? 0.610   -9.901  21.373  1.00 69.15 ? 198 GLU B OE1 1 
ATOM   96   O OE2 . GLU A 1 15 ? 2.532   -9.048  20.731  1.00 72.56 ? 198 GLU B OE2 1 
ATOM   97   N N   . GLY A 1 16 ? -3.511  -7.556  18.036  1.00 49.11 ? 199 GLY B N   1 
ATOM   98   C CA  . GLY A 1 16 ? -4.972  -7.673  17.850  1.00 47.19 ? 199 GLY B CA  1 
ATOM   99   C C   . GLY A 1 16 ? -5.628  -6.346  17.507  1.00 44.10 ? 199 GLY B C   1 
ATOM   100  O O   . GLY A 1 16 ? -4.891  -5.362  17.278  1.00 42.77 ? 199 GLY B O   1 
ATOM   101  N N   . ASN A 1 17 ? -6.963  -6.319  17.460  1.00 39.80 ? 200 ASN B N   1 
ATOM   102  C CA  . ASN A 1 17 ? -7.742  -5.149  16.964  1.00 42.03 ? 200 ASN B CA  1 
ATOM   103  C C   . ASN A 1 17 ? -7.521  -3.918  17.856  1.00 44.63 ? 200 ASN B C   1 
ATOM   104  O O   . ASN A 1 17 ? -7.653  -2.790  17.327  1.00 43.01 ? 200 ASN B O   1 
ATOM   105  C CB  . ASN A 1 17 ? -9.233  -5.459  16.822  1.00 43.48 ? 200 ASN B CB  1 
ATOM   106  C CG  . ASN A 1 17 ? -9.549  -6.313  15.609  1.00 45.13 ? 200 ASN B CG  1 
ATOM   107  O OD1 . ASN A 1 17 ? -8.757  -6.410  14.672  1.00 43.21 ? 200 ASN B OD1 1 
ATOM   108  N ND2 . ASN A 1 17 ? -10.715 -6.932  15.617  1.00 49.00 ? 200 ASN B ND2 1 
ATOM   109  N N   . ASN A 1 18 ? -7.211  -4.098  19.145  1.00 43.69 ? 201 ASN B N   1 
ATOM   110  C CA  . ASN A 1 18 ? -6.952  -2.954  20.070  1.00 46.15 ? 201 ASN B CA  1 
ATOM   111  C C   . ASN A 1 18 ? -5.553  -2.374  19.775  1.00 42.33 ? 201 ASN B C   1 
ATOM   112  O O   . ASN A 1 18 ? -5.446  -1.130  19.721  1.00 47.56 ? 201 ASN B O   1 
ATOM   113  C CB  . ASN A 1 18 ? -7.163  -3.355  21.537  1.00 44.55 ? 201 ASN B CB  1 
ATOM   114  C CG  . ASN A 1 18 ? -7.279  -2.178  22.487  1.00 44.78 ? 201 ASN B CG  1 
ATOM   115  O OD1 . ASN A 1 18 ? -7.874  -1.152  22.155  1.00 41.60 ? 201 ASN B OD1 1 
ATOM   116  N ND2 . ASN A 1 18 ? -6.742  -2.333  23.688  1.00 45.86 ? 201 ASN B ND2 1 
ATOM   117  N N   . CYS A 1 19 ? -4.523  -3.213  19.569  1.00 41.45 ? 202 CYS B N   1 
ATOM   118  C CA  A CYS A 1 19 ? -3.154  -2.750  19.201  0.50 41.92 ? 202 CYS B CA  1 
ATOM   119  C CA  B CYS A 1 19 ? -3.145  -2.786  19.183  0.50 39.43 ? 202 CYS B CA  1 
ATOM   120  C C   . CYS A 1 19 ? -3.200  -2.000  17.860  1.00 40.40 ? 202 CYS B C   1 
ATOM   121  O O   . CYS A 1 19 ? -2.445  -1.025  17.710  1.00 39.48 ? 202 CYS B O   1 
ATOM   122  C CB  A CYS A 1 19 ? -2.162  -3.902  19.103  0.50 44.19 ? 202 CYS B CB  1 
ATOM   123  C CB  B CYS A 1 19 ? -2.212  -3.984  19.017  0.50 38.83 ? 202 CYS B CB  1 
ATOM   124  S SG  A CYS A 1 19 ? -0.438  -3.349  19.022  0.50 50.35 ? 202 CYS B SG  1 
ATOM   125  S SG  B CYS A 1 19 ? -2.337  -5.235  20.328  0.50 37.58 ? 202 CYS B SG  1 
ATOM   126  N N   . ARG A 1 20 ? -4.061  -2.438  16.938  1.00 39.69 ? 203 ARG B N   1 
ATOM   127  C CA  . ARG A 1 20 ? -4.304  -1.772  15.632  1.00 38.47 ? 203 ARG B CA  1 
ATOM   128  C C   . ARG A 1 20 ? -4.922  -0.400  15.889  1.00 39.14 ? 203 ARG B C   1 
ATOM   129  O O   . ARG A 1 20 ? -4.492  0.569   15.251  1.00 35.98 ? 203 ARG B O   1 
ATOM   130  C CB  . ARG A 1 20 ? -5.262  -2.595  14.775  1.00 39.05 ? 203 ARG B CB  1 
ATOM   131  C CG  . ARG A 1 20 ? -4.657  -3.880  14.239  1.00 39.16 ? 203 ARG B CG  1 
ATOM   132  C CD  . ARG A 1 20 ? -5.772  -4.690  13.622  1.00 40.82 ? 203 ARG B CD  1 
ATOM   133  N NE  . ARG A 1 20 ? -5.191  -5.710  12.772  1.00 40.39 ? 203 ARG B NE  1 
ATOM   134  C CZ  . ARG A 1 20 ? -5.261  -7.012  12.982  1.00 42.16 ? 203 ARG B CZ  1 
ATOM   135  N NH1 . ARG A 1 20 ? -5.920  -7.503  14.025  1.00 39.95 ? 203 ARG B NH1 1 
ATOM   136  N NH2 . ARG A 1 20 ? -4.665  -7.824  12.126  1.00 40.48 ? 203 ARG B NH2 1 
ATOM   137  N N   . SER A 1 21 ? -5.906  -0.355  16.789  1.00 39.61 ? 204 SER B N   1 
ATOM   138  C CA  . SER A 1 21 ? -6.557  0.885   17.273  1.00 40.85 ? 204 SER B CA  1 
ATOM   139  C C   . SER A 1 21 ? -5.490  1.874   17.764  1.00 38.52 ? 204 SER B C   1 
ATOM   140  O O   . SER A 1 21 ? -5.566  3.058   17.367  1.00 41.00 ? 204 SER B O   1 
ATOM   141  C CB  . SER A 1 21 ? -7.563  0.567   18.346  1.00 40.95 ? 204 SER B CB  1 
ATOM   142  O OG  . SER A 1 21 ? -8.797  0.184   17.766  1.00 45.53 ? 204 SER B OG  1 
ATOM   143  N N   . LYS A 1 22 ? -4.522  1.396   18.552  1.00 37.48 ? 205 LYS B N   1 
ATOM   144  C CA  . LYS A 1 22 ? -3.473  2.221   19.207  1.00 38.84 ? 205 LYS B CA  1 
ATOM   145  C C   . LYS A 1 22 ? -2.471  2.753   18.183  1.00 39.17 ? 205 LYS B C   1 
ATOM   146  O O   . LYS A 1 22 ? -2.054  3.908   18.327  1.00 38.07 ? 205 LYS B O   1 
ATOM   147  C CB  . LYS A 1 22 ? -2.721  1.406   20.264  1.00 43.19 ? 205 LYS B CB  1 
ATOM   148  C CG  . LYS A 1 22 ? -3.549  0.979   21.474  1.00 45.43 ? 205 LYS B CG  1 
ATOM   149  C CD  . LYS A 1 22 ? -4.744  1.885   21.766  1.00 49.01 ? 205 LYS B CD  1 
ATOM   150  C CE  . LYS A 1 22 ? -5.605  1.398   22.912  1.00 54.56 ? 205 LYS B CE  1 
ATOM   151  N NZ  . LYS A 1 22 ? -4.844  1.343   24.182  1.00 54.91 ? 205 LYS B NZ  1 
ATOM   152  N N   . ALA A 1 23 ? -2.064  1.932   17.209  1.00 36.62 ? 206 ALA B N   1 
ATOM   153  C CA  . ALA A 1 23 ? -1.092  2.337   16.170  1.00 36.00 ? 206 ALA B CA  1 
ATOM   154  C C   . ALA A 1 23 ? -1.753  3.418   15.336  1.00 31.15 ? 206 ALA B C   1 
ATOM   155  O O   . ALA A 1 23 ? -1.084  4.418   15.020  1.00 31.26 ? 206 ALA B O   1 
ATOM   156  C CB  . ALA A 1 23 ? -0.669  1.157   15.329  1.00 36.22 ? 206 ALA B CB  1 
ATOM   157  N N   . MET A 1 24 ? -3.034  3.228   15.044  1.00 29.76 ? 207 MET B N   1 
ATOM   158  C CA  . MET A 1 24 ? -3.828  4.165   14.222  1.00 31.92 ? 207 MET B CA  1 
ATOM   159  C C   . MET A 1 24 ? -4.013  5.467   15.004  1.00 30.33 ? 207 MET B C   1 
ATOM   160  O O   . MET A 1 24 ? -3.853  6.539   14.405  1.00 28.94 ? 207 MET B O   1 
ATOM   161  C CB  . MET A 1 24 ? -5.158  3.555   13.781  1.00 35.14 ? 207 MET B CB  1 
ATOM   162  C CG  . MET A 1 24 ? -4.983  2.798   12.467  1.00 40.51 ? 207 MET B CG  1 
ATOM   163  S SD  . MET A 1 24 ? -6.501  2.736   11.542  1.00 49.51 ? 207 MET B SD  1 
ATOM   164  C CE  . MET A 1 24 ? -7.420  1.669   12.653  1.00 51.03 ? 207 MET B CE  1 
ATOM   165  N N   . ALA A 1 25 ? -4.281  5.386   16.307  1.00 32.89 ? 208 ALA B N   1 
ATOM   166  C CA  . ALA A 1 25 ? -4.442  6.598   17.149  1.00 32.14 ? 208 ALA B CA  1 
ATOM   167  C C   . ALA A 1 25 ? -3.134  7.387   17.125  1.00 30.30 ? 208 ALA B C   1 
ATOM   168  O O   . ALA A 1 25 ? -3.191  8.624   16.918  1.00 29.92 ? 208 ALA B O   1 
ATOM   169  C CB  . ALA A 1 25 ? -4.826  6.217   18.558  1.00 35.25 ? 208 ALA B CB  1 
ATOM   170  N N   . LEU A 1 26 ? -2.007  6.703   17.335  1.00 31.92 ? 209 LEU B N   1 
ATOM   171  C CA  . LEU A 1 26 ? -0.645  7.305   17.346  1.00 29.95 ? 209 LEU B CA  1 
ATOM   172  C C   . LEU A 1 26 ? -0.389  8.026   16.017  1.00 32.95 ? 209 LEU B C   1 
ATOM   173  O O   . LEU A 1 26 ? 0.008   9.212   16.021  1.00 28.72 ? 209 LEU B O   1 
ATOM   174  C CB  . LEU A 1 26 ? 0.396   6.219   17.613  1.00 35.17 ? 209 LEU B CB  1 
ATOM   175  C CG  . LEU A 1 26 ? 1.856   6.675   17.580  1.00 35.96 ? 209 LEU B CG  1 
ATOM   176  C CD1 . LEU A 1 26 ? 2.087   7.865   18.500  1.00 39.13 ? 209 LEU B CD1 1 
ATOM   177  C CD2 . LEU A 1 26 ? 2.783   5.534   17.965  1.00 38.06 ? 209 LEU B CD2 1 
ATOM   178  N N   . VAL A 1 27 ? -0.657  7.366   14.898  1.00 28.52 ? 210 VAL B N   1 
ATOM   179  C CA  . VAL A 1 27 ? -0.416  7.988   13.563  1.00 27.53 ? 210 VAL B CA  1 
ATOM   180  C C   . VAL A 1 27 ? -1.359  9.181   13.356  1.00 28.08 ? 210 VAL B C   1 
ATOM   181  O O   . VAL A 1 27 ? -0.885  10.214  12.826  1.00 28.62 ? 210 VAL B O   1 
ATOM   182  C CB  . VAL A 1 27 ? -0.532  6.930   12.449  1.00 26.21 ? 210 VAL B CB  1 
ATOM   183  C CG1 . VAL A 1 27 ? -0.605  7.549   11.075  1.00 27.21 ? 210 VAL B CG1 1 
ATOM   184  C CG2 . VAL A 1 27 ? 0.614   5.963   12.562  1.00 26.63 ? 210 VAL B CG2 1 
ATOM   185  N N   . ALA A 1 28 ? -2.639  9.071   13.696  1.00 27.29 ? 211 ALA B N   1 
ATOM   186  C CA  . ALA A 1 28 ? -3.652  10.116  13.421  1.00 30.82 ? 211 ALA B CA  1 
ATOM   187  C C   . ALA A 1 28 ? -3.243  11.386  14.179  1.00 32.15 ? 211 ALA B C   1 
ATOM   188  O O   . ALA A 1 28 ? -3.513  12.464  13.664  1.00 32.29 ? 211 ALA B O   1 
ATOM   189  C CB  . ALA A 1 28 ? -5.031  9.631   13.802  1.00 33.71 ? 211 ALA B CB  1 
ATOM   190  N N   . SER A 1 29 ? -2.509  11.233  15.286  1.00 36.15 ? 212 SER B N   1 
ATOM   191  C CA  . SER A 1 29 ? -2.024  12.341  16.157  1.00 37.84 ? 212 SER B CA  1 
ATOM   192  C C   . SER A 1 29 ? -0.762  12.990  15.572  1.00 40.16 ? 212 SER B C   1 
ATOM   193  O O   . SER A 1 29 ? -0.285  13.979  16.160  1.00 41.85 ? 212 SER B O   1 
ATOM   194  C CB  . SER A 1 29 ? -1.775  11.845  17.563  1.00 38.25 ? 212 SER B CB  1 
ATOM   195  O OG  . SER A 1 29 ? -0.446  11.358  17.713  1.00 39.41 ? 212 SER B OG  1 
ATOM   196  N N   . THR A 1 30 ? -0.207  12.453  14.485  1.00 36.27 ? 213 THR B N   1 
ATOM   197  C CA  . THR A 1 30 ? 1.097   12.888  13.930  1.00 35.30 ? 213 THR B CA  1 
ATOM   198  C C   . THR A 1 30 ? 0.906   14.109  13.020  1.00 36.70 ? 213 THR B C   1 
ATOM   199  O O   . THR A 1 30 ? -0.143  14.235  12.299  1.00 29.82 ? 213 THR B O   1 
ATOM   200  C CB  . THR A 1 30 ? 1.806   11.738  13.207  1.00 37.29 ? 213 THR B CB  1 
ATOM   201  O OG1 . THR A 1 30 ? 2.036   10.724  14.183  1.00 41.88 ? 213 THR B OG1 1 
ATOM   202  C CG2 . THR A 1 30 ? 3.110   12.144  12.558  1.00 39.13 ? 213 THR B CG2 1 
ATOM   203  N N   . GLY A 1 31 ? 1.923   14.972  13.047  1.00 36.24 ? 214 GLY B N   1 
ATOM   204  C CA  . GLY A 1 31 ? 2.006   16.204  12.251  1.00 33.42 ? 214 GLY B CA  1 
ATOM   205  C C   . GLY A 1 31 ? 1.770   15.933  10.793  1.00 31.74 ? 214 GLY B C   1 
ATOM   206  O O   . GLY A 1 31 ? 2.542   15.116  10.208  1.00 33.45 ? 214 GLY B O   1 
ATOM   207  N N   . GLY A 1 32 ? 0.722   16.553  10.242  1.00 28.96 ? 215 GLY B N   1 
ATOM   208  C CA  . GLY A 1 32 ? 0.478   16.631  8.795   1.00 28.57 ? 215 GLY B CA  1 
ATOM   209  C C   . GLY A 1 32 ? -0.275  15.432  8.239   1.00 24.19 ? 215 GLY B C   1 
ATOM   210  O O   . GLY A 1 32 ? -0.400  15.360  7.004   1.00 25.28 ? 215 GLY B O   1 
ATOM   211  N N   . VAL A 1 33 ? -0.770  14.527  9.092   1.00 22.28 ? 216 VAL B N   1 
ATOM   212  C CA  . VAL A 1 33 ? -1.570  13.346  8.643   1.00 21.38 ? 216 VAL B CA  1 
ATOM   213  C C   . VAL A 1 33 ? -3.005  13.792  8.333   1.00 20.46 ? 216 VAL B C   1 
ATOM   214  O O   . VAL A 1 33 ? -3.655  14.345  9.221   1.00 24.85 ? 216 VAL B O   1 
ATOM   215  C CB  . VAL A 1 33 ? -1.528  12.230  9.699   1.00 20.75 ? 216 VAL B CB  1 
ATOM   216  C CG1 . VAL A 1 33 ? -2.447  11.094  9.328   1.00 21.80 ? 216 VAL B CG1 1 
ATOM   217  C CG2 . VAL A 1 33 ? -0.100  11.735  9.905   1.00 22.26 ? 216 VAL B CG2 1 
ATOM   218  N N   . ASP A 1 34 ? -3.400  13.715  7.063   1.00 23.84 ? 217 ASP B N   1 
ATOM   219  C CA  . ASP A 1 34 ? -4.769  14.057  6.591   1.00 22.13 ? 217 ASP B CA  1 
ATOM   220  C C   . ASP A 1 34 ? -5.706  12.875  6.873   1.00 23.81 ? 217 ASP B C   1 
ATOM   221  O O   . ASP A 1 34 ? -6.869  13.107  7.245   1.00 24.22 ? 217 ASP B O   1 
ATOM   222  C CB  . ASP A 1 34 ? -4.760  14.464  5.117   1.00 24.57 ? 217 ASP B CB  1 
ATOM   223  C CG  . ASP A 1 34 ? -3.919  15.680  4.722   1.00 29.62 ? 217 ASP B CG  1 
ATOM   224  O OD1 . ASP A 1 34 ? -3.500  16.482  5.619   1.00 31.94 ? 217 ASP B OD1 1 
ATOM   225  O OD2 . ASP A 1 34 ? -3.652  15.825  3.489   1.00 27.89 ? 217 ASP B OD2 1 
ATOM   226  N N   . SER A 1 35 ? -5.246  11.620  6.711   1.00 22.01 ? 218 SER B N   1 
ATOM   227  C CA  . SER A 1 35 ? -6.099  10.409  6.805   1.00 21.58 ? 218 SER B CA  1 
ATOM   228  C C   . SER A 1 35 ? -5.226  9.183   7.049   1.00 22.68 ? 218 SER B C   1 
ATOM   229  O O   . SER A 1 35 ? -4.032  9.215   6.672   1.00 19.70 ? 218 SER B O   1 
ATOM   230  C CB  . SER A 1 35 ? -6.979  10.222  5.604   1.00 22.34 ? 218 SER B CB  1 
ATOM   231  O OG  . SER A 1 35 ? -6.264  10.290  4.382   1.00 24.26 ? 218 SER B OG  1 
ATOM   232  N N   . VAL A 1 36 ? -5.775  8.223   7.778   1.00 22.72 ? 219 VAL B N   1 
ATOM   233  C CA  . VAL A 1 36 ? -5.077  6.964   8.137   1.00 23.43 ? 219 VAL B CA  1 
ATOM   234  C C   . VAL A 1 36 ? -6.065  5.804   8.005   1.00 23.86 ? 219 VAL B C   1 
ATOM   235  O O   . VAL A 1 36 ? -7.252  6.002   8.245   1.00 25.23 ? 219 VAL B O   1 
ATOM   236  C CB  . VAL A 1 36 ? -4.435  7.071   9.522   1.00 29.20 ? 219 VAL B CB  1 
ATOM   237  C CG1 . VAL A 1 36 ? -5.445  7.425   10.588  1.00 31.41 ? 219 VAL B CG1 1 
ATOM   238  C CG2 . VAL A 1 36 ? -3.686  5.801   9.871   1.00 29.02 ? 219 VAL B CG2 1 
ATOM   239  N N   . ALA A 1 37 ? -5.597  4.645   7.542   1.00 20.77 ? 220 ALA B N   1 
ATOM   240  C CA  . ALA A 1 37 ? -6.461  3.456   7.417   1.00 19.98 ? 220 ALA B CA  1 
ATOM   241  C C   . ALA A 1 37 ? -5.598  2.217   7.645   1.00 20.92 ? 220 ALA B C   1 
ATOM   242  O O   . ALA A 1 37 ? -4.388  2.232   7.380   1.00 20.31 ? 220 ALA B O   1 
ATOM   243  C CB  . ALA A 1 37 ? -7.164  3.436   6.083   1.00 20.74 ? 220 ALA B CB  1 
ATOM   244  N N   . LEU A 1 38 ? -6.244  1.183   8.157   1.00 21.62 ? 221 LEU B N   1 
ATOM   245  C CA  . LEU A 1 38 ? -5.679  -0.168  8.278   1.00 22.82 ? 221 LEU B CA  1 
ATOM   246  C C   . LEU A 1 38 ? -6.075  -0.959  7.041   1.00 21.36 ? 221 LEU B C   1 
ATOM   247  O O   . LEU A 1 38 ? -7.292  -1.126  6.807   1.00 25.34 ? 221 LEU B O   1 
ATOM   248  C CB  . LEU A 1 38 ? -6.268  -0.829  9.514   1.00 25.70 ? 221 LEU B CB  1 
ATOM   249  C CG  . LEU A 1 38 ? -5.712  -2.218  9.763   1.00 29.81 ? 221 LEU B CG  1 
ATOM   250  C CD1 . LEU A 1 38 ? -4.365  -2.111  10.471  1.00 30.82 ? 221 LEU B CD1 1 
ATOM   251  C CD2 . LEU A 1 38 ? -6.718  -3.035  10.548  1.00 33.67 ? 221 LEU B CD2 1 
ATOM   252  N N   . VAL A 1 39 ? -5.082  -1.438  6.307   1.00 20.89 ? 222 VAL B N   1 
ATOM   253  C CA  . VAL A 1 39 ? -5.320  -2.076  4.992   1.00 20.47 ? 222 VAL B CA  1 
ATOM   254  C C   . VAL A 1 39 ? -4.487  -3.355  4.893   1.00 19.51 ? 222 VAL B C   1 
ATOM   255  O O   . VAL A 1 39 ? -3.738  -3.699  5.811   1.00 19.51 ? 222 VAL B O   1 
ATOM   256  C CB  . VAL A 1 39 ? -5.005  -1.082  3.855   1.00 20.74 ? 222 VAL B CB  1 
ATOM   257  C CG1 . VAL A 1 39 ? -5.851  0.182   3.966   1.00 22.78 ? 222 VAL B CG1 1 
ATOM   258  C CG2 . VAL A 1 39 ? -3.537  -0.730  3.838   1.00 20.10 ? 222 VAL B CG2 1 
ATOM   259  N N   . GLY A 1 40 ? -4.625  -4.042  3.764   1.00 19.90 ? 223 GLY B N   1 
ATOM   260  C CA  . GLY A 1 40 ? -3.838  -5.237  3.459   1.00 21.11 ? 223 GLY B CA  1 
ATOM   261  C C   . GLY A 1 40 ? -4.647  -6.481  3.733   1.00 21.07 ? 223 GLY B C   1 
ATOM   262  O O   . GLY A 1 40 ? -5.621  -6.453  4.516   1.00 22.48 ? 223 GLY B O   1 
ATOM   263  N N   . ASP A 1 41 ? -4.208  -7.569  3.116   1.00 21.14 ? 224 ASP B N   1 
ATOM   264  C CA  . ASP A 1 41 ? -4.899  -8.868  3.211   1.00 20.54 ? 224 ASP B CA  1 
ATOM   265  C C   . ASP A 1 41 ? -4.916  -9.311  4.675   1.00 21.98 ? 224 ASP B C   1 
ATOM   266  O O   . ASP A 1 41 ? -5.888  -9.961  5.047   1.00 25.70 ? 224 ASP B O   1 
ATOM   267  C CB  . ASP A 1 41 ? -4.192  -9.878  2.305   1.00 20.85 ? 224 ASP B CB  1 
ATOM   268  C CG  . ASP A 1 41 ? -4.435  -9.677  0.813   1.00 19.45 ? 224 ASP B CG  1 
ATOM   269  O OD1 . ASP A 1 41 ? -5.374  -8.907  0.445   1.00 19.69 ? 224 ASP B OD1 1 
ATOM   270  O OD2 . ASP A 1 41 ? -3.739  -10.373 0.028   1.00 19.04 ? 224 ASP B OD2 1 
ATOM   271  N N   . LEU A 1 42 ? -3.881  -8.991  5.451   1.00 21.88 ? 225 LEU B N   1 
ATOM   272  C CA  . LEU A 1 42 ? -3.784  -9.424  6.874   1.00 24.07 ? 225 LEU B CA  1 
ATOM   273  C C   . LEU A 1 42 ? -4.085  -8.255  7.812   1.00 26.79 ? 225 LEU B C   1 
ATOM   274  O O   . LEU A 1 42 ? -3.923  -8.456  9.014   1.00 26.75 ? 225 LEU B O   1 
ATOM   275  C CB  . LEU A 1 42 ? -2.392  -9.990  7.133   1.00 26.69 ? 225 LEU B CB  1 
ATOM   276  C CG  . LEU A 1 42 ? -2.120  -11.338 6.470   1.00 30.68 ? 225 LEU B CG  1 
ATOM   277  C CD1 . LEU A 1 42 ? -0.767  -11.865 6.910   1.00 31.82 ? 225 LEU B CD1 1 
ATOM   278  C CD2 . LEU A 1 42 ? -3.220  -12.344 6.784   1.00 32.49 ? 225 LEU B CD2 1 
ATOM   279  N N   . ARG A 1 43 ? -4.555  -7.119  7.283   1.00 23.98 ? 226 ARG B N   1 
ATOM   280  C CA  . ARG A 1 43 ? -4.979  -5.963  8.120   1.00 25.92 ? 226 ARG B CA  1 
ATOM   281  C C   . ARG A 1 43 ? -3.802  -5.632  9.049   1.00 27.08 ? 226 ARG B C   1 
ATOM   282  O O   . ARG A 1 43 ? -4.018  -5.482  10.278  1.00 29.66 ? 226 ARG B O   1 
ATOM   283  C CB  . ARG A 1 43 ? -6.263  -6.353  8.862   1.00 26.70 ? 226 ARG B CB  1 
ATOM   284  C CG  . ARG A 1 43 ? -7.445  -6.611  7.942   1.00 32.31 ? 226 ARG B CG  1 
ATOM   285  C CD  . ARG A 1 43 ? -8.642  -7.183  8.678   1.00 35.65 ? 226 ARG B CD  1 
ATOM   286  N NE  . ARG A 1 43 ? -9.002  -6.326  9.802   1.00 42.86 ? 226 ARG B NE  1 
ATOM   287  C CZ  . ARG A 1 43 ? -8.927  -6.664  11.097  1.00 47.11 ? 226 ARG B CZ  1 
ATOM   288  N NH1 . ARG A 1 43 ? -9.278  -5.777  12.015  1.00 47.85 ? 226 ARG B NH1 1 
ATOM   289  N NH2 . ARG A 1 43 ? -8.506  -7.865  11.471  1.00 43.83 ? 226 ARG B NH2 1 
ATOM   290  N N   . ASP A 1 44 ? -2.586  -5.586  8.499   1.00 23.18 ? 227 ASP B N   1 
ATOM   291  C CA  . ASP A 1 44 ? -1.312  -5.376  9.241   1.00 23.92 ? 227 ASP B CA  1 
ATOM   292  C C   . ASP A 1 44 ? -0.539  -4.173  8.702   1.00 21.90 ? 227 ASP B C   1 
ATOM   293  O O   . ASP A 1 44 ? 0.638   -3.995  9.087   1.00 25.05 ? 227 ASP B O   1 
ATOM   294  C CB  . ASP A 1 44 ? -0.440  -6.630  9.197   1.00 26.57 ? 227 ASP B CB  1 
ATOM   295  C CG  . ASP A 1 44 ? -0.037  -7.104  7.811   1.00 29.63 ? 227 ASP B CG  1 
ATOM   296  O OD1 . ASP A 1 44 ? -0.581  -6.575  6.803   1.00 27.78 ? 227 ASP B OD1 1 
ATOM   297  O OD2 . ASP A 1 44 ? 0.816   -8.025  7.750   1.00 31.21 ? 227 ASP B OD2 1 
ATOM   298  N N   . LYS A 1 45 ? -1.163  -3.397  7.815   1.00 23.35 ? 228 LYS B N   1 
ATOM   299  C CA  . LYS A 1 45 ? -0.508  -2.238  7.182   1.00 22.68 ? 228 LYS B CA  1 
ATOM   300  C C   . LYS A 1 45 ? -1.274  -0.959  7.494   1.00 20.80 ? 228 LYS B C   1 
ATOM   301  O O   . LYS A 1 45 ? -2.513  -0.928  7.370   1.00 23.77 ? 228 LYS B O   1 
ATOM   302  C CB  . LYS A 1 45 ? -0.366  -2.467  5.679   1.00 23.80 ? 228 LYS B CB  1 
ATOM   303  C CG  . LYS A 1 45 ? 0.740   -3.488  5.431   1.00 28.29 ? 228 LYS B CG  1 
ATOM   304  C CD  . LYS A 1 45 ? 0.719   -4.140  4.111   1.00 31.43 ? 228 LYS B CD  1 
ATOM   305  C CE  . LYS A 1 45 ? 1.511   -5.433  4.120   1.00 30.81 ? 228 LYS B CE  1 
ATOM   306  N NZ  . LYS A 1 45 ? 1.768   -5.865  2.725   1.00 38.89 ? 228 LYS B NZ  1 
ATOM   307  N N   . ILE A 1 46 ? -0.528  0.048   7.896   1.00 21.55 ? 229 ILE B N   1 
ATOM   308  C CA  . ILE A 1 46 ? -1.074  1.407   8.131   1.00 22.24 ? 229 ILE B CA  1 
ATOM   309  C C   . ILE A 1 46 ? -0.747  2.262   6.915   1.00 19.04 ? 229 ILE B C   1 
ATOM   310  O O   . ILE A 1 46 ? 0.417   2.456   6.610   1.00 19.03 ? 229 ILE B O   1 
ATOM   311  C CB  . ILE A 1 46 ? -0.520  2.019   9.434   1.00 23.79 ? 229 ILE B CB  1 
ATOM   312  C CG1 . ILE A 1 46 ? -0.769  1.085   10.621  1.00 28.02 ? 229 ILE B CG1 1 
ATOM   313  C CG2 . ILE A 1 46 ? -1.145  3.384   9.661   1.00 25.50 ? 229 ILE B CG2 1 
ATOM   314  C CD1 . ILE A 1 46 ? -0.207  1.597   11.921  1.00 31.40 ? 229 ILE B CD1 1 
ATOM   315  N N   . GLU A 1 47 ? -1.783  2.790   6.278   1.00 18.87 ? 230 GLU B N   1 
ATOM   316  C CA  . GLU A 1 47 ? -1.674  3.693   5.118   1.00 18.40 ? 230 GLU B CA  1 
ATOM   317  C C   . GLU A 1 47 ? -1.955  5.116   5.591   1.00 18.37 ? 230 GLU B C   1 
ATOM   318  O O   . GLU A 1 47 ? -3.004  5.320   6.194   1.00 20.03 ? 230 GLU B O   1 
ATOM   319  C CB  . GLU A 1 47 ? -2.667  3.210   4.071   1.00 22.04 ? 230 GLU B CB  1 
ATOM   320  C CG  . GLU A 1 47 ? -2.480  3.801   2.708   1.00 23.15 ? 230 GLU B CG  1 
ATOM   321  C CD  . GLU A 1 47 ? -3.359  3.032   1.736   1.00 24.22 ? 230 GLU B CD  1 
ATOM   322  O OE1 . GLU A 1 47 ? -4.553  3.337   1.691   1.00 23.60 ? 230 GLU B OE1 1 
ATOM   323  O OE2 . GLU A 1 47 ? -2.885  2.019   1.151   1.00 28.66 ? 230 GLU B OE2 1 
ATOM   324  N N   . VAL A 1 48 ? -1.005  6.001   5.376   1.00 18.63 ? 231 VAL B N   1 
ATOM   325  C CA  . VAL A 1 48 ? -1.048  7.414   5.861   1.00 21.45 ? 231 VAL B CA  1 
ATOM   326  C C   . VAL A 1 48 ? -1.026  8.341   4.657   1.00 19.70 ? 231 VAL B C   1 
ATOM   327  O O   . VAL A 1 48 ? -0.189  8.162   3.775   1.00 19.52 ? 231 VAL B O   1 
ATOM   328  C CB  . VAL A 1 48 ? 0.148   7.671   6.791   1.00 24.82 ? 231 VAL B CB  1 
ATOM   329  C CG1 . VAL A 1 48 ? -0.067  8.953   7.584   1.00 25.60 ? 231 VAL B CG1 1 
ATOM   330  C CG2 . VAL A 1 48 ? 0.386   6.481   7.702   1.00 26.99 ? 231 VAL B CG2 1 
ATOM   331  N N   . VAL A 1 49 ? -1.901  9.346   4.618   1.00 19.55 ? 232 VAL B N   1 
ATOM   332  C CA  . VAL A 1 49 ? -1.932  10.345  3.513   1.00 20.66 ? 232 VAL B CA  1 
ATOM   333  C C   . VAL A 1 49 ? -1.770  11.732  4.136   1.00 22.45 ? 232 VAL B C   1 
ATOM   334  O O   . VAL A 1 49 ? -2.388  11.970  5.183   1.00 23.46 ? 232 VAL B O   1 
ATOM   335  C CB  . VAL A 1 49 ? -3.239  10.238  2.715   1.00 20.27 ? 232 VAL B CB  1 
ATOM   336  C CG1 . VAL A 1 49 ? -3.405  11.389  1.742   1.00 23.17 ? 232 VAL B CG1 1 
ATOM   337  C CG2 . VAL A 1 49 ? -3.331  8.888   1.995   1.00 20.86 ? 232 VAL B CG2 1 
ATOM   338  N N   . GLY A 1 50 ? -0.942  12.567  3.512   1.00 24.90 ? 233 GLY B N   1 
ATOM   339  C CA  . GLY A 1 50 ? -0.753  13.962  3.955   1.00 25.66 ? 233 GLY B CA  1 
ATOM   340  C C   . GLY A 1 50 ? 0.335   14.687  3.206   1.00 24.38 ? 233 GLY B C   1 
ATOM   341  O O   . GLY A 1 50 ? 1.106   14.068  2.457   1.00 25.82 ? 233 GLY B O   1 
ATOM   342  N N   . TYR A 1 51 ? 0.479   15.980  3.514   1.00 27.49 ? 234 TYR B N   1 
ATOM   343  C CA  . TYR A 1 51 ? 1.511   16.871  2.950   1.00 28.10 ? 234 TYR B CA  1 
ATOM   344  C C   . TYR A 1 51 ? 2.652   16.993  3.957   1.00 29.37 ? 234 TYR B C   1 
ATOM   345  O O   . TYR A 1 51 ? 2.369   17.223  5.141   1.00 29.65 ? 234 TYR B O   1 
ATOM   346  C CB  . TYR A 1 51 ? 0.896   18.239  2.636   1.00 28.04 ? 234 TYR B CB  1 
ATOM   347  C CG  . TYR A 1 51 ? 1.701   19.069  1.687   1.00 29.21 ? 234 TYR B CG  1 
ATOM   348  C CD1 . TYR A 1 51 ? 1.618   18.874  0.318   1.00 29.85 ? 234 TYR B CD1 1 
ATOM   349  C CD2 . TYR A 1 51 ? 2.528   20.079  2.153   1.00 31.42 ? 234 TYR B CD2 1 
ATOM   350  C CE1 . TYR A 1 51 ? 2.339   19.651  -0.571  1.00 35.59 ? 234 TYR B CE1 1 
ATOM   351  C CE2 . TYR A 1 51 ? 3.266   20.859  1.275   1.00 34.67 ? 234 TYR B CE2 1 
ATOM   352  C CZ  . TYR A 1 51 ? 3.168   20.654  -0.088  1.00 37.17 ? 234 TYR B CZ  1 
ATOM   353  O OH  . TYR A 1 51 ? 3.901   21.430  -0.946  1.00 41.26 ? 234 TYR B OH  1 
ATOM   354  N N   . GLY A 1 52 ? 3.884   16.792  3.487   1.00 35.97 ? 235 GLY B N   1 
ATOM   355  C CA  . GLY A 1 52 ? 5.123   16.973  4.272   1.00 37.37 ? 235 GLY B CA  1 
ATOM   356  C C   . GLY A 1 52 ? 5.134   16.120  5.532   1.00 42.58 ? 235 GLY B C   1 
ATOM   357  O O   . GLY A 1 52 ? 5.541   16.609  6.612   1.00 42.63 ? 235 GLY B O   1 
ATOM   358  N N   . ILE A 1 53 ? 4.646   14.886  5.439   1.00 38.06 ? 236 ILE B N   1 
ATOM   359  C CA  . ILE A 1 53 ? 4.774   13.927  6.570   1.00 36.22 ? 236 ILE B CA  1 
ATOM   360  C C   . ILE A 1 53 ? 6.232   13.476  6.590   1.00 35.09 ? 236 ILE B C   1 
ATOM   361  O O   . ILE A 1 53 ? 6.784   13.263  5.495   1.00 32.45 ? 236 ILE B O   1 
ATOM   362  C CB  . ILE A 1 53 ? 3.840   12.714  6.431   1.00 34.01 ? 236 ILE B CB  1 
ATOM   363  C CG1 . ILE A 1 53 ? 2.377   13.084  6.650   1.00 31.46 ? 236 ILE B CG1 1 
ATOM   364  C CG2 . ILE A 1 53 ? 4.282   11.579  7.356   1.00 35.90 ? 236 ILE B CG2 1 
ATOM   365  C CD1 . ILE A 1 53 ? 1.452   12.099  6.008   1.00 29.76 ? 236 ILE B CD1 1 
ATOM   366  N N   . ASP A 1 54 ? 6.769   13.315  7.796   1.00 39.32 ? 237 ASP B N   1 
ATOM   367  C CA  . ASP A 1 54 ? 8.136   12.835  8.109   1.00 40.45 ? 237 ASP B CA  1 
ATOM   368  C C   . ASP A 1 54 ? 8.060   11.334  8.370   1.00 36.78 ? 237 ASP B C   1 
ATOM   369  O O   . ASP A 1 54 ? 7.771   10.924  9.499   1.00 35.38 ? 237 ASP B O   1 
ATOM   370  C CB  . ASP A 1 54 ? 8.719   13.580  9.311   1.00 43.63 ? 237 ASP B CB  1 
ATOM   371  C CG  . ASP A 1 54 ? 10.198  13.289  9.497   1.00 48.90 ? 237 ASP B CG  1 
ATOM   372  O OD1 . ASP A 1 54 ? 10.629  12.156  9.126   1.00 49.26 ? 237 ASP B OD1 1 
ATOM   373  O OD2 . ASP A 1 54 ? 10.915  14.201  9.971   1.00 53.95 ? 237 ASP B OD2 1 
ATOM   374  N N   . PRO A 1 55 ? 8.318   10.505  7.331   1.00 37.30 ? 238 PRO B N   1 
ATOM   375  C CA  . PRO A 1 55 ? 8.143   9.051   7.397   1.00 37.71 ? 238 PRO B CA  1 
ATOM   376  C C   . PRO A 1 55 ? 9.101   8.385   8.396   1.00 39.95 ? 238 PRO B C   1 
ATOM   377  O O   . PRO A 1 55 ? 8.709   7.426   9.025   1.00 36.15 ? 238 PRO B O   1 
ATOM   378  C CB  . PRO A 1 55 ? 8.446   8.554   5.978   1.00 36.92 ? 238 PRO B CB  1 
ATOM   379  C CG  . PRO A 1 55 ? 8.427   9.790   5.115   1.00 38.43 ? 238 PRO B CG  1 
ATOM   380  C CD  . PRO A 1 55 ? 8.831   10.923  6.024   1.00 38.16 ? 238 PRO B CD  1 
ATOM   381  N N   . ILE A 1 56 ? 10.309  8.931   8.538   1.00 42.04 ? 239 ILE B N   1 
ATOM   382  C CA  . ILE A 1 56 ? 11.358  8.363   9.434   1.00 43.88 ? 239 ILE B CA  1 
ATOM   383  C C   . ILE A 1 56 ? 10.986  8.690   10.889  1.00 43.10 ? 239 ILE B C   1 
ATOM   384  O O   . ILE A 1 56 ? 11.132  7.798   11.738  1.00 46.72 ? 239 ILE B O   1 
ATOM   385  C CB  . ILE A 1 56 ? 12.777  8.807   8.990   1.00 49.97 ? 239 ILE B CB  1 
ATOM   386  C CG1 . ILE A 1 56 ? 12.914  10.318  8.792   1.00 52.65 ? 239 ILE B CG1 1 
ATOM   387  C CG2 . ILE A 1 56 ? 13.190  8.051   7.727   1.00 50.31 ? 239 ILE B CG2 1 
ATOM   388  C CD1 . ILE A 1 56 ? 14.315  10.777  8.418   1.00 53.12 ? 239 ILE B CD1 1 
ATOM   389  N N   . LYS A 1 57 ? 10.430  9.874   11.161  1.00 41.85 ? 240 LYS B N   1 
ATOM   390  C CA  . LYS A 1 57 ? 9.894   10.233  12.506  1.00 42.25 ? 240 LYS B CA  1 
ATOM   391  C C   . LYS A 1 57 ? 8.728   9.304   12.844  1.00 37.73 ? 240 LYS B C   1 
ATOM   392  O O   . LYS A 1 57 ? 8.630   8.851   13.987  1.00 39.85 ? 240 LYS B O   1 
ATOM   393  C CB  . LYS A 1 57 ? 9.396   11.682  12.560  1.00 46.08 ? 240 LYS B CB  1 
ATOM   394  C CG  . LYS A 1 57 ? 10.415  12.701  13.038  1.00 46.31 ? 240 LYS B CG  1 
ATOM   395  C CD  . LYS A 1 57 ? 9.849   13.700  14.037  1.00 48.41 ? 240 LYS B CD  1 
ATOM   396  C CE  . LYS A 1 57 ? 10.909  14.626  14.597  1.00 46.82 ? 240 LYS B CE  1 
ATOM   397  N NZ  . LYS A 1 57 ? 10.646  16.037  14.237  1.00 49.59 ? 240 LYS B NZ  1 
ATOM   398  N N   . LEU A 1 58 ? 7.869   9.042   11.866  1.00 37.96 ? 241 LEU B N   1 
ATOM   399  C CA  . LEU A 1 58 ? 6.649   8.227   12.048  1.00 34.33 ? 241 LEU B CA  1 
ATOM   400  C C   . LEU A 1 58 ? 7.017   6.771   12.352  1.00 33.96 ? 241 LEU B C   1 
ATOM   401  O O   . LEU A 1 58 ? 6.410   6.189   13.265  1.00 35.76 ? 241 LEU B O   1 
ATOM   402  C CB  . LEU A 1 58 ? 5.822   8.331   10.773  1.00 37.03 ? 241 LEU B CB  1 
ATOM   403  C CG  . LEU A 1 58 ? 4.451   7.688   10.850  1.00 39.29 ? 241 LEU B CG  1 
ATOM   404  C CD1 . LEU A 1 58 ? 3.764   8.038   12.159  1.00 41.51 ? 241 LEU B CD1 1 
ATOM   405  C CD2 . LEU A 1 58 ? 3.618   8.118   9.661   1.00 42.34 ? 241 LEU B CD2 1 
ATOM   406  N N   . ILE A 1 59 ? 7.941   6.189   11.581  1.00 35.66 ? 242 ILE B N   1 
ATOM   407  C CA  . ILE A 1 59 ? 8.467   4.811   11.807  1.00 35.19 ? 242 ILE B CA  1 
ATOM   408  C C   . ILE A 1 59 ? 9.046   4.724   13.226  1.00 35.28 ? 242 ILE B C   1 
ATOM   409  O O   . ILE A 1 59 ? 8.727   3.729   13.925  1.00 36.47 ? 242 ILE B O   1 
ATOM   410  C CB  . ILE A 1 59 ? 9.510   4.428   10.733  1.00 41.25 ? 242 ILE B CB  1 
ATOM   411  C CG1 . ILE A 1 59 ? 8.851   3.789   9.509   1.00 44.04 ? 242 ILE B CG1 1 
ATOM   412  C CG2 . ILE A 1 59 ? 10.595  3.531   11.317  1.00 43.38 ? 242 ILE B CG2 1 
ATOM   413  C CD1 . ILE A 1 59 ? 8.749   2.274   9.569   1.00 45.41 ? 242 ILE B CD1 1 
ATOM   414  N N   . SER A 1 60 ? 9.891   5.690   13.608  1.00 36.47 ? 243 SER B N   1 
ATOM   415  C CA  . SER A 1 60 ? 10.565  5.784   14.938  1.00 39.74 ? 243 SER B CA  1 
ATOM   416  C C   . SER A 1 60 ? 9.540   5.676   16.063  1.00 39.35 ? 243 SER B C   1 
ATOM   417  O O   . SER A 1 60 ? 9.753   4.842   16.971  1.00 38.40 ? 243 SER B O   1 
ATOM   418  C CB  . SER A 1 60 ? 11.344  7.060   15.077  1.00 38.69 ? 243 SER B CB  1 
ATOM   419  O OG  . SER A 1 60 ? 12.349  7.117   14.080  1.00 47.99 ? 243 SER B OG  1 
ATOM   420  N N   . ALA A 1 61 ? 8.492   6.502   15.980  1.00 40.83 ? 244 ALA B N   1 
ATOM   421  C CA  . ALA A 1 61 ? 7.392   6.596   16.964  1.00 39.78 ? 244 ALA B CA  1 
ATOM   422  C C   . ALA A 1 61 ? 6.745   5.220   17.107  1.00 42.78 ? 244 ALA B C   1 
ATOM   423  O O   . ALA A 1 61 ? 6.591   4.745   18.253  1.00 44.90 ? 244 ALA B O   1 
ATOM   424  C CB  . ALA A 1 61 ? 6.400   7.650   16.536  1.00 41.23 ? 244 ALA B CB  1 
ATOM   425  N N   . LEU A 1 62 ? 6.409   4.587   15.979  1.00 37.39 ? 245 LEU B N   1 
ATOM   426  C CA  . LEU A 1 62 ? 5.708   3.274   15.959  1.00 36.71 ? 245 LEU B CA  1 
ATOM   427  C C   . LEU A 1 62 ? 6.595   2.195   16.580  1.00 37.22 ? 245 LEU B C   1 
ATOM   428  O O   . LEU A 1 62 ? 6.063   1.362   17.346  1.00 41.42 ? 245 LEU B O   1 
ATOM   429  C CB  . LEU A 1 62 ? 5.340   2.916   14.515  1.00 32.94 ? 245 LEU B CB  1 
ATOM   430  C CG  . LEU A 1 62 ? 4.130   3.663   13.969  1.00 32.11 ? 245 LEU B CG  1 
ATOM   431  C CD1 . LEU A 1 62 ? 4.065   3.553   12.448  1.00 31.01 ? 245 LEU B CD1 1 
ATOM   432  C CD2 . LEU A 1 62 ? 2.839   3.159   14.604  1.00 30.57 ? 245 LEU B CD2 1 
ATOM   433  N N   . ARG A 1 63 ? 7.880   2.202   16.234  1.00 37.56 ? 246 ARG B N   1 
ATOM   434  C CA  . ARG A 1 63 ? 8.859   1.166   16.658  1.00 44.33 ? 246 ARG B CA  1 
ATOM   435  C C   . ARG A 1 63 ? 8.963   1.168   18.183  1.00 48.37 ? 246 ARG B C   1 
ATOM   436  O O   . ARG A 1 63 ? 9.034   0.064   18.758  1.00 54.22 ? 246 ARG B O   1 
ATOM   437  C CB  . ARG A 1 63 ? 10.228  1.414   16.026  1.00 44.66 ? 246 ARG B CB  1 
ATOM   438  C CG  . ARG A 1 63 ? 10.344  0.843   14.625  1.00 45.06 ? 246 ARG B CG  1 
ATOM   439  C CD  . ARG A 1 63 ? 11.702  1.042   13.985  1.00 48.86 ? 246 ARG B CD  1 
ATOM   440  N NE  . ARG A 1 63 ? 11.682  0.355   12.695  1.00 53.79 ? 246 ARG B NE  1 
ATOM   441  C CZ  . ARG A 1 63 ? 12.369  0.709   11.613  1.00 53.00 ? 246 ARG B CZ  1 
ATOM   442  N NH1 . ARG A 1 63 ? 12.236  0.004   10.501  1.00 56.49 ? 246 ARG B NH1 1 
ATOM   443  N NH2 . ARG A 1 63 ? 13.177  1.756   11.635  1.00 51.93 ? 246 ARG B NH2 1 
ATOM   444  N N   . LYS A 1 64 ? 8.966   2.360   18.791  1.00 48.97 ? 247 LYS B N   1 
ATOM   445  C CA  . LYS A 1 64 ? 9.148   2.548   20.257  1.00 50.15 ? 247 LYS B CA  1 
ATOM   446  C C   . LYS A 1 64 ? 7.856   2.189   20.989  1.00 47.01 ? 247 LYS B C   1 
ATOM   447  O O   . LYS A 1 64 ? 7.926   1.429   21.973  1.00 46.18 ? 247 LYS B O   1 
ATOM   448  C CB  . LYS A 1 64 ? 9.596   3.979   20.569  1.00 54.37 ? 247 LYS B CB  1 
ATOM   449  C CG  . LYS A 1 64 ? 11.109  4.152   20.550  1.00 57.05 ? 247 LYS B CG  1 
ATOM   450  C CD  . LYS A 1 64 ? 11.596  5.473   20.021  1.00 59.46 ? 247 LYS B CD  1 
ATOM   451  C CE  . LYS A 1 64 ? 13.035  5.389   19.558  1.00 60.94 ? 247 LYS B CE  1 
ATOM   452  N NZ  . LYS A 1 64 ? 13.561  6.720   19.175  1.00 62.34 ? 247 LYS B NZ  1 
ATOM   453  N N   . LYS A 1 65 ? 6.724   2.689   20.501  1.00 43.24 ? 248 LYS B N   1 
ATOM   454  C CA  . LYS A 1 65 ? 5.459   2.709   21.269  1.00 42.07 ? 248 LYS B CA  1 
ATOM   455  C C   . LYS A 1 65 ? 4.566   1.517   20.927  1.00 42.11 ? 248 LYS B C   1 
ATOM   456  O O   . LYS A 1 65 ? 3.785   1.152   21.809  1.00 38.99 ? 248 LYS B O   1 
ATOM   457  C CB  . LYS A 1 65 ? 4.698   4.006   21.007  1.00 44.46 ? 248 LYS B CB  1 
ATOM   458  C CG  . LYS A 1 65 ? 5.414   5.273   21.455  1.00 47.51 ? 248 LYS B CG  1 
ATOM   459  C CD  . LYS A 1 65 ? 4.447   6.415   21.631  1.00 51.11 ? 248 LYS B CD  1 
ATOM   460  C CE  . LYS A 1 65 ? 4.848   7.686   20.913  1.00 56.11 ? 248 LYS B CE  1 
ATOM   461  N NZ  . LYS A 1 65 ? 5.659   8.564   21.785  1.00 61.63 ? 248 LYS B NZ  1 
ATOM   462  N N   . VAL A 1 66 ? 4.645   0.943   19.714  1.00 41.36 ? 249 VAL B N   1 
ATOM   463  C CA  . VAL A 1 66 ? 3.628   -0.047  19.234  1.00 41.67 ? 249 VAL B CA  1 
ATOM   464  C C   . VAL A 1 66 ? 4.290   -1.401  18.917  1.00 41.07 ? 249 VAL B C   1 
ATOM   465  O O   . VAL A 1 66 ? 3.885   -2.412  19.525  1.00 44.36 ? 249 VAL B O   1 
ATOM   466  C CB  . VAL A 1 66 ? 2.827   0.475   18.022  1.00 43.23 ? 249 VAL B CB  1 
ATOM   467  C CG1 . VAL A 1 66 ? 1.827   -0.567  17.546  1.00 45.04 ? 249 VAL B CG1 1 
ATOM   468  C CG2 . VAL A 1 66 ? 2.117   1.795   18.305  1.00 43.51 ? 249 VAL B CG2 1 
ATOM   469  N N   . GLY A 1 67 ? 5.226   -1.445  17.970  1.00 40.96 ? 250 GLY B N   1 
ATOM   470  C CA  . GLY A 1 67 ? 5.773   -2.715  17.453  1.00 41.63 ? 250 GLY B CA  1 
ATOM   471  C C   . GLY A 1 67 ? 6.786   -2.495  16.348  1.00 40.72 ? 250 GLY B C   1 
ATOM   472  O O   . GLY A 1 67 ? 6.897   -1.350  15.867  1.00 42.07 ? 250 GLY B O   1 
ATOM   473  N N   . ASP A 1 68 ? 7.520   -3.545  15.972  1.00 42.08 ? 251 ASP B N   1 
ATOM   474  C CA  . ASP A 1 68 ? 8.515   -3.490  14.868  1.00 38.68 ? 251 ASP B CA  1 
ATOM   475  C C   . ASP A 1 68 ? 7.766   -2.988  13.637  1.00 34.48 ? 251 ASP B C   1 
ATOM   476  O O   . ASP A 1 68 ? 6.608   -3.419  13.421  1.00 35.99 ? 251 ASP B O   1 
ATOM   477  C CB  . ASP A 1 68 ? 9.185   -4.846  14.607  1.00 41.97 ? 251 ASP B CB  1 
ATOM   478  C CG  . ASP A 1 68 ? 10.128  -5.308  15.710  1.00 46.65 ? 251 ASP B CG  1 
ATOM   479  O OD1 . ASP A 1 68 ? 10.541  -4.459  16.534  1.00 50.49 ? 251 ASP B OD1 1 
ATOM   480  O OD2 . ASP A 1 68 ? 10.425  -6.520  15.751  1.00 48.61 ? 251 ASP B OD2 1 
ATOM   481  N N   . ALA A 1 69 ? 8.367   -2.067  12.900  1.00 36.32 ? 252 ALA B N   1 
ATOM   482  C CA  . ALA A 1 69 ? 7.700   -1.448  11.728  1.00 34.73 ? 252 ALA B CA  1 
ATOM   483  C C   . ALA A 1 69 ? 8.655   -1.420  10.535  1.00 37.14 ? 252 ALA B C   1 
ATOM   484  O O   . ALA A 1 69 ? 9.873   -1.211  10.726  1.00 37.73 ? 252 ALA B O   1 
ATOM   485  C CB  . ALA A 1 69 ? 7.181   -0.083  12.075  1.00 32.17 ? 252 ALA B CB  1 
ATOM   486  N N   . GLU A 1 70 ? 8.091   -1.647  9.347   1.00 34.20 ? 253 GLU B N   1 
ATOM   487  C CA  . GLU A 1 70 ? 8.799   -1.653  8.052   1.00 32.19 ? 253 GLU B CA  1 
ATOM   488  C C   . GLU A 1 70 ? 8.052   -0.704  7.108   1.00 25.75 ? 253 GLU B C   1 
ATOM   489  O O   . GLU A 1 70 ? 6.834   -0.837  6.982   1.00 24.42 ? 253 GLU B O   1 
ATOM   490  C CB  . GLU A 1 70 ? 8.835   -3.084  7.519   1.00 34.63 ? 253 GLU B CB  1 
ATOM   491  C CG  . GLU A 1 70 ? 9.926   -3.297  6.493   1.00 43.05 ? 253 GLU B CG  1 
ATOM   492  C CD  . GLU A 1 70 ? 9.897   -4.640  5.787   1.00 44.49 ? 253 GLU B CD  1 
ATOM   493  O OE1 . GLU A 1 70 ? 9.170   -5.549  6.263   1.00 49.91 ? 253 GLU B OE1 1 
ATOM   494  O OE2 . GLU A 1 70 ? 10.585  -4.765  4.743   1.00 53.37 ? 253 GLU B OE2 1 
ATOM   495  N N   . LEU A 1 71 ? 8.754   0.249   6.511   1.00 25.44 ? 254 LEU B N   1 
ATOM   496  C CA  . LEU A 1 71 ? 8.212   1.074   5.410   1.00 22.11 ? 254 LEU B CA  1 
ATOM   497  C C   . LEU A 1 71 ? 8.088   0.217   4.143   1.00 21.08 ? 254 LEU B C   1 
ATOM   498  O O   . LEU A 1 71 ? 9.085   -0.396  3.740   1.00 20.65 ? 254 LEU B O   1 
ATOM   499  C CB  . LEU A 1 71 ? 9.146   2.254   5.189   1.00 23.19 ? 254 LEU B CB  1 
ATOM   500  C CG  . LEU A 1 71 ? 8.683   3.294   4.179   1.00 25.17 ? 254 LEU B CG  1 
ATOM   501  C CD1 . LEU A 1 71 ? 7.375   3.927   4.609   1.00 25.56 ? 254 LEU B CD1 1 
ATOM   502  C CD2 . LEU A 1 71 ? 9.746   4.357   3.998   1.00 26.36 ? 254 LEU B CD2 1 
ATOM   503  N N   . LEU A 1 72 ? 6.903   0.202   3.536   1.00 17.64 ? 255 LEU B N   1 
ATOM   504  C CA  . LEU A 1 72 ? 6.590   -0.700  2.388   1.00 17.96 ? 255 LEU B CA  1 
ATOM   505  C C   . LEU A 1 72 ? 6.203   0.092   1.141   1.00 16.35 ? 255 LEU B C   1 
ATOM   506  O O   . LEU A 1 72 ? 6.363   -0.455  0.035   1.00 18.21 ? 255 LEU B O   1 
ATOM   507  C CB  . LEU A 1 72 ? 5.464   -1.654  2.741   1.00 20.83 ? 255 LEU B CB  1 
ATOM   508  C CG  . LEU A 1 72 ? 5.824   -2.709  3.792   1.00 23.22 ? 255 LEU B CG  1 
ATOM   509  C CD1 . LEU A 1 72 ? 4.694   -3.700  3.913   1.00 25.42 ? 255 LEU B CD1 1 
ATOM   510  C CD2 . LEU A 1 72 ? 7.130   -3.406  3.444   1.00 24.58 ? 255 LEU B CD2 1 
ATOM   511  N N   . GLN A 1 73 ? 5.693   1.310   1.277   1.00 17.10 ? 256 GLN B N   1 
ATOM   512  C CA  . GLN A 1 73 ? 5.363   2.130   0.089   1.00 17.14 ? 256 GLN B CA  1 
ATOM   513  C C   . GLN A 1 73 ? 5.524   3.600   0.406   1.00 17.19 ? 256 GLN B C   1 
ATOM   514  O O   . GLN A 1 73 ? 5.156   4.009   1.493   1.00 18.13 ? 256 GLN B O   1 
ATOM   515  C CB  . GLN A 1 73 ? 3.938   1.873   -0.402  1.00 18.43 ? 256 GLN B CB  1 
ATOM   516  C CG  . GLN A 1 73 ? 3.576   2.649   -1.668  1.00 21.93 ? 256 GLN B CG  1 
ATOM   517  C CD  . GLN A 1 73 ? 2.135   2.426   -2.063  1.00 22.59 ? 256 GLN B CD  1 
ATOM   518  O OE1 . GLN A 1 73 ? 1.535   1.372   -1.791  1.00 24.47 ? 256 GLN B OE1 1 
ATOM   519  N NE2 . GLN A 1 73 ? 1.587   3.436   -2.720  1.00 20.15 ? 256 GLN B NE2 1 
ATOM   520  N N   . VAL A 1 74 ? 6.035   4.322   -0.580  1.00 19.86 ? 257 VAL B N   1 
ATOM   521  C CA  . VAL A 1 74 ? 5.995   5.798   -0.619  1.00 21.15 ? 257 VAL B CA  1 
ATOM   522  C C   . VAL A 1 74 ? 5.571   6.165   -2.028  1.00 21.67 ? 257 VAL B C   1 
ATOM   523  O O   . VAL A 1 74 ? 6.186   5.716   -3.000  1.00 25.17 ? 257 VAL B O   1 
ATOM   524  C CB  . VAL A 1 74 ? 7.335   6.453   -0.249  1.00 22.91 ? 257 VAL B CB  1 
ATOM   525  C CG1 . VAL A 1 74 ? 7.175   7.970   -0.237  1.00 24.48 ? 257 VAL B CG1 1 
ATOM   526  C CG2 . VAL A 1 74 ? 7.861   5.929   1.072   1.00 23.94 ? 257 VAL B CG2 1 
ATOM   527  N N   . SER A 1 75 ? 4.502   6.939   -2.134  1.00 19.78 ? 258 SER B N   1 
ATOM   528  C CA  . SER A 1 75 ? 4.022   7.431   -3.445  1.00 19.78 ? 258 SER B CA  1 
ATOM   529  C C   . SER A 1 75 ? 3.407   8.801   -3.264  1.00 18.98 ? 258 SER B C   1 
ATOM   530  O O   . SER A 1 75 ? 3.234   9.216   -2.122  1.00 19.95 ? 258 SER B O   1 
ATOM   531  C CB  . SER A 1 75 ? 3.037   6.513   -4.061  1.00 22.94 ? 258 SER B CB  1 
ATOM   532  O OG  . SER A 1 75 ? 1.961   6.251   -3.172  1.00 23.63 ? 258 SER B OG  1 
ATOM   533  N N   . GLN A 1 76 ? 3.215   9.473   -4.392  1.00 23.10 ? 259 GLN B N   1 
ATOM   534  C CA  . GLN A 1 76 ? 2.588   10.807  -4.449  1.00 24.19 ? 259 GLN B CA  1 
ATOM   535  C C   . GLN A 1 76 ? 1.163   10.611  -4.940  1.00 21.83 ? 259 GLN B C   1 
ATOM   536  O O   . GLN A 1 76 ? 0.909   9.697   -5.729  1.00 20.49 ? 259 GLN B O   1 
ATOM   537  C CB  . GLN A 1 76 ? 3.372   11.718  -5.387  1.00 30.46 ? 259 GLN B CB  1 
ATOM   538  C CG  . GLN A 1 76 ? 4.792   11.960  -4.911  1.00 37.34 ? 259 GLN B CG  1 
ATOM   539  C CD  . GLN A 1 76 ? 5.487   12.989  -5.769  1.00 43.67 ? 259 GLN B CD  1 
ATOM   540  O OE1 . GLN A 1 76 ? 5.541   12.856  -6.990  1.00 45.10 ? 259 GLN B OE1 1 
ATOM   541  N NE2 . GLN A 1 76 ? 6.014   14.024  -5.126  1.00 49.22 ? 259 GLN B NE2 1 
ATOM   542  N N   . ALA A 1 77 ? 0.256   11.421  -4.446  1.00 19.85 ? 260 ALA B N   1 
ATOM   543  C CA  . ALA A 1 77 ? -1.143  11.413  -4.915  1.00 21.19 ? 260 ALA B CA  1 
ATOM   544  C C   . ALA A 1 77 ? -1.168  12.075  -6.287  1.00 22.73 ? 260 ALA B C   1 
ATOM   545  O O   . ALA A 1 77 ? -0.561  13.124  -6.468  1.00 25.59 ? 260 ALA B O   1 
ATOM   546  C CB  . ALA A 1 77 ? -2.066  12.097  -3.952  1.00 22.82 ? 260 ALA B CB  1 
ATOM   547  N N   . LYS A 1 78 ? -1.785  11.408  -7.246  1.00 22.42 ? 261 LYS B N   1 
ATOM   548  C CA  . LYS A 1 78 ? -1.896  11.938  -8.613  1.00 21.08 ? 261 LYS B CA  1 
ATOM   549  C C   . LYS A 1 78 ? -2.964  13.038  -8.652  1.00 25.69 ? 261 LYS B C   1 
ATOM   550  O O   . LYS A 1 78 ? -4.147  12.739  -8.361  1.00 26.86 ? 261 LYS B O   1 
ATOM   551  C CB  . LYS A 1 78 ? -2.243  10.835  -9.602  1.00 20.79 ? 261 LYS B CB  1 
ATOM   552  C CG  . LYS A 1 78 ? -2.305  11.325  -11.040 1.00 19.66 ? 261 LYS B CG  1 
ATOM   553  C CD  . LYS A 1 78 ? -2.635  10.273  -12.065 1.00 19.59 ? 261 LYS B CD  1 
ATOM   554  C CE  . LYS A 1 78 ? -4.073  9.802   -11.929 1.00 19.91 ? 261 LYS B CE  1 
ATOM   555  N NZ  . LYS A 1 78 ? -4.476  8.923   -13.064 1.00 21.01 ? 261 LYS B NZ  1 
ATOM   556  N N   . GLU A 1 79 ? -2.557  14.234  -9.064  1.00 28.55 ? 262 GLU B N   1 
ATOM   557  C CA  . GLU A 1 79 ? -3.472  15.366  -9.398  1.00 36.79 ? 262 GLU B CA  1 
ATOM   558  C C   . GLU A 1 79 ? -3.258  15.710  -10.879 1.00 43.36 ? 262 GLU B C   1 
ATOM   559  O O   . GLU A 1 79 ? -2.119  16.072  -11.244 1.00 53.82 ? 262 GLU B O   1 
ATOM   560  C CB  . GLU A 1 79 ? -3.189  16.580  -8.513  1.00 38.32 ? 262 GLU B CB  1 
ATOM   561  C CG  . GLU A 1 79 ? -3.101  16.250  -7.040  1.00 41.56 ? 262 GLU B CG  1 
ATOM   562  C CD  . GLU A 1 79 ? -2.510  17.357  -6.177  1.00 49.77 ? 262 GLU B CD  1 
ATOM   563  O OE1 . GLU A 1 79 ? -1.828  18.269  -6.735  1.00 44.79 ? 262 GLU B OE1 1 
ATOM   564  O OE2 . GLU A 1 79 ? -2.717  17.303  -4.937  1.00 51.60 ? 262 GLU B OE2 1 
ATOM   565  N N   . ASP A 1 80 ? -4.297  15.581  -11.703 1.00 55.32 ? 263 ASP B N   1 
ATOM   566  C CA  . ASP A 1 80 ? -4.203  15.721  -13.183 1.00 61.54 ? 263 ASP B CA  1 
ATOM   567  C C   . ASP A 1 80 ? -4.012  17.200  -13.552 1.00 66.60 ? 263 ASP B C   1 
ATOM   568  O O   . ASP A 1 80 ? -3.579  17.990  -12.703 1.00 67.37 ? 263 ASP B O   1 
ATOM   569  C CB  . ASP A 1 80 ? -5.420  15.077  -13.851 1.00 63.61 ? 263 ASP B CB  1 
ATOM   570  C CG  . ASP A 1 80 ? -5.391  13.559  -13.783 1.00 62.58 ? 263 ASP B CG  1 
ATOM   571  O OD1 . ASP A 1 80 ? -4.282  12.995  -13.872 1.00 60.15 ? 263 ASP B OD1 1 
ATOM   572  O OD2 . ASP A 1 80 ? -6.470  12.955  -13.644 1.00 64.00 ? 263 ASP B OD2 1 
ATOM   573  O OXT . ASP A 1 80 ? -4.265  17.636  -14.697 1.00 61.01 ? 263 ASP B OXT 1 
ATOM   574  N N   A ARG B 2 11 ? 1.750   -22.114 -13.366 0.50 25.28 ? 31  ARG C N   1 
ATOM   575  C CA  A ARG B 2 11 ? 0.322   -21.763 -13.582 0.50 24.05 ? 31  ARG C CA  1 
ATOM   576  C C   A ARG B 2 11 ? 0.233   -20.245 -13.769 0.50 24.51 ? 31  ARG C C   1 
ATOM   577  O O   A ARG B 2 11 ? 0.695   -19.505 -12.877 0.50 24.74 ? 31  ARG C O   1 
ATOM   578  C CB  A ARG B 2 11 ? -0.527  -22.245 -12.396 0.50 24.69 ? 31  ARG C CB  1 
ATOM   579  C CG  A ARG B 2 11 ? -2.020  -22.036 -12.594 0.50 24.19 ? 31  ARG C CG  1 
ATOM   580  C CD  A ARG B 2 11 ? -2.831  -22.394 -11.365 0.50 25.72 ? 31  ARG C CD  1 
ATOM   581  N NE  A ARG B 2 11 ? -2.525  -21.476 -10.275 0.50 26.62 ? 31  ARG C NE  1 
ATOM   582  C CZ  A ARG B 2 11 ? -3.116  -21.500 -9.087  0.50 26.56 ? 31  ARG C CZ  1 
ATOM   583  N NH1 A ARG B 2 11 ? -2.779  -20.622 -8.153  0.50 25.28 ? 31  ARG C NH1 1 
ATOM   584  N NH2 A ARG B 2 11 ? -4.058  -22.396 -8.850  0.50 27.80 ? 31  ARG C NH2 1 
ATOM   585  N N   A ALA B 2 12 ? -0.329  -19.782 -14.886 0.50 24.52 ? 32  ALA C N   1 
ATOM   586  N N   B ALA B 2 12 ? 1.168   -20.497 -12.437 0.50 19.24 ? 32  ALA C N   1 
ATOM   587  C CA  A ALA B 2 12 ? -0.432  -18.336 -15.168 0.50 22.63 ? 32  ALA C CA  1 
ATOM   588  C CA  B ALA B 2 12 ? 0.399   -19.469 -13.180 0.50 20.18 ? 32  ALA C CA  1 
ATOM   589  C C   A ALA B 2 12 ? -1.311  -17.730 -14.078 0.50 22.69 ? 32  ALA C C   1 
ATOM   590  C C   B ALA B 2 12 ? -0.389  -18.600 -12.195 0.50 19.91 ? 32  ALA C C   1 
ATOM   591  O O   A ALA B 2 12 ? -2.410  -18.275 -13.824 0.50 21.67 ? 32  ALA C O   1 
ATOM   592  O O   B ALA B 2 12 ? -0.775  -19.106 -11.096 0.50 20.05 ? 32  ALA C O   1 
ATOM   593  C CB  A ALA B 2 12 ? -0.967  -18.084 -16.557 0.50 22.06 ? 32  ALA C CB  1 
ATOM   594  C CB  B ALA B 2 12 ? -0.528  -20.126 -14.177 0.50 21.47 ? 32  ALA C CB  1 
ATOM   595  N N   A ILE B 2 13 ? -0.783  -16.713 -13.395 0.50 23.17 ? 33  ILE C N   1 
ATOM   596  N N   B ILE B 2 13 ? -0.625  -17.349 -12.584 0.50 19.53 ? 33  ILE C N   1 
ATOM   597  C CA  A ILE B 2 13 ? -1.499  -15.983 -12.313 0.50 23.52 ? 33  ILE C CA  1 
ATOM   598  C CA  B ILE B 2 13 ? -1.549  -16.405 -11.886 0.50 21.34 ? 33  ILE C CA  1 
ATOM   599  C C   A ILE B 2 13 ? -2.864  -15.622 -12.870 0.50 22.70 ? 33  ILE C C   1 
ATOM   600  C C   B ILE B 2 13 ? -2.758  -16.162 -12.788 0.50 21.37 ? 33  ILE C C   1 
ATOM   601  O O   A ILE B 2 13 ? -2.926  -14.986 -13.975 0.50 23.95 ? 33  ILE C O   1 
ATOM   602  O O   B ILE B 2 13 ? -2.577  -16.139 -13.998 0.50 25.27 ? 33  ILE C O   1 
ATOM   603  C CB  A ILE B 2 13 ? -0.729  -14.736 -11.854 0.50 22.89 ? 33  ILE C CB  1 
ATOM   604  C CB  B ILE B 2 13 ? -0.864  -15.073 -11.549 0.50 20.11 ? 33  ILE C CB  1 
ATOM   605  C CG1 A ILE B 2 13 ? 0.428   -15.089 -10.914 0.50 23.62 ? 33  ILE C CG1 1 
ATOM   606  C CG1 B ILE B 2 13 ? 0.392   -15.263 -10.699 0.50 21.20 ? 33  ILE C CG1 1 
ATOM   607  C CG2 A ILE B 2 13 ? -1.685  -13.742 -11.219 0.50 21.87 ? 33  ILE C CG2 1 
ATOM   608  C CG2 B ILE B 2 13 ? -1.856  -14.135 -10.882 0.50 18.97 ? 33  ILE C CG2 1 
ATOM   609  C CD1 A ILE B 2 13 ? 1.567   -14.102 -10.947 0.50 23.93 ? 33  ILE C CD1 1 
ATOM   610  C CD1 B ILE B 2 13 ? 1.226   -14.024 -10.590 0.50 21.39 ? 33  ILE C CD1 1 
ATOM   611  N N   . ASP B 2 14 ? -3.929  -16.004 -12.167 1.00 22.96 ? 34  ASP C N   1 
ATOM   612  C CA  . ASP B 2 14 ? -5.260  -15.779 -12.760 1.00 22.12 ? 34  ASP C CA  1 
ATOM   613  C C   . ASP B 2 14 ? -5.910  -14.595 -12.035 1.00 20.43 ? 34  ASP C C   1 
ATOM   614  O O   . ASP B 2 14 ? -6.556  -14.808 -11.003 1.00 20.95 ? 34  ASP C O   1 
ATOM   615  C CB  . ASP B 2 14 ? -6.084  -17.050 -12.665 1.00 23.99 ? 34  ASP C CB  1 
ATOM   616  C CG  . ASP B 2 14 ? -7.462  -16.865 -13.264 1.00 23.21 ? 34  ASP C CG  1 
ATOM   617  O OD1 . ASP B 2 14 ? -7.752  -15.740 -13.749 1.00 25.37 ? 34  ASP C OD1 1 
ATOM   618  O OD2 . ASP B 2 14 ? -8.210  -17.849 -13.241 1.00 25.64 ? 34  ASP C OD2 1 
ATOM   619  N N   . LEU B 2 15 ? -5.776  -13.393 -12.558 1.00 21.40 ? 35  LEU C N   1 
ATOM   620  C CA  . LEU B 2 15 ? -6.263  -12.165 -11.877 1.00 22.10 ? 35  LEU C CA  1 
ATOM   621  C C   . LEU B 2 15 ? -7.791  -12.187 -11.731 1.00 20.10 ? 35  LEU C C   1 
ATOM   622  O O   . LEU B 2 15 ? -8.318  -11.513 -10.815 1.00 20.97 ? 35  LEU C O   1 
ATOM   623  C CB  . LEU B 2 15 ? -5.818  -10.928 -12.663 1.00 26.97 ? 35  LEU C CB  1 
ATOM   624  C CG  . LEU B 2 15 ? -4.350  -10.536 -12.514 1.00 29.61 ? 35  LEU C CG  1 
ATOM   625  C CD1 . LEU B 2 15 ? -4.066  -9.269  -13.326 1.00 32.93 ? 35  LEU C CD1 1 
ATOM   626  C CD2 . LEU B 2 15 ? -4.001  -10.328 -11.048 1.00 27.57 ? 35  LEU C CD2 1 
ATOM   627  N N   . SER B 2 16 ? -8.504  -12.890 -12.619 1.00 22.55 ? 36  SER C N   1 
ATOM   628  C CA  . SER B 2 16 ? -9.986  -12.976 -12.563 1.00 21.85 ? 36  SER C CA  1 
ATOM   629  C C   . SER B 2 16 ? -10.409 -13.684 -11.271 1.00 20.87 ? 36  SER C C   1 
ATOM   630  O O   . SER B 2 16 ? -11.571 -13.501 -10.866 1.00 23.21 ? 36  SER C O   1 
ATOM   631  C CB  . SER B 2 16 ? -10.606 -13.658 -13.778 1.00 22.41 ? 36  SER C CB  1 
ATOM   632  O OG  . SER B 2 16 ? -10.341 -15.063 -13.837 1.00 25.80 ? 36  SER C OG  1 
ATOM   633  N N   . ARG B 2 17 ? -9.548  -14.513 -10.685 1.00 18.97 ? 37  ARG C N   1 
ATOM   634  C CA  A ARG B 2 17 ? -9.880  -15.321 -9.481  0.50 19.73 ? 37  ARG C CA  1 
ATOM   635  C CA  B ARG B 2 17 ? -9.874  -15.314 -9.478  0.50 19.95 ? 37  ARG C CA  1 
ATOM   636  C C   . ARG B 2 17 ? -9.250  -14.697 -8.224  1.00 20.74 ? 37  ARG C C   1 
ATOM   637  O O   . ARG B 2 17 ? -9.255  -15.366 -7.154  1.00 22.71 ? 37  ARG C O   1 
ATOM   638  C CB  A ARG B 2 17 ? -9.440  -16.770 -9.696  0.50 20.73 ? 37  ARG C CB  1 
ATOM   639  C CB  B ARG B 2 17 ? -9.359  -16.741 -9.631  0.50 21.18 ? 37  ARG C CB  1 
ATOM   640  C CG  A ARG B 2 17 ? -10.292 -17.498 -10.731 0.50 21.94 ? 37  ARG C CG  1 
ATOM   641  C CG  B ARG B 2 17 ? -10.314 -17.640 -10.395 0.50 23.02 ? 37  ARG C CG  1 
ATOM   642  C CD  A ARG B 2 17 ? -9.975  -18.972 -10.930 0.50 22.34 ? 37  ARG C CD  1 
ATOM   643  C CD  B ARG B 2 17 ? -10.188 -19.021 -9.813  0.50 23.82 ? 37  ARG C CD  1 
ATOM   644  N NE  A ARG B 2 17 ? -11.187 -19.776 -10.781 0.50 23.07 ? 37  ARG C NE  1 
ATOM   645  N NE  B ARG B 2 17 ? -11.250 -19.335 -8.872  0.50 25.43 ? 37  ARG C NE  1 
ATOM   646  C CZ  A ARG B 2 17 ? -11.860 -20.346 -11.772 0.50 25.31 ? 37  ARG C CZ  1 
ATOM   647  C CZ  B ARG B 2 17 ? -12.296 -20.077 -9.162  0.50 24.55 ? 37  ARG C CZ  1 
ATOM   648  N NH1 A ARG B 2 17 ? -12.952 -21.046 -11.510 0.50 28.31 ? 37  ARG C NH1 1 
ATOM   649  N NH1 B ARG B 2 17 ? -12.428 -20.548 -10.383 0.50 25.06 ? 37  ARG C NH1 1 
ATOM   650  N NH2 A ARG B 2 17 ? -11.430 -20.257 -13.008 0.50 23.23 ? 37  ARG C NH2 1 
ATOM   651  N NH2 B ARG B 2 17 ? -13.196 -20.359 -8.236  0.50 28.42 ? 37  ARG C NH2 1 
ATOM   652  N N   . GLU B 2 18 ? -8.733  -13.484 -8.333  1.00 16.90 ? 38  GLU C N   1 
ATOM   653  C CA  . GLU B 2 18 ? -8.219  -12.742 -7.162  1.00 16.30 ? 38  GLU C CA  1 
ATOM   654  C C   . GLU B 2 18 ? -9.318  -11.880 -6.540  1.00 15.77 ? 38  GLU C C   1 
ATOM   655  O O   . GLU B 2 18 ? -9.898  -10.998 -7.219  1.00 16.83 ? 38  GLU C O   1 
ATOM   656  C CB  . GLU B 2 18 ? -7.002  -11.896 -7.541  1.00 16.56 ? 38  GLU C CB  1 
ATOM   657  C CG  . GLU B 2 18 ? -5.765  -12.687 -7.867  1.00 17.07 ? 38  GLU C CG  1 
ATOM   658  C CD  . GLU B 2 18 ? -5.208  -13.557 -6.757  1.00 17.75 ? 38  GLU C CD  1 
ATOM   659  O OE1 . GLU B 2 18 ? -5.534  -13.320 -5.575  1.00 18.18 ? 38  GLU C OE1 1 
ATOM   660  O OE2 . GLU B 2 18 ? -4.570  -14.621 -7.079  1.00 23.32 ? 38  GLU C OE2 1 
ATOM   661  N N   . ARG B 2 19 ? -9.623  -12.160 -5.277  1.00 15.84 ? 39  ARG C N   1 
ATOM   662  C CA  . ARG B 2 19 ? -10.551 -11.327 -4.462  1.00 14.87 ? 39  ARG C CA  1 
ATOM   663  C C   . ARG B 2 19 ? -10.017 -9.916  -4.358  1.00 16.29 ? 39  ARG C C   1 
ATOM   664  O O   . ARG B 2 19 ? -8.792  -9.677  -4.436  1.00 16.01 ? 39  ARG C O   1 
ATOM   665  C CB  . ARG B 2 19 ? -10.730 -11.942 -3.075  1.00 16.99 ? 39  ARG C CB  1 
ATOM   666  C CG  . ARG B 2 19 ? -9.534  -11.776 -2.157  1.00 17.98 ? 39  ARG C CG  1 
ATOM   667  C CD  . ARG B 2 19 ? -9.671  -12.617 -0.898  1.00 21.12 ? 39  ARG C CD  1 
ATOM   668  N NE  . ARG B 2 19 ? -8.508  -12.525 -0.025  1.00 21.89 ? 39  ARG C NE  1 
ATOM   669  C CZ  . ARG B 2 19 ? -7.382  -13.230 -0.152  1.00 20.87 ? 39  ARG C CZ  1 
ATOM   670  N NH1 . ARG B 2 19 ? -7.218  -14.072 -1.153  1.00 21.21 ? 39  ARG C NH1 1 
ATOM   671  N NH2 . ARG B 2 19 ? -6.406  -13.086 0.718   1.00 23.25 ? 39  ARG C NH2 1 
ATOM   672  N N   . ASP B 2 20 ? -10.937 -8.964  -4.202  1.00 16.08 ? 40  ASP C N   1 
ATOM   673  C CA  . ASP B 2 20 ? -10.536 -7.553  -4.059  1.00 17.38 ? 40  ASP C CA  1 
ATOM   674  C C   . ASP B 2 20 ? -9.542  -7.393  -2.924  1.00 15.73 ? 40  ASP C C   1 
ATOM   675  O O   . ASP B 2 20 ? -9.519  -8.095  -1.899  1.00 16.97 ? 40  ASP C O   1 
ATOM   676  C CB  . ASP B 2 20 ? -11.740 -6.651  -3.813  1.00 17.40 ? 40  ASP C CB  1 
ATOM   677  C CG  . ASP B 2 20 ? -12.666 -6.571  -4.997  1.00 19.44 ? 40  ASP C CG  1 
ATOM   678  O OD1 . ASP B 2 20 ? -12.246 -6.906  -6.154  1.00 18.79 ? 40  ASP C OD1 1 
ATOM   679  O OD2 . ASP B 2 20 ? -13.847 -6.219  -4.741  1.00 23.44 ? 40  ASP C OD2 1 
ATOM   680  N N   . PRO B 2 21 ? -8.689  -6.380  -3.062  1.00 16.56 ? 41  PRO C N   1 
ATOM   681  C CA  . PRO B 2 21 ? -7.902  -5.913  -1.935  1.00 16.58 ? 41  PRO C CA  1 
ATOM   682  C C   . PRO B 2 21 ? -8.784  -5.334  -0.819  1.00 18.31 ? 41  PRO C C   1 
ATOM   683  O O   . PRO B 2 21 ? -9.969  -5.062  -1.025  1.00 18.10 ? 41  PRO C O   1 
ATOM   684  C CB  . PRO B 2 21 ? -7.056  -4.780  -2.542  1.00 17.98 ? 41  PRO C CB  1 
ATOM   685  C CG  . PRO B 2 21 ? -7.173  -4.965  -4.030  1.00 18.50 ? 41  PRO C CG  1 
ATOM   686  C CD  . PRO B 2 21 ? -8.536  -5.570  -4.266  1.00 16.49 ? 41  PRO C CD  1 
ATOM   687  N N   . ASN B 2 22 ? -8.211  -5.310  0.369   1.00 19.59 ? 42  ASN C N   1 
ATOM   688  C CA  A ASN B 2 22 ? -8.727  -4.592  1.554   0.50 19.69 ? 42  ASN C CA  1 
ATOM   689  C CA  B ASN B 2 22 ? -8.729  -4.577  1.553   0.50 20.81 ? 42  ASN C CA  1 
ATOM   690  C C   . ASN B 2 22 ? -8.146  -3.178  1.479   1.00 21.23 ? 42  ASN C C   1 
ATOM   691  O O   . ASN B 2 22 ? -6.946  -3.049  1.746   1.00 22.17 ? 42  ASN C O   1 
ATOM   692  C CB  A ASN B 2 22 ? -8.344  -5.401  2.795   0.50 21.12 ? 42  ASN C CB  1 
ATOM   693  C CB  B ASN B 2 22 ? -8.295  -5.185  2.888   0.50 24.06 ? 42  ASN C CB  1 
ATOM   694  C CG  A ASN B 2 22 ? -8.750  -4.748  4.091   0.50 20.76 ? 42  ASN C CG  1 
ATOM   695  C CG  B ASN B 2 22 ? -9.047  -6.446  3.234   0.50 24.97 ? 42  ASN C CG  1 
ATOM   696  O OD1 A ASN B 2 22 ? -8.011  -4.811  5.067   0.50 21.29 ? 42  ASN C OD1 1 
ATOM   697  O OD1 B ASN B 2 22 ? -10.218 -6.580  2.893   0.50 30.22 ? 42  ASN C OD1 1 
ATOM   698  N ND2 A ASN B 2 22 ? -9.925  -4.149  4.093   0.50 20.49 ? 42  ASN C ND2 1 
ATOM   699  N ND2 B ASN B 2 22 ? -8.377  -7.369  3.906   0.50 28.77 ? 42  ASN C ND2 1 
ATOM   700  N N   . PHE B 2 23 ? -8.949  -2.195  1.088   1.00 19.28 ? 43  PHE C N   1 
ATOM   701  C CA  . PHE B 2 23 ? -8.432  -0.849  0.760   1.00 20.25 ? 43  PHE C CA  1 
ATOM   702  C C   . PHE B 2 23 ? -9.296  0.212   1.429   1.00 20.50 ? 43  PHE C C   1 
ATOM   703  O O   . PHE B 2 23 ? -10.402 -0.077  1.915   1.00 22.04 ? 43  PHE C O   1 
ATOM   704  C CB  . PHE B 2 23 ? -8.385  -0.667  -0.754  1.00 20.88 ? 43  PHE C CB  1 
ATOM   705  C CG  . PHE B 2 23 ? -9.747  -0.616  -1.386  1.00 23.30 ? 43  PHE C CG  1 
ATOM   706  C CD1 . PHE B 2 23 ? -10.437 -1.780  -1.681  1.00 23.77 ? 43  PHE C CD1 1 
ATOM   707  C CD2 . PHE B 2 23 ? -10.340 0.599   -1.689  1.00 25.96 ? 43  PHE C CD2 1 
ATOM   708  C CE1 . PHE B 2 23 ? -11.697 -1.731  -2.260  1.00 26.39 ? 43  PHE C CE1 1 
ATOM   709  C CE2 . PHE B 2 23 ? -11.608 0.646   -2.247  1.00 27.03 ? 43  PHE C CE2 1 
ATOM   710  C CZ  . PHE B 2 23 ? -12.277 -0.514  -2.537  1.00 28.09 ? 43  PHE C CZ  1 
ATOM   711  N N   . PHE B 2 24 ? -8.832  1.454   1.348   1.00 20.47 ? 44  PHE C N   1 
ATOM   712  C CA  . PHE B 2 24 ? -9.559  2.644   1.856   1.00 21.64 ? 44  PHE C CA  1 
ATOM   713  C C   . PHE B 2 24 ? -9.344  3.810   0.898   1.00 21.40 ? 44  PHE C C   1 
ATOM   714  O O   . PHE B 2 24 ? -8.171  4.161   0.663   1.00 22.13 ? 44  PHE C O   1 
ATOM   715  C CB  . PHE B 2 24 ? -9.071  3.030   3.243   1.00 22.35 ? 44  PHE C CB  1 
ATOM   716  C CG  . PHE B 2 24 ? -9.768  4.251   3.786   1.00 25.63 ? 44  PHE C CG  1 
ATOM   717  C CD1 . PHE B 2 24 ? -11.147 4.264   3.927   1.00 31.07 ? 44  PHE C CD1 1 
ATOM   718  C CD2 . PHE B 2 24 ? -9.061  5.387   4.108   1.00 25.73 ? 44  PHE C CD2 1 
ATOM   719  C CE1 . PHE B 2 24 ? -11.795 5.395   4.392   1.00 33.18 ? 44  PHE C CE1 1 
ATOM   720  C CE2 . PHE B 2 24 ? -9.707  6.508   4.594   1.00 30.08 ? 44  PHE C CE2 1 
ATOM   721  C CZ  . PHE B 2 24 ? -11.069 6.505   4.741   1.00 29.84 ? 44  PHE C CZ  1 
ATOM   722  N N   . ASP B 2 25 ? -10.414 4.370   0.321   1.00 20.92 ? 45  ASP C N   1 
ATOM   723  C CA  . ASP B 2 25 ? -10.297 5.558   -0.552  1.00 21.06 ? 45  ASP C CA  1 
ATOM   724  C C   . ASP B 2 25 ? -10.237 6.794   0.358   1.00 22.25 ? 45  ASP C C   1 
ATOM   725  O O   . ASP B 2 25 ? -11.284 7.338   0.756   1.00 22.97 ? 45  ASP C O   1 
ATOM   726  C CB  . ASP B 2 25 ? -11.375 5.604   -1.635  1.00 20.83 ? 45  ASP C CB  1 
ATOM   727  C CG  . ASP B 2 25 ? -11.284 4.473   -2.661  1.00 21.82 ? 45  ASP C CG  1 
ATOM   728  O OD1 . ASP B 2 25 ? -10.159 4.017   -2.971  1.00 21.87 ? 45  ASP C OD1 1 
ATOM   729  O OD2 . ASP B 2 25 ? -12.354 4.045   -3.135  1.00 24.28 ? 45  ASP C OD2 1 
ATOM   730  N N   . HIS B 2 26 ? -9.024  7.253   0.613   1.00 20.21 ? 46  HIS C N   1 
ATOM   731  C CA  . HIS B 2 26 ? -8.723  8.432   1.451   1.00 22.92 ? 46  HIS C CA  1 
ATOM   732  C C   . HIS B 2 26 ? -9.499  9.644   0.941   1.00 21.27 ? 46  HIS C C   1 
ATOM   733  O O   . HIS B 2 26 ? -9.599  9.887   -0.266  1.00 21.14 ? 46  HIS C O   1 
ATOM   734  C CB  . HIS B 2 26 ? -7.223  8.681   1.450   1.00 21.46 ? 46  HIS C CB  1 
ATOM   735  C CG  . HIS B 2 26 ? -6.481  7.584   2.134   1.00 20.32 ? 46  HIS C CG  1 
ATOM   736  N ND1 . HIS B 2 26 ? -6.217  7.583   3.492   1.00 22.47 ? 46  HIS C ND1 1 
ATOM   737  C CD2 . HIS B 2 26 ? -6.012  6.407   1.649   1.00 19.79 ? 46  HIS C CD2 1 
ATOM   738  C CE1 . HIS B 2 26 ? -5.558  6.476   3.807   1.00 22.85 ? 46  HIS C CE1 1 
ATOM   739  N NE2 . HIS B 2 26 ? -5.418  5.737   2.690   1.00 19.91 ? 46  HIS C NE2 1 
ATOM   740  N N   . PRO B 2 27 ? -10.090 10.417  1.883   1.00 22.96 ? 47  PRO C N   1 
ATOM   741  C CA  . PRO B 2 27 ? -11.026 11.487  1.505   1.00 25.06 ? 47  PRO C CA  1 
ATOM   742  C C   . PRO B 2 27 ? -10.446 12.749  0.834   1.00 26.11 ? 47  PRO C C   1 
ATOM   743  O O   . PRO B 2 27 ? -11.183 13.439  0.115   1.00 28.19 ? 47  PRO C O   1 
ATOM   744  C CB  . PRO B 2 27 ? -11.698 11.791  2.849   1.00 22.46 ? 47  PRO C CB  1 
ATOM   745  C CG  . PRO B 2 27 ? -10.659 11.425  3.872   1.00 24.36 ? 47  PRO C CG  1 
ATOM   746  C CD  . PRO B 2 27 ? -10.031 10.165  3.327   1.00 22.82 ? 47  PRO C CD  1 
ATOM   747  N N   . GLY B 2 28 ? -9.168  13.033  1.045   1.00 25.54 ? 48  GLY C N   1 
ATOM   748  C CA  . GLY B 2 28 ? -8.558  14.300  0.600   1.00 24.53 ? 48  GLY C CA  1 
ATOM   749  C C   . GLY B 2 28 ? -7.763  14.153  -0.672  1.00 22.62 ? 48  GLY C C   1 
ATOM   750  O O   . GLY B 2 28 ? -7.133  15.161  -1.062  1.00 25.19 ? 48  GLY C O   1 
ATOM   751  N N   . ILE B 2 29 ? -7.733  12.962  -1.286  1.00 21.61 ? 49  ILE C N   1 
ATOM   752  C CA  . ILE B 2 29 ? -6.995  12.741  -2.562  1.00 20.97 ? 49  ILE C CA  1 
ATOM   753  C C   . ILE B 2 29 ? -7.897  12.047  -3.576  1.00 20.20 ? 49  ILE C C   1 
ATOM   754  O O   . ILE B 2 29 ? -8.891  11.404  -3.225  1.00 21.06 ? 49  ILE C O   1 
ATOM   755  C CB  . ILE B 2 29 ? -5.692  11.953  -2.328  1.00 21.75 ? 49  ILE C CB  1 
ATOM   756  C CG1 . ILE B 2 29 ? -5.983  10.650  -1.587  1.00 20.82 ? 49  ILE C CG1 1 
ATOM   757  C CG2 . ILE B 2 29 ? -4.646  12.795  -1.612  1.00 22.88 ? 49  ILE C CG2 1 
ATOM   758  C CD1 . ILE B 2 29 ? -4.814  9.700   -1.552  1.00 22.06 ? 49  ILE C CD1 1 
ATOM   759  N N   . PRO B 2 30 ? -7.588  12.157  -4.877  1.00 21.31 ? 50  PRO C N   1 
ATOM   760  C CA  . PRO B 2 30 ? -8.402  11.511  -5.888  1.00 22.23 ? 50  PRO C CA  1 
ATOM   761  C C   . PRO B 2 30 ? -8.467  10.008  -5.619  1.00 23.95 ? 50  PRO C C   1 
ATOM   762  O O   . PRO B 2 30 ? -7.546  9.426   -5.053  1.00 21.20 ? 50  PRO C O   1 
ATOM   763  C CB  . PRO B 2 30 ? -7.692  11.854  -7.198  1.00 23.30 ? 50  PRO C CB  1 
ATOM   764  C CG  . PRO B 2 30 ? -7.068  13.173  -6.875  1.00 23.56 ? 50  PRO C CG  1 
ATOM   765  C CD  . PRO B 2 30 ? -6.512  12.963  -5.484  1.00 22.52 ? 50  PRO C CD  1 
ATOM   766  N N   . VAL B 2 31 ? -9.601  9.429   -5.991  1.00 22.00 ? 51  VAL C N   1 
ATOM   767  C CA  . VAL B 2 31 ? -9.798  7.964   -5.913  1.00 21.77 ? 51  VAL C CA  1 
ATOM   768  C C   . VAL B 2 31 ? -8.880  7.286   -6.930  1.00 20.53 ? 51  VAL C C   1 
ATOM   769  O O   . VAL B 2 31 ? -8.949  7.567   -8.121  1.00 21.47 ? 51  VAL C O   1 
ATOM   770  C CB  . VAL B 2 31 ? -11.274 7.590   -6.130  1.00 22.60 ? 51  VAL C CB  1 
ATOM   771  C CG1 . VAL B 2 31 ? -11.426 6.080   -6.070  1.00 25.26 ? 51  VAL C CG1 1 
ATOM   772  C CG2 . VAL B 2 31 ? -12.180 8.266   -5.112  1.00 23.51 ? 51  VAL C CG2 1 
ATOM   773  N N   . PRO B 2 32 ? -7.978  6.368   -6.490  1.00 19.54 ? 52  PRO C N   1 
ATOM   774  C CA  . PRO B 2 32 ? -7.067  5.682   -7.412  1.00 19.00 ? 52  PRO C CA  1 
ATOM   775  C C   . PRO B 2 32 ? -7.819  4.685   -8.290  1.00 19.20 ? 52  PRO C C   1 
ATOM   776  O O   . PRO B 2 32 ? -8.772  4.057   -7.791  1.00 21.43 ? 52  PRO C O   1 
ATOM   777  C CB  . PRO B 2 32 ? -6.055  4.972   -6.492  1.00 18.91 ? 52  PRO C CB  1 
ATOM   778  C CG  . PRO B 2 32 ? -6.780  4.815   -5.178  1.00 18.48 ? 52  PRO C CG  1 
ATOM   779  C CD  . PRO B 2 32 ? -7.748  5.987   -5.085  1.00 18.49 ? 52  PRO C CD  1 
ATOM   780  N N   . GLU B 2 33 ? -7.397  4.534   -9.541  1.00 18.47 ? 53  GLU C N   1 
ATOM   781  C CA  . GLU B 2 33 ? -8.202  3.827   -10.576 1.00 17.84 ? 53  GLU C CA  1 
ATOM   782  C C   . GLU B 2 33 ? -7.907  2.334   -10.610 1.00 16.90 ? 53  GLU C C   1 
ATOM   783  O O   . GLU B 2 33 ? -8.632  1.587   -11.297 1.00 17.13 ? 53  GLU C O   1 
ATOM   784  C CB  . GLU B 2 33 ? -7.924  4.409   -11.961 1.00 17.57 ? 53  GLU C CB  1 
ATOM   785  C CG  . GLU B 2 33 ? -8.172  5.905   -11.998 1.00 20.79 ? 53  GLU C CG  1 
ATOM   786  C CD  . GLU B 2 33 ? -6.971  6.804   -11.762 1.00 21.56 ? 53  GLU C CD  1 
ATOM   787  O OE1 . GLU B 2 33 ? -5.984  6.352   -11.074 1.00 19.33 ? 53  GLU C OE1 1 
ATOM   788  O OE2 . GLU B 2 33 ? -7.036  8.016   -12.201 1.00 20.71 ? 53  GLU C OE2 1 
ATOM   789  N N   . CYS B 2 34 ? -6.819  1.898   -9.974  1.00 17.69 ? 54  CYS C N   1 
ATOM   790  C CA  . CYS B 2 34 ? -6.297  0.526   -10.126 1.00 16.47 ? 54  CYS C CA  1 
ATOM   791  C C   . CYS B 2 34 ? -6.296  -0.281  -8.820  1.00 16.66 ? 54  CYS C C   1 
ATOM   792  O O   . CYS B 2 34 ? -6.103  0.269   -7.766  1.00 16.01 ? 54  CYS C O   1 
ATOM   793  C CB  . CYS B 2 34 ? -4.854  0.531   -10.595 1.00 15.46 ? 54  CYS C CB  1 
ATOM   794  S SG  . CYS B 2 34 ? -4.540  1.570   -12.057 1.00 20.20 ? 54  CYS C SG  1 
ATOM   795  N N   . PHE B 2 35 ? -6.376  -1.589  -8.982  1.00 15.33 ? 55  PHE C N   1 
ATOM   796  C CA  . PHE B 2 35 ? -5.964  -2.552  -7.938  1.00 16.28 ? 55  PHE C CA  1 
ATOM   797  C C   . PHE B 2 35 ? -4.601  -3.111  -8.348  1.00 16.42 ? 55  PHE C C   1 
ATOM   798  O O   . PHE B 2 35 ? -4.395  -3.401  -9.544  1.00 17.25 ? 55  PHE C O   1 
ATOM   799  C CB  . PHE B 2 35 ? -6.991  -3.667  -7.772  1.00 15.41 ? 55  PHE C CB  1 
ATOM   800  C CG  . PHE B 2 35 ? -8.324  -3.303  -7.173  1.00 16.06 ? 55  PHE C CG  1 
ATOM   801  C CD1 . PHE B 2 35 ? -8.413  -2.409  -6.108  1.00 17.15 ? 55  PHE C CD1 1 
ATOM   802  C CD2 . PHE B 2 35 ? -9.490  -3.883  -7.649  1.00 17.67 ? 55  PHE C CD2 1 
ATOM   803  C CE1 . PHE B 2 35 ? -9.635  -2.104  -5.523  1.00 19.09 ? 55  PHE C CE1 1 
ATOM   804  C CE2 . PHE B 2 35 ? -10.705 -3.602  -7.046  1.00 18.34 ? 55  PHE C CE2 1 
ATOM   805  C CZ  . PHE B 2 35 ? -10.786 -2.718  -5.990  1.00 19.11 ? 55  PHE C CZ  1 
ATOM   806  N N   . TRP B 2 36 ? -3.737  -3.393  -7.373  1.00 14.53 ? 56  TRP C N   1 
ATOM   807  C CA  . TRP B 2 36 ? -2.474  -4.122  -7.571  1.00 13.74 ? 56  TRP C CA  1 
ATOM   808  C C   . TRP B 2 36 ? -2.491  -5.361  -6.699  1.00 14.05 ? 56  TRP C C   1 
ATOM   809  O O   . TRP B 2 36 ? -3.123  -5.355  -5.630  1.00 14.10 ? 56  TRP C O   1 
ATOM   810  C CB  . TRP B 2 36 ? -1.224  -3.262  -7.308  1.00 14.26 ? 56  TRP C CB  1 
ATOM   811  C CG  . TRP B 2 36 ? -1.152  -2.694  -5.925  1.00 13.69 ? 56  TRP C CG  1 
ATOM   812  C CD1 . TRP B 2 36 ? -1.513  -1.436  -5.525  1.00 15.11 ? 56  TRP C CD1 1 
ATOM   813  C CD2 . TRP B 2 36 ? -0.623  -3.352  -4.757  1.00 14.42 ? 56  TRP C CD2 1 
ATOM   814  N NE1 . TRP B 2 36 ? -1.300  -1.292  -4.185  1.00 15.30 ? 56  TRP C NE1 1 
ATOM   815  C CE2 . TRP B 2 36 ? -0.718  -2.436  -3.697  1.00 15.55 ? 56  TRP C CE2 1 
ATOM   816  C CE3 . TRP B 2 36 ? -0.093  -4.624  -4.510  1.00 13.75 ? 56  TRP C CE3 1 
ATOM   817  C CZ2 . TRP B 2 36 ? -0.359  -2.785  -2.404  1.00 14.67 ? 56  TRP C CZ2 1 
ATOM   818  C CZ3 . TRP B 2 36 ? 0.299   -4.952  -3.235  1.00 13.64 ? 56  TRP C CZ3 1 
ATOM   819  C CH2 . TRP B 2 36 ? 0.133   -4.053  -2.188  1.00 14.26 ? 56  TRP C CH2 1 
ATOM   820  N N   . PHE B 2 37 ? -1.762  -6.376  -7.166  1.00 13.32 ? 57  PHE C N   1 
ATOM   821  C CA  . PHE B 2 37 ? -1.642  -7.682  -6.472  1.00 13.30 ? 57  PHE C CA  1 
ATOM   822  C C   . PHE B 2 37 ? -0.180  -8.098  -6.557  1.00 14.43 ? 57  PHE C C   1 
ATOM   823  O O   . PHE B 2 37 ? 0.332   -8.159  -7.669  1.00 14.69 ? 57  PHE C O   1 
ATOM   824  C CB  . PHE B 2 37 ? -2.571  -8.712  -7.123  1.00 14.20 ? 57  PHE C CB  1 
ATOM   825  C CG  . PHE B 2 37 ? -4.025  -8.316  -7.228  1.00 14.26 ? 57  PHE C CG  1 
ATOM   826  C CD1 . PHE B 2 37 ? -4.454  -7.488  -8.254  1.00 14.30 ? 57  PHE C CD1 1 
ATOM   827  C CD2 . PHE B 2 37 ? -4.951  -8.734  -6.281  1.00 14.58 ? 57  PHE C CD2 1 
ATOM   828  C CE1 . PHE B 2 37 ? -5.780  -7.079  -8.332  1.00 16.64 ? 57  PHE C CE1 1 
ATOM   829  C CE2 . PHE B 2 37 ? -6.275  -8.322  -6.362  1.00 14.77 ? 57  PHE C CE2 1 
ATOM   830  C CZ  . PHE B 2 37 ? -6.675  -7.491  -7.367  1.00 16.32 ? 57  PHE C CZ  1 
ATOM   831  N N   . MET B 2 38 ? 0.416   -8.379  -5.415  1.00 13.30 ? 58  MET C N   1 
ATOM   832  C CA  . MET B 2 38 ? 1.852   -8.729  -5.291  1.00 14.10 ? 58  MET C CA  1 
ATOM   833  C C   . MET B 2 38 ? 1.943   -10.230 -5.074  1.00 15.38 ? 58  MET C C   1 
ATOM   834  O O   . MET B 2 38 ? 1.200   -10.765 -4.195  1.00 14.02 ? 58  MET C O   1 
ATOM   835  C CB  . MET B 2 38 ? 2.527   -7.995  -4.130  1.00 16.47 ? 58  MET C CB  1 
ATOM   836  C CG  . MET B 2 38 ? 3.986   -8.396  -4.024  1.00 17.00 ? 58  MET C CG  1 
ATOM   837  S SD  . MET B 2 38 ? 4.875   -7.385  -2.812  1.00 24.85 ? 58  MET C SD  1 
ATOM   838  C CE  . MET B 2 38 ? 4.548   -5.739  -3.366  1.00 29.54 ? 58  MET C CE  1 
ATOM   839  N N   . PHE B 2 39 ? 2.810   -10.912 -5.832  1.00 14.47 ? 59  PHE C N   1 
ATOM   840  C CA  . PHE B 2 39 ? 3.011   -12.383 -5.761  1.00 14.50 ? 59  PHE C CA  1 
ATOM   841  C C   . PHE B 2 39 ? 4.470   -12.739 -5.532  1.00 15.49 ? 59  PHE C C   1 
ATOM   842  O O   . PHE B 2 39 ? 5.336   -12.024 -6.068  1.00 14.46 ? 59  PHE C O   1 
ATOM   843  C CB  . PHE B 2 39 ? 2.527   -13.100 -7.019  1.00 14.62 ? 59  PHE C CB  1 
ATOM   844  C CG  . PHE B 2 39 ? 1.074   -12.845 -7.329  1.00 14.18 ? 59  PHE C CG  1 
ATOM   845  C CD1 . PHE B 2 39 ? 0.670   -11.672 -7.962  1.00 14.13 ? 59  PHE C CD1 1 
ATOM   846  C CD2 . PHE B 2 39 ? 0.103   -13.740 -6.927  1.00 14.51 ? 59  PHE C CD2 1 
ATOM   847  C CE1 . PHE B 2 39 ? -0.675  -11.430 -8.223  1.00 13.85 ? 59  PHE C CE1 1 
ATOM   848  C CE2 . PHE B 2 39 ? -1.234  -13.492 -7.187  1.00 14.97 ? 59  PHE C CE2 1 
ATOM   849  C CZ  . PHE B 2 39 ? -1.624  -12.333 -7.809  1.00 14.82 ? 59  PHE C CZ  1 
ATOM   850  N N   . LYS B 2 40 ? 4.685   -13.820 -4.783  1.00 14.61 ? 60  LYS C N   1 
ATOM   851  C CA  . LYS B 2 40 ? 5.999   -14.511 -4.640  1.00 16.38 ? 60  LYS C CA  1 
ATOM   852  C C   . LYS B 2 40 ? 5.773   -15.943 -5.090  1.00 15.36 ? 60  LYS C C   1 
ATOM   853  O O   . LYS B 2 40 ? 4.925   -16.610 -4.467  1.00 16.77 ? 60  LYS C O   1 
ATOM   854  C CB  . LYS B 2 40 ? 6.512   -14.508 -3.200  1.00 19.12 ? 60  LYS C CB  1 
ATOM   855  C CG  . LYS B 2 40 ? 7.947   -15.026 -3.024  1.00 21.45 ? 60  LYS C CG  1 
ATOM   856  C CD  . LYS B 2 40 ? 8.273   -15.255 -1.568  1.00 24.85 ? 60  LYS C CD  1 
ATOM   857  C CE  . LYS B 2 40 ? 9.623   -15.851 -1.254  1.00 29.00 ? 60  LYS C CE  1 
ATOM   858  N NZ  . LYS B 2 40 ? 9.516   -16.701 -0.038  1.00 35.09 ? 60  LYS C NZ  1 
ATOM   859  N N   . ASN B 2 41 ? 6.419   -16.386 -6.171  1.00 17.54 ? 61  ASN C N   1 
ATOM   860  C CA  . ASN B 2 41 ? 6.286   -17.778 -6.669  1.00 17.22 ? 61  ASN C CA  1 
ATOM   861  C C   . ASN B 2 41 ? 4.804   -18.026 -6.952  1.00 17.48 ? 61  ASN C C   1 
ATOM   862  O O   . ASN B 2 41 ? 4.300   -19.123 -6.642  1.00 17.59 ? 61  ASN C O   1 
ATOM   863  C CB  . ASN B 2 41 ? 6.876   -18.780 -5.668  1.00 19.51 ? 61  ASN C CB  1 
ATOM   864  C CG  . ASN B 2 41 ? 8.345   -18.568 -5.363  1.00 22.39 ? 61  ASN C CG  1 
ATOM   865  O OD1 . ASN B 2 41 ? 8.797   -18.808 -4.243  1.00 29.83 ? 61  ASN C OD1 1 
ATOM   866  N ND2 . ASN B 2 41 ? 9.089   -18.115 -6.337  1.00 23.00 ? 61  ASN C ND2 1 
ATOM   867  N N   . ASN B 2 42 ? 4.146   -17.021 -7.541  1.00 17.30 ? 62  ASN C N   1 
ATOM   868  C CA  . ASN B 2 42 ? 2.713   -17.074 -7.935  1.00 17.89 ? 62  ASN C CA  1 
ATOM   869  C C   . ASN B 2 42 ? 1.786   -17.297 -6.731  1.00 17.50 ? 62  ASN C C   1 
ATOM   870  O O   . ASN B 2 42 ? 0.641   -17.695 -6.955  1.00 20.02 ? 62  ASN C O   1 
ATOM   871  C CB  . ASN B 2 42 ? 2.478   -18.134 -9.016  1.00 20.73 ? 62  ASN C CB  1 
ATOM   872  C CG  . ASN B 2 42 ? 3.311   -17.881 -10.254 1.00 22.07 ? 62  ASN C CG  1 
ATOM   873  O OD1 . ASN B 2 42 ? 3.580   -16.748 -10.615 1.00 24.10 ? 62  ASN C OD1 1 
ATOM   874  N ND2 . ASN B 2 42 ? 3.799   -18.944 -10.856 1.00 33.85 ? 62  ASN C ND2 1 
ATOM   875  N N   . VAL B 2 43 ? 2.208   -16.915 -5.531  1.00 16.32 ? 63  VAL C N   1 
ATOM   876  C CA  . VAL B 2 43 ? 1.355   -16.949 -4.317  1.00 17.68 ? 63  VAL C CA  1 
ATOM   877  C C   . VAL B 2 43 ? 1.133   -15.498 -3.890  1.00 13.75 ? 63  VAL C C   1 
ATOM   878  O O   . VAL B 2 43 ? 2.106   -14.765 -3.677  1.00 14.76 ? 63  VAL C O   1 
ATOM   879  C CB  . VAL B 2 43 ? 1.967   -17.809 -3.208  1.00 20.35 ? 63  VAL C CB  1 
ATOM   880  C CG1 . VAL B 2 43 ? 1.108   -17.794 -1.941  1.00 21.35 ? 63  VAL C CG1 1 
ATOM   881  C CG2 . VAL B 2 43 ? 2.173   -19.231 -3.692  1.00 22.16 ? 63  VAL C CG2 1 
ATOM   882  N N   . ARG B 2 44 ? -0.134  -15.126 -3.784  1.00 15.07 ? 64  ARG C N   1 
ATOM   883  C CA  . ARG B 2 44 ? -0.531  -13.753 -3.388  1.00 14.69 ? 64  ARG C CA  1 
ATOM   884  C C   . ARG B 2 44 ? 0.040   -13.402 -2.012  1.00 16.23 ? 64  ARG C C   1 
ATOM   885  O O   . ARG B 2 44 ? -0.144  -14.210 -1.047  1.00 16.47 ? 64  ARG C O   1 
ATOM   886  C CB  . ARG B 2 44 ? -2.043  -13.619 -3.435  1.00 15.27 ? 64  ARG C CB  1 
ATOM   887  C CG  . ARG B 2 44 ? -2.530  -12.305 -2.859  1.00 15.04 ? 64  ARG C CG  1 
ATOM   888  C CD  . ARG B 2 44 ? -3.999  -12.226 -3.116  1.00 15.03 ? 64  ARG C CD  1 
ATOM   889  N NE  . ARG B 2 44 ? -4.614  -11.075 -2.482  1.00 15.59 ? 64  ARG C NE  1 
ATOM   890  C CZ  . ARG B 2 44 ? -5.809  -10.634 -2.841  1.00 14.24 ? 64  ARG C CZ  1 
ATOM   891  N NH1 . ARG B 2 44 ? -6.422  -11.151 -3.885  1.00 15.36 ? 64  ARG C NH1 1 
ATOM   892  N NH2 . ARG B 2 44 ? -6.343  -9.602  -2.221  1.00 16.43 ? 64  ARG C NH2 1 
ATOM   893  N N   . GLN B 2 45 ? 0.725   -12.265 -1.930  1.00 16.15 ? 65  GLN C N   1 
ATOM   894  C CA  . GLN B 2 45 ? 1.341   -11.736 -0.684  1.00 16.62 ? 65  GLN C CA  1 
ATOM   895  C C   . GLN B 2 45 ? 0.479   -10.624 -0.103  1.00 17.22 ? 65  GLN C C   1 
ATOM   896  O O   . GLN B 2 45 ? 0.342   -10.545 1.112   1.00 19.58 ? 65  GLN C O   1 
ATOM   897  C CB  . GLN B 2 45 ? 2.752   -11.230 -0.981  1.00 17.33 ? 65  GLN C CB  1 
ATOM   898  C CG  . GLN B 2 45 ? 3.600   -12.267 -1.695  1.00 19.04 ? 65  GLN C CG  1 
ATOM   899  C CD  . GLN B 2 45 ? 3.981   -13.348 -0.723  1.00 21.27 ? 65  GLN C CD  1 
ATOM   900  O OE1 . GLN B 2 45 ? 4.655   -13.063 0.257   1.00 25.55 ? 65  GLN C OE1 1 
ATOM   901  N NE2 . GLN B 2 45 ? 3.529   -14.567 -0.977  1.00 20.81 ? 65  GLN C NE2 1 
ATOM   902  N N   . ASP B 2 46 ? 0.009   -9.729  -0.956  1.00 16.04 ? 66  ASP C N   1 
ATOM   903  C CA  . ASP B 2 46 ? -0.878  -8.639  -0.550  1.00 17.00 ? 66  ASP C CA  1 
ATOM   904  C C   . ASP B 2 46 ? -1.423  -7.998  -1.806  1.00 14.50 ? 66  ASP C C   1 
ATOM   905  O O   . ASP B 2 46 ? -1.094  -8.411  -2.918  1.00 14.16 ? 66  ASP C O   1 
ATOM   906  C CB  . ASP B 2 46 ? -0.151  -7.611  0.315   1.00 18.83 ? 66  ASP C CB  1 
ATOM   907  C CG  . ASP B 2 46 ? -1.104  -6.917  1.270   1.00 20.25 ? 66  ASP C CG  1 
ATOM   908  O OD1 . ASP B 2 46 ? -2.305  -7.157  1.178   1.00 22.29 ? 66  ASP C OD1 1 
ATOM   909  O OD2 . ASP B 2 46 ? -0.617  -6.162  2.099   1.00 33.38 ? 66  ASP C OD2 1 
ATOM   910  N N   . ALA B 2 47 ? -2.284  -7.012  -1.602  1.00 15.02 ? 67  ALA C N   1 
ATOM   911  C CA  . ALA B 2 47 ? -2.929  -6.283  -2.684  1.00 14.48 ? 67  ALA C CA  1 
ATOM   912  C C   . ALA B 2 47 ? -3.325  -4.909  -2.177  1.00 14.54 ? 67  ALA C C   1 
ATOM   913  O O   . ALA B 2 47 ? -3.481  -4.733  -0.974  1.00 17.51 ? 67  ALA C O   1 
ATOM   914  C CB  . ALA B 2 47 ? -4.128  -7.038  -3.143  1.00 15.17 ? 67  ALA C CB  1 
ATOM   915  N N   . GLY B 2 48 ? -3.561  -3.995  -3.089  1.00 13.38 ? 68  GLY C N   1 
ATOM   916  C CA  . GLY B 2 48 ? -4.010  -2.651  -2.691  1.00 14.57 ? 68  GLY C CA  1 
ATOM   917  C C   . GLY B 2 48 ? -4.476  -1.849  -3.880  1.00 14.07 ? 68  GLY C C   1 
ATOM   918  O O   . GLY B 2 48 ? -4.792  -2.417  -4.928  1.00 15.38 ? 68  GLY C O   1 
ATOM   919  N N   . THR B 2 49 ? -4.502  -0.531  -3.728  1.00 15.29 ? 69  THR C N   1 
ATOM   920  C CA  . THR B 2 49 ? -4.915  0.388   -4.806  1.00 15.27 ? 69  THR C CA  1 
ATOM   921  C C   . THR B 2 49 ? -3.721  1.215   -5.272  1.00 14.96 ? 69  THR C C   1 
ATOM   922  O O   . THR B 2 49 ? -2.800  1.426   -4.480  1.00 15.11 ? 69  THR C O   1 
ATOM   923  C CB  . THR B 2 49 ? -6.057  1.309   -4.366  1.00 16.29 ? 69  THR C CB  1 
ATOM   924  O OG1 . THR B 2 49 ? -5.615  2.052   -3.237  1.00 16.70 ? 69  THR C OG1 1 
ATOM   925  C CG2 . THR B 2 49 ? -7.355  0.593   -4.066  1.00 18.86 ? 69  THR C CG2 1 
ATOM   926  N N   . CYS B 2 50 ? -3.771  1.694   -6.508  1.00 14.57 ? 70  CYS C N   1 
ATOM   927  C CA  . CYS B 2 50 ? -2.778  2.662   -7.023  1.00 14.78 ? 70  CYS C CA  1 
ATOM   928  C C   . CYS B 2 50 ? -3.409  3.456   -8.159  1.00 15.85 ? 70  CYS C C   1 
ATOM   929  O O   . CYS B 2 50 ? -4.436  3.014   -8.741  1.00 16.64 ? 70  CYS C O   1 
ATOM   930  C CB  . CYS B 2 50 ? -1.479  1.979   -7.472  1.00 16.43 ? 70  CYS C CB  1 
ATOM   931  S SG  . CYS B 2 50 ? -1.636  0.751   -8.790  1.00 17.81 ? 70  CYS C SG  1 
ATOM   932  N N   . TYR B 2 51 ? -2.773  4.566   -8.506  1.00 16.13 ? 71  TYR C N   1 
ATOM   933  C CA  . TYR B 2 51 ? -3.243  5.412   -9.623  1.00 16.98 ? 71  TYR C CA  1 
ATOM   934  C C   . TYR B 2 51 ? -2.830  4.816   -10.959 1.00 17.51 ? 71  TYR C C   1 
ATOM   935  O O   . TYR B 2 51 ? -1.742  4.210   -11.050 1.00 17.12 ? 71  TYR C O   1 
ATOM   936  C CB  . TYR B 2 51 ? -2.712  6.836   -9.530  1.00 17.58 ? 71  TYR C CB  1 
ATOM   937  C CG  . TYR B 2 51 ? -3.292  7.571   -8.356  1.00 17.36 ? 71  TYR C CG  1 
ATOM   938  C CD1 . TYR B 2 51 ? -4.612  8.015   -8.374  1.00 16.99 ? 71  TYR C CD1 1 
ATOM   939  C CD2 . TYR B 2 51 ? -2.581  7.716   -7.184  1.00 18.18 ? 71  TYR C CD2 1 
ATOM   940  C CE1 . TYR B 2 51 ? -5.163  8.686   -7.296  1.00 18.27 ? 71  TYR C CE1 1 
ATOM   941  C CE2 . TYR B 2 51 ? -3.135  8.332   -6.080  1.00 18.39 ? 71  TYR C CE2 1 
ATOM   942  C CZ  . TYR B 2 51 ? -4.431  8.820   -6.129  1.00 18.72 ? 71  TYR C CZ  1 
ATOM   943  O OH  . TYR B 2 51 ? -4.948  9.408   -5.020  1.00 19.90 ? 71  TYR C OH  1 
ATOM   944  N N   . SER B 2 52 ? -3.648  5.072   -11.988 1.00 18.56 ? 72  SER C N   1 
ATOM   945  C CA  . SER B 2 52 ? -3.325  4.779   -13.406 1.00 18.67 ? 72  SER C CA  1 
ATOM   946  C C   . SER B 2 52 ? -2.415  5.897   -13.927 1.00 18.14 ? 72  SER C C   1 
ATOM   947  O O   . SER B 2 52 ? -2.404  6.985   -13.338 1.00 18.16 ? 72  SER C O   1 
ATOM   948  C CB  . SER B 2 52 ? -4.578  4.654   -14.238 1.00 18.72 ? 72  SER C CB  1 
ATOM   949  O OG  . SER B 2 52 ? -5.327  5.832   -14.142 1.00 20.16 ? 72  SER C OG  1 
ATOM   950  N N   . SER B 2 53 ? -1.708  5.614   -14.997 1.00 19.63 ? 73  SER C N   1 
ATOM   951  C CA  . SER B 2 53 ? -0.833  6.579   -15.723 1.00 20.59 ? 73  SER C CA  1 
ATOM   952  C C   . SER B 2 53 ? 0.106   7.236   -14.708 1.00 21.01 ? 73  SER C C   1 
ATOM   953  O O   . SER B 2 53 ? 0.190   8.484   -14.639 1.00 22.21 ? 73  SER C O   1 
ATOM   954  C CB  . SER B 2 53 ? -1.637  7.568   -16.502 1.00 23.04 ? 73  SER C CB  1 
ATOM   955  O OG  . SER B 2 53 ? -2.388  6.887   -17.477 1.00 24.83 ? 73  SER C OG  1 
ATOM   956  N N   . TRP B 2 54 ? 0.711   6.420   -13.833 1.00 20.07 ? 74  TRP C N   1 
ATOM   957  C CA  . TRP B 2 54 ? 1.385   6.973   -12.637 1.00 19.78 ? 74  TRP C CA  1 
ATOM   958  C C   . TRP B 2 54 ? 2.556   6.081   -12.255 1.00 18.53 ? 74  TRP C C   1 
ATOM   959  O O   . TRP B 2 54 ? 3.034   5.289   -13.103 1.00 17.75 ? 74  TRP C O   1 
ATOM   960  C CB  . TRP B 2 54 ? 0.392   7.198   -11.497 1.00 19.83 ? 74  TRP C CB  1 
ATOM   961  C CG  . TRP B 2 54 ? 0.757   8.261   -10.504 1.00 19.26 ? 74  TRP C CG  1 
ATOM   962  C CD1 . TRP B 2 54 ? 0.818   8.087   -9.160  1.00 19.19 ? 74  TRP C CD1 1 
ATOM   963  C CD2 . TRP B 2 54 ? 1.114   9.640   -10.729 1.00 20.64 ? 74  TRP C CD2 1 
ATOM   964  N NE1 . TRP B 2 54 ? 1.168   9.243   -8.536  1.00 19.51 ? 74  TRP C NE1 1 
ATOM   965  C CE2 . TRP B 2 54 ? 1.361   10.217  -9.468  1.00 19.68 ? 74  TRP C CE2 1 
ATOM   966  C CE3 . TRP B 2 54 ? 1.242   10.436  -11.873 1.00 23.27 ? 74  TRP C CE3 1 
ATOM   967  C CZ2 . TRP B 2 54 ? 1.746   11.540  -9.302  1.00 24.01 ? 74  TRP C CZ2 1 
ATOM   968  C CZ3 . TRP B 2 54 ? 1.594   11.757  -11.708 1.00 25.01 ? 74  TRP C CZ3 1 
ATOM   969  C CH2 . TRP B 2 54 ? 1.835   12.297  -10.448 1.00 23.36 ? 74  TRP C CH2 1 
ATOM   970  N N   . LYS B 2 55 ? 2.990   6.208   -11.023 1.00 20.80 ? 75  LYS C N   1 
ATOM   971  C CA  . LYS B 2 55 ? 4.187   5.470   -10.555 1.00 21.86 ? 75  LYS C CA  1 
ATOM   972  C C   . LYS B 2 55 ? 4.140   5.419   -9.030  1.00 21.59 ? 75  LYS C C   1 
ATOM   973  O O   . LYS B 2 55 ? 3.518   6.276   -8.374  1.00 21.22 ? 75  LYS C O   1 
ATOM   974  C CB  . LYS B 2 55 ? 5.474   6.088   -11.109 1.00 24.08 ? 75  LYS C CB  1 
ATOM   975  C CG  . LYS B 2 55 ? 5.892   7.386   -10.448 1.00 24.85 ? 75  LYS C CG  1 
ATOM   976  C CD  . LYS B 2 55 ? 4.868   8.475   -10.549 1.00 31.04 ? 75  LYS C CD  1 
ATOM   977  C CE  . LYS B 2 55 ? 5.377   9.808   -10.047 1.00 34.08 ? 75  LYS C CE  1 
ATOM   978  N NZ  . LYS B 2 55 ? 4.842   10.907  -10.880 1.00 40.65 ? 75  LYS C NZ  1 
ATOM   979  N N   . MET B 2 56 ? 4.820   4.435   -8.463  1.00 18.70 ? 76  MET C N   1 
ATOM   980  C CA  . MET B 2 56 ? 4.873   4.328   -6.993  1.00 18.94 ? 76  MET C CA  1 
ATOM   981  C C   . MET B 2 56 ? 6.148   3.567   -6.642  1.00 17.21 ? 76  MET C C   1 
ATOM   982  O O   . MET B 2 56 ? 6.600   2.774   -7.500  1.00 20.37 ? 76  MET C O   1 
ATOM   983  C CB  . MET B 2 56 ? 3.638   3.632   -6.427  1.00 20.20 ? 76  MET C CB  1 
ATOM   984  C CG  . MET B 2 56 ? 3.420   2.249   -6.959  1.00 21.32 ? 76  MET C CG  1 
ATOM   985  S SD  . MET B 2 56 ? 1.990   1.457   -6.164  1.00 24.47 ? 76  MET C SD  1 
ATOM   986  C CE  . MET B 2 56 ? 1.844   0.021   -7.224  1.00 25.43 ? 76  MET C CE  1 
ATOM   987  N N   . ASP B 2 57 ? 6.675   3.795   -5.447  1.00 17.88 ? 77  ASP C N   1 
ATOM   988  C CA  . ASP B 2 57 ? 7.827   3.015   -4.958  1.00 16.94 ? 77  ASP C CA  1 
ATOM   989  C C   . ASP B 2 57 ? 7.298   2.032   -3.931  1.00 15.37 ? 77  ASP C C   1 
ATOM   990  O O   . ASP B 2 57 ? 6.590   2.439   -3.041  1.00 16.92 ? 77  ASP C O   1 
ATOM   991  C CB  . ASP B 2 57 ? 8.910   3.934   -4.415  1.00 19.18 ? 77  ASP C CB  1 
ATOM   992  C CG  . ASP B 2 57 ? 9.626   4.668   -5.528  1.00 20.55 ? 77  ASP C CG  1 
ATOM   993  O OD1 . ASP B 2 57 ? 9.939   4.048   -6.550  1.00 21.69 ? 77  ASP C OD1 1 
ATOM   994  O OD2 . ASP B 2 57 ? 9.851   5.877   -5.338  1.00 27.87 ? 77  ASP C OD2 1 
ATOM   995  N N   . MET B 2 58 ? 7.523   0.757   -4.178  1.00 16.35 ? 78  MET C N   1 
ATOM   996  C CA  . MET B 2 58 ? 6.999   -0.271  -3.272  1.00 16.61 ? 78  MET C CA  1 
ATOM   997  C C   . MET B 2 58 ? 8.103   -1.253  -2.916  1.00 15.87 ? 78  MET C C   1 
ATOM   998  O O   . MET B 2 58 ? 8.885   -1.654  -3.792  1.00 15.56 ? 78  MET C O   1 
ATOM   999  C CB  . MET B 2 58 ? 5.833   -1.000  -3.943  1.00 18.95 ? 78  MET C CB  1 
ATOM   1000 C CG  . MET B 2 58 ? 5.191   -2.007  -3.045  1.00 21.36 ? 78  MET C CG  1 
ATOM   1001 S SD  . MET B 2 58 ? 3.791   -2.883  -3.864  1.00 25.61 ? 78  MET C SD  1 
ATOM   1002 C CE  . MET B 2 58 ? 2.775   -1.533  -4.427  1.00 27.25 ? 78  MET C CE  1 
ATOM   1003 N N   . LYS B 2 59 ? 8.133   -1.663  -1.663  1.00 15.69 ? 79  LYS C N   1 
ATOM   1004 C CA  . LYS B 2 59 ? 9.043   -2.754  -1.249  1.00 16.73 ? 79  LYS C CA  1 
ATOM   1005 C C   . LYS B 2 59 ? 8.459   -4.090  -1.695  1.00 16.06 ? 79  LYS C C   1 
ATOM   1006 O O   . LYS B 2 59 ? 7.386   -4.497  -1.202  1.00 17.87 ? 79  LYS C O   1 
ATOM   1007 C CB  . LYS B 2 59 ? 9.257   -2.714  0.257   1.00 18.18 ? 79  LYS C CB  1 
ATOM   1008 C CG  . LYS B 2 59 ? 10.370  -3.596  0.783   1.00 22.14 ? 79  LYS C CG  1 
ATOM   1009 C CD  . LYS B 2 59 ? 11.735  -3.010  0.564   1.00 25.57 ? 79  LYS C CD  1 
ATOM   1010 C CE  . LYS B 2 59 ? 12.824  -3.883  1.158   1.00 29.47 ? 79  LYS C CE  1 
ATOM   1011 N NZ  . LYS B 2 59 ? 14.134  -3.203  1.075   1.00 34.36 ? 79  LYS C NZ  1 
ATOM   1012 N N   . VAL B 2 60 ? 9.149   -4.779  -2.612  1.00 15.58 ? 80  VAL C N   1 
ATOM   1013 C CA  . VAL B 2 60 ? 8.719   -6.087  -3.151  1.00 14.81 ? 80  VAL C CA  1 
ATOM   1014 C C   . VAL B 2 60 ? 9.708   -7.134  -2.642  1.00 15.00 ? 80  VAL C C   1 
ATOM   1015 O O   . VAL B 2 60 ? 10.773  -7.263  -3.204  1.00 16.41 ? 80  VAL C O   1 
ATOM   1016 C CB  . VAL B 2 60 ? 8.637   -6.010  -4.681  1.00 15.65 ? 80  VAL C CB  1 
ATOM   1017 C CG1 . VAL B 2 60 ? 8.212   -7.361  -5.261  1.00 16.15 ? 80  VAL C CG1 1 
ATOM   1018 C CG2 . VAL B 2 60 ? 7.692   -4.884  -5.081  1.00 16.45 ? 80  VAL C CG2 1 
ATOM   1019 N N   . GLY B 2 61 ? 9.364   -7.795  -1.551  1.00 16.37 ? 81  GLY C N   1 
ATOM   1020 C CA  . GLY B 2 61 ? 10.322  -8.719  -0.936  1.00 17.82 ? 81  GLY C CA  1 
ATOM   1021 C C   . GLY B 2 61 ? 11.617  -7.992  -0.611  1.00 17.29 ? 81  GLY C C   1 
ATOM   1022 O O   . GLY B 2 61 ? 11.615  -7.012  0.132   1.00 18.81 ? 81  GLY C O   1 
ATOM   1023 N N   . PRO B 2 62 ? 12.761  -8.459  -1.134  1.00 18.29 ? 82  PRO C N   1 
ATOM   1024 C CA  . PRO B 2 62 ? 14.045  -7.912  -0.710  1.00 20.10 ? 82  PRO C CA  1 
ATOM   1025 C C   . PRO B 2 62 ? 14.421  -6.559  -1.341  1.00 19.62 ? 82  PRO C C   1 
ATOM   1026 O O   . PRO B 2 62 ? 15.466  -6.024  -1.004  1.00 17.25 ? 82  PRO C O   1 
ATOM   1027 C CB  . PRO B 2 62 ? 15.010  -9.020  -1.153  1.00 19.15 ? 82  PRO C CB  1 
ATOM   1028 C CG  . PRO B 2 62 ? 14.369  -9.619  -2.366  1.00 20.48 ? 82  PRO C CG  1 
ATOM   1029 C CD  . PRO B 2 62 ? 12.895  -9.597  -2.063  1.00 19.15 ? 82  PRO C CD  1 
ATOM   1030 N N   . ASN B 2 63 ? 13.634  -6.040  -2.273  1.00 18.06 ? 83  ASN C N   1 
ATOM   1031 C CA  . ASN B 2 63 ? 14.049  -4.854  -3.070  1.00 16.91 ? 83  ASN C CA  1 
ATOM   1032 C C   . ASN B 2 63 ? 12.889  -3.876  -3.238  1.00 16.05 ? 83  ASN C C   1 
ATOM   1033 O O   . ASN B 2 63 ? 11.785  -4.304  -3.564  1.00 16.66 ? 83  ASN C O   1 
ATOM   1034 C CB  . ASN B 2 63 ? 14.565  -5.197  -4.457  1.00 18.90 ? 83  ASN C CB  1 
ATOM   1035 C CG  . ASN B 2 63 ? 15.739  -6.151  -4.393  1.00 19.69 ? 83  ASN C CG  1 
ATOM   1036 O OD1 . ASN B 2 63 ? 15.546  -7.357  -4.509  1.00 23.88 ? 83  ASN C OD1 1 
ATOM   1037 N ND2 . ASN B 2 63 ? 16.930  -5.632  -4.115  1.00 19.91 ? 83  ASN C ND2 1 
ATOM   1038 N N   . TRP B 2 64 ? 13.175  -2.600  -3.002  1.00 16.20 ? 84  TRP C N   1 
ATOM   1039 C CA  . TRP B 2 64 ? 12.342  -1.482  -3.500  1.00 17.09 ? 84  TRP C CA  1 
ATOM   1040 C C   . TRP B 2 64 ? 12.234  -1.583  -5.022  1.00 16.41 ? 84  TRP C C   1 
ATOM   1041 O O   . TRP B 2 64 ? 13.235  -1.789  -5.717  1.00 17.61 ? 84  TRP C O   1 
ATOM   1042 C CB  . TRP B 2 64 ? 12.916  -0.132  -3.070  1.00 17.81 ? 84  TRP C CB  1 
ATOM   1043 C CG  . TRP B 2 64 ? 12.635  0.198   -1.638  1.00 19.14 ? 84  TRP C CG  1 
ATOM   1044 C CD1 . TRP B 2 64 ? 13.461  0.036   -0.554  1.00 21.56 ? 84  TRP C CD1 1 
ATOM   1045 C CD2 . TRP B 2 64 ? 11.406  0.730   -1.125  1.00 17.85 ? 84  TRP C CD2 1 
ATOM   1046 N NE1 . TRP B 2 64 ? 12.848  0.517   0.577   1.00 22.27 ? 84  TRP C NE1 1 
ATOM   1047 C CE2 . TRP B 2 64 ? 11.583  0.950   0.253   1.00 19.93 ? 84  TRP C CE2 1 
ATOM   1048 C CE3 . TRP B 2 64 ? 10.217  1.151   -1.725  1.00 18.98 ? 84  TRP C CE3 1 
ATOM   1049 C CZ2 . TRP B 2 64 ? 10.570  1.464   1.055   1.00 21.63 ? 84  TRP C CZ2 1 
ATOM   1050 C CZ3 . TRP B 2 64 ? 9.228   1.689   -0.939  1.00 22.04 ? 84  TRP C CZ3 1 
ATOM   1051 C CH2 . TRP B 2 64 ? 9.394   1.828   0.436   1.00 20.49 ? 84  TRP C CH2 1 
ATOM   1052 N N   . VAL B 2 65 ? 11.032  -1.351  -5.549  1.00 17.26 ? 85  VAL C N   1 
ATOM   1053 C CA  . VAL B 2 65 ? 10.778  -1.341  -7.008  1.00 16.92 ? 85  VAL C CA  1 
ATOM   1054 C C   . VAL B 2 65 ? 10.001  -0.070  -7.335  1.00 18.10 ? 85  VAL C C   1 
ATOM   1055 O O   . VAL B 2 65 ? 9.027   0.237   -6.646  1.00 16.67 ? 85  VAL C O   1 
ATOM   1056 C CB  . VAL B 2 65 ? 10.029  -2.606  -7.484  1.00 16.68 ? 85  VAL C CB  1 
ATOM   1057 C CG1 . VAL B 2 65 ? 9.846   -2.613  -9.002  1.00 18.31 ? 85  VAL C CG1 1 
ATOM   1058 C CG2 . VAL B 2 65 ? 10.734  -3.881  -7.022  1.00 18.27 ? 85  VAL C CG2 1 
ATOM   1059 N N   . HIS B 2 66 ? 10.417  0.610   -8.384  1.00 17.86 ? 86  HIS C N   1 
ATOM   1060 C CA  . HIS B 2 66 ? 9.683   1.748   -8.977  1.00 17.86 ? 86  HIS C CA  1 
ATOM   1061 C C   . HIS B 2 66 ? 8.685   1.167   -9.973  1.00 18.94 ? 86  HIS C C   1 
ATOM   1062 O O   . HIS B 2 66 ? 9.097   0.685   -11.021 1.00 18.78 ? 86  HIS C O   1 
ATOM   1063 C CB  . HIS B 2 66 ? 10.649  2.713   -9.646  1.00 18.04 ? 86  HIS C CB  1 
ATOM   1064 C CG  . HIS B 2 66 ? 9.995   3.984   -10.046 1.00 17.97 ? 86  HIS C CG  1 
ATOM   1065 N ND1 . HIS B 2 66 ? 9.620   4.934   -9.134  1.00 18.65 ? 86  HIS C ND1 1 
ATOM   1066 C CD2 . HIS B 2 66 ? 9.675   4.470   -11.265 1.00 20.69 ? 86  HIS C CD2 1 
ATOM   1067 C CE1 . HIS B 2 66 ? 9.095   5.964   -9.777  1.00 19.09 ? 86  HIS C CE1 1 
ATOM   1068 N NE2 . HIS B 2 66 ? 9.142   5.708   -11.067 1.00 20.15 ? 86  HIS C NE2 1 
ATOM   1069 N N   . ILE B 2 67 ? 7.410   1.146   -9.599  1.00 18.19 ? 87  ILE C N   1 
ATOM   1070 C CA  . ILE B 2 67 ? 6.356   0.484   -10.408 1.00 17.68 ? 87  ILE C CA  1 
ATOM   1071 C C   . ILE B 2 67 ? 5.605   1.564   -11.184 1.00 17.14 ? 87  ILE C C   1 
ATOM   1072 O O   . ILE B 2 67 ? 5.123   2.510   -10.564 1.00 18.42 ? 87  ILE C O   1 
ATOM   1073 C CB  . ILE B 2 67 ? 5.421   -0.352  -9.523  1.00 18.15 ? 87  ILE C CB  1 
ATOM   1074 C CG1 . ILE B 2 67 ? 6.210   -1.380  -8.711  1.00 18.35 ? 87  ILE C CG1 1 
ATOM   1075 C CG2 . ILE B 2 67 ? 4.347   -1.001  -10.385 1.00 17.65 ? 87  ILE C CG2 1 
ATOM   1076 C CD1 . ILE B 2 67 ? 5.411   -2.108  -7.681  1.00 19.18 ? 87  ILE C CD1 1 
ATOM   1077 N N   . LYS B 2 68 ? 5.567   1.417   -12.497 1.00 17.89 ? 88  LYS C N   1 
ATOM   1078 C CA  . LYS B 2 68 ? 4.841   2.329   -13.391 1.00 19.07 ? 88  LYS C CA  1 
ATOM   1079 C C   . LYS B 2 68 ? 3.511   1.678   -13.766 1.00 18.23 ? 88  LYS C C   1 
ATOM   1080 O O   . LYS B 2 68 ? 3.470   0.459   -14.046 1.00 19.52 ? 88  LYS C O   1 
ATOM   1081 C CB  . LYS B 2 68 ? 5.706   2.608   -14.622 1.00 24.97 ? 88  LYS C CB  1 
ATOM   1082 C CG  . LYS B 2 68 ? 5.216   3.736   -15.516 1.00 31.35 ? 88  LYS C CG  1 
ATOM   1083 C CD  . LYS B 2 68 ? 5.709   3.584   -16.939 1.00 36.84 ? 88  LYS C CD  1 
ATOM   1084 C CE  . LYS B 2 68 ? 6.286   4.849   -17.535 1.00 40.26 ? 88  LYS C CE  1 
ATOM   1085 N NZ  . LYS B 2 68 ? 7.165   4.525   -18.682 1.00 44.63 ? 88  LYS C NZ  1 
ATOM   1086 N N   . SER B 2 69 ? 2.479   2.501   -13.874 1.00 17.40 ? 89  SER C N   1 
ATOM   1087 C CA  . SER B 2 69 ? 1.155   2.085   -14.367 1.00 17.81 ? 89  SER C CA  1 
ATOM   1088 C C   . SER B 2 69 ? 0.843   2.832   -15.653 1.00 18.47 ? 89  SER C C   1 
ATOM   1089 O O   . SER B 2 69 ? 1.101   4.040   -15.709 1.00 19.82 ? 89  SER C O   1 
ATOM   1090 C CB  . SER B 2 69 ? 0.090   2.351   -13.339 1.00 18.24 ? 89  SER C CB  1 
ATOM   1091 O OG  . SER B 2 69 ? 0.086   3.703   -12.931 1.00 18.63 ? 89  SER C OG  1 
ATOM   1092 N N   . ASP B 2 70 ? 0.298   2.104   -16.623 1.00 20.57 ? 90  ASP C N   1 
ATOM   1093 C CA  . ASP B 2 70 ? -0.200  2.700   -17.894 1.00 20.39 ? 90  ASP C CA  1 
ATOM   1094 C C   . ASP B 2 70 ? -1.645  3.150   -17.657 1.00 22.99 ? 90  ASP C C   1 
ATOM   1095 O O   . ASP B 2 70 ? -2.162  3.069   -16.529 1.00 22.61 ? 90  ASP C O   1 
ATOM   1096 C CB  . ASP B 2 70 ? 0.050   1.723   -19.043 1.00 20.29 ? 90  ASP C CB  1 
ATOM   1097 C CG  . ASP B 2 70 ? -0.938  0.600   -19.226 1.00 21.70 ? 90  ASP C CG  1 
ATOM   1098 O OD1 . ASP B 2 70 ? -1.871  0.501   -18.419 1.00 22.02 ? 90  ASP C OD1 1 
ATOM   1099 O OD2 . ASP B 2 70 ? -0.697  -0.249  -20.120 1.00 25.60 ? 90  ASP C OD2 1 
ATOM   1100 N N   . ASP B 2 71 ? -2.312  3.636   -18.694 1.00 24.67 ? 91  ASP C N   1 
ATOM   1101 C CA  . ASP B 2 71 ? -3.678  4.186   -18.532 1.00 25.42 ? 91  ASP C CA  1 
ATOM   1102 C C   . ASP B 2 71 ? -4.692  3.058   -18.298 1.00 25.29 ? 91  ASP C C   1 
ATOM   1103 O O   . ASP B 2 71 ? -5.821  3.396   -17.935 1.00 29.39 ? 91  ASP C O   1 
ATOM   1104 C CB  . ASP B 2 71 ? -4.045  5.000   -19.774 1.00 27.87 ? 91  ASP C CB  1 
ATOM   1105 C CG  . ASP B 2 71 ? -4.287  4.123   -20.991 1.00 33.09 ? 91  ASP C CG  1 
ATOM   1106 O OD1 . ASP B 2 71 ? -3.482  3.204   -21.247 1.00 33.06 ? 91  ASP C OD1 1 
ATOM   1107 O OD2 . ASP B 2 71 ? -5.294  4.372   -21.687 1.00 45.27 ? 91  ASP C OD2 1 
ATOM   1108 N N   . ASN B 2 72 ? -4.330  1.789   -18.523 1.00 25.84 ? 92  ASN C N   1 
ATOM   1109 C CA  . ASN B 2 72 ? -5.229  0.628   -18.310 1.00 25.58 ? 92  ASN C CA  1 
ATOM   1110 C C   . ASN B 2 72 ? -4.785  -0.191  -17.100 1.00 23.01 ? 92  ASN C C   1 
ATOM   1111 O O   . ASN B 2 72 ? -5.261  -1.316  -16.976 1.00 21.69 ? 92  ASN C O   1 
ATOM   1112 C CB  . ASN B 2 72 ? -5.364  -0.227  -19.567 1.00 30.03 ? 92  ASN C CB  1 
ATOM   1113 C CG  . ASN B 2 72 ? -6.132  0.527   -20.630 1.00 36.55 ? 92  ASN C CG  1 
ATOM   1114 O OD1 . ASN B 2 72 ? -5.573  0.916   -21.651 1.00 47.06 ? 92  ASN C OD1 1 
ATOM   1115 N ND2 . ASN B 2 72 ? -7.388  0.816   -20.351 1.00 37.76 ? 92  ASN C ND2 1 
ATOM   1116 N N   . CYS B 2 73 ? -3.946  0.388   -16.227 1.00 20.71 ? 93  CYS C N   1 
ATOM   1117 C CA  . CYS B 2 73 ? -3.520  -0.236  -14.935 1.00 20.47 ? 93  CYS C CA  1 
ATOM   1118 C C   . CYS B 2 73 ? -2.582  -1.432  -15.173 1.00 21.11 ? 93  CYS C C   1 
ATOM   1119 O O   . CYS B 2 73 ? -2.413  -2.254  -14.279 1.00 19.59 ? 93  CYS C O   1 
ATOM   1120 C CB  . CYS B 2 73 ? -4.718  -0.644  -14.089 1.00 21.12 ? 93  CYS C CB  1 
ATOM   1121 S SG  . CYS B 2 73 ? -5.707  0.760   -13.536 1.00 21.12 ? 93  CYS C SG  1 
ATOM   1122 N N   . ASN B 2 74 ? -1.934  -1.512  -16.327 1.00 20.48 ? 94  ASN C N   1 
ATOM   1123 C CA  . ASN B 2 74 ? -0.855  -2.498  -16.547 1.00 20.73 ? 94  ASN C CA  1 
ATOM   1124 C C   . ASN B 2 74 ? 0.377   -1.973  -15.816 1.00 17.58 ? 94  ASN C C   1 
ATOM   1125 O O   . ASN B 2 74 ? 0.655   -0.781  -15.940 1.00 19.23 ? 94  ASN C O   1 
ATOM   1126 C CB  . ASN B 2 74 ? -0.628  -2.736  -18.043 1.00 21.03 ? 94  ASN C CB  1 
ATOM   1127 C CG  . ASN B 2 74 ? -1.893  -3.242  -18.701 1.00 23.70 ? 94  ASN C CG  1 
ATOM   1128 O OD1 . ASN B 2 74 ? -2.396  -4.314  -18.345 1.00 28.40 ? 94  ASN C OD1 1 
ATOM   1129 N ND2 . ASN B 2 74 ? -2.438  -2.455  -19.613 1.00 26.50 ? 94  ASN C ND2 1 
ATOM   1130 N N   . LEU B 2 75 ? 0.997   -2.819  -14.997 1.00 17.40 ? 95  LEU C N   1 
ATOM   1131 C CA  . LEU B 2 75 ? 2.140   -2.402  -14.154 1.00 17.19 ? 95  LEU C CA  1 
ATOM   1132 C C   . LEU B 2 75 ? 3.425   -2.996  -14.681 1.00 15.42 ? 95  LEU C C   1 
ATOM   1133 O O   . LEU B 2 75 ? 3.416   -4.119  -15.250 1.00 17.82 ? 95  LEU C O   1 
ATOM   1134 C CB  . LEU B 2 75 ? 1.905   -2.863  -12.710 1.00 16.58 ? 95  LEU C CB  1 
ATOM   1135 C CG  . LEU B 2 75 ? 0.566   -2.424  -12.138 1.00 16.41 ? 95  LEU C CG  1 
ATOM   1136 C CD1 . LEU B 2 75 ? 0.425   -2.936  -10.718 1.00 17.12 ? 95  LEU C CD1 1 
ATOM   1137 C CD2 . LEU B 2 75 ? 0.421   -0.936  -12.160 1.00 16.67 ? 95  LEU C CD2 1 
ATOM   1138 N N   . SER B 2 76 ? 4.497   -2.239  -14.531 1.00 16.48 ? 96  SER C N   1 
ATOM   1139 C CA  . SER B 2 76 ? 5.839   -2.625  -14.994 1.00 17.78 ? 96  SER C CA  1 
ATOM   1140 C C   . SER B 2 76 ? 6.857   -2.138  -13.976 1.00 17.63 ? 96  SER C C   1 
ATOM   1141 O O   . SER B 2 76 ? 6.634   -1.113  -13.273 1.00 19.16 ? 96  SER C O   1 
ATOM   1142 C CB  . SER B 2 76 ? 6.084   -2.059  -16.367 1.00 19.72 ? 96  SER C CB  1 
ATOM   1143 O OG  . SER B 2 76 ? 5.985   -0.664  -16.301 1.00 21.79 ? 96  SER C OG  1 
ATOM   1144 N N   . GLY B 2 77 ? 7.909   -2.929  -13.847 1.00 18.73 ? 97  GLY C N   1 
ATOM   1145 C CA  . GLY B 2 77 ? 9.027   -2.590  -12.972 1.00 20.66 ? 97  GLY C CA  1 
ATOM   1146 C C   . GLY B 2 77 ? 10.083  -3.660  -13.034 1.00 19.77 ? 97  GLY C C   1 
ATOM   1147 O O   . GLY B 2 77 ? 9.852   -4.697  -13.686 1.00 21.38 ? 97  GLY C O   1 
ATOM   1148 N N   . ASP B 2 78 ? 11.204  -3.401  -12.362 1.00 19.13 ? 98  ASP C N   1 
ATOM   1149 C CA  . ASP B 2 78 ? 12.317  -4.369  -12.278 1.00 19.69 ? 98  ASP C CA  1 
ATOM   1150 C C   . ASP B 2 78 ? 12.106  -5.192  -11.010 1.00 19.06 ? 98  ASP C C   1 
ATOM   1151 O O   . ASP B 2 78 ? 12.673  -4.859  -9.977  1.00 18.73 ? 98  ASP C O   1 
ATOM   1152 C CB  . ASP B 2 78 ? 13.653  -3.629  -12.261 1.00 21.73 ? 98  ASP C CB  1 
ATOM   1153 C CG  . ASP B 2 78 ? 14.845  -4.568  -12.339 1.00 25.75 ? 98  ASP C CG  1 
ATOM   1154 O OD1 . ASP B 2 78 ? 14.635  -5.775  -12.536 1.00 30.77 ? 98  ASP C OD1 1 
ATOM   1155 O OD2 . ASP B 2 78 ? 15.960  -4.074  -12.153 1.00 32.16 ? 98  ASP C OD2 1 
ATOM   1156 N N   . PHE B 2 79 ? 11.327  -6.258  -11.114 1.00 19.54 ? 99  PHE C N   1 
ATOM   1157 C CA  . PHE B 2 79 ? 10.915  -7.056  -9.939  1.00 18.64 ? 99  PHE C CA  1 
ATOM   1158 C C   . PHE B 2 79 ? 12.017  -8.040  -9.599  1.00 19.37 ? 99  PHE C C   1 
ATOM   1159 O O   . PHE B 2 79 ? 12.646  -8.619  -10.495 1.00 20.34 ? 99  PHE C O   1 
ATOM   1160 C CB  . PHE B 2 79 ? 9.586   -7.753  -10.202 1.00 19.22 ? 99  PHE C CB  1 
ATOM   1161 C CG  . PHE B 2 79 ? 8.435   -6.806  -10.443 1.00 18.01 ? 99  PHE C CG  1 
ATOM   1162 C CD1 . PHE B 2 79 ? 7.943   -6.023  -9.408  1.00 19.92 ? 99  PHE C CD1 1 
ATOM   1163 C CD2 . PHE B 2 79 ? 7.831   -6.708  -11.693 1.00 19.23 ? 99  PHE C CD2 1 
ATOM   1164 C CE1 . PHE B 2 79 ? 6.923   -5.115  -9.638  1.00 19.43 ? 99  PHE C CE1 1 
ATOM   1165 C CE2 . PHE B 2 79 ? 6.795   -5.815  -11.909 1.00 21.21 ? 99  PHE C CE2 1 
ATOM   1166 C CZ  . PHE B 2 79 ? 6.358   -5.006  -10.888 1.00 19.86 ? 99  PHE C CZ  1 
ATOM   1167 N N   . PRO B 2 80 ? 12.255  -8.322  -8.302  1.00 18.46 ? 100 PRO C N   1 
ATOM   1168 C CA  . PRO B 2 80 ? 13.271  -9.297  -7.913  1.00 18.10 ? 100 PRO C CA  1 
ATOM   1169 C C   . PRO B 2 80 ? 12.829  -10.677 -8.380  1.00 19.78 ? 100 PRO C C   1 
ATOM   1170 O O   . PRO B 2 80 ? 11.639  -10.934 -8.524  1.00 18.08 ? 100 PRO C O   1 
ATOM   1171 C CB  . PRO B 2 80 ? 13.378  -9.176  -6.389  1.00 20.49 ? 100 PRO C CB  1 
ATOM   1172 C CG  . PRO B 2 80 ? 12.077  -8.542  -5.990  1.00 19.78 ? 100 PRO C CG  1 
ATOM   1173 C CD  . PRO B 2 80 ? 11.672  -7.648  -7.137  1.00 18.85 ? 100 PRO C CD  1 
ATOM   1174 N N   . PRO B 2 81 ? 13.769  -11.589 -8.657  1.00 17.96 ? 101 PRO C N   1 
ATOM   1175 C CA  . PRO B 2 81 ? 13.424  -12.946 -9.071  1.00 18.18 ? 101 PRO C CA  1 
ATOM   1176 C C   . PRO B 2 81 ? 12.410  -13.623 -8.144  1.00 18.04 ? 101 PRO C C   1 
ATOM   1177 O O   . PRO B 2 81 ? 12.566  -13.621 -6.939  1.00 21.96 ? 101 PRO C O   1 
ATOM   1178 C CB  . PRO B 2 81 ? 14.762  -13.679 -9.027  1.00 20.30 ? 101 PRO C CB  1 
ATOM   1179 C CG  . PRO B 2 81 ? 15.724  -12.597 -9.387  1.00 19.98 ? 101 PRO C CG  1 
ATOM   1180 C CD  . PRO B 2 81 ? 15.226  -11.373 -8.647  1.00 20.67 ? 101 PRO C CD  1 
ATOM   1181 N N   . GLY B 2 82 ? 11.363  -14.156 -8.760  1.00 19.33 ? 102 GLY C N   1 
ATOM   1182 C CA  . GLY B 2 82 ? 10.288  -14.856 -8.044  1.00 20.18 ? 102 GLY C CA  1 
ATOM   1183 C C   . GLY B 2 82 ? 9.113   -13.944 -7.753  1.00 18.98 ? 102 GLY C C   1 
ATOM   1184 O O   . GLY B 2 82 ? 8.061   -14.479 -7.381  1.00 20.41 ? 102 GLY C O   1 
ATOM   1185 N N   . TRP B 2 83 ? 9.269   -12.632 -7.889  1.00 16.00 ? 103 TRP C N   1 
ATOM   1186 C CA  . TRP B 2 83 ? 8.205   -11.684 -7.462  1.00 15.86 ? 103 TRP C CA  1 
ATOM   1187 C C   . TRP B 2 83 ? 7.616   -10.975 -8.673  1.00 16.52 ? 103 TRP C C   1 
ATOM   1188 O O   . TRP B 2 83 ? 8.312   -10.730 -9.665  1.00 17.95 ? 103 TRP C O   1 
ATOM   1189 C CB  . TRP B 2 83 ? 8.722   -10.641 -6.477  1.00 16.26 ? 103 TRP C CB  1 
ATOM   1190 C CG  . TRP B 2 83 ? 9.204   -11.186 -5.168  1.00 16.76 ? 103 TRP C CG  1 
ATOM   1191 C CD1 . TRP B 2 83 ? 10.377  -11.843 -4.918  1.00 17.74 ? 103 TRP C CD1 1 
ATOM   1192 C CD2 . TRP B 2 83 ? 8.534   -11.075 -3.900  1.00 18.43 ? 103 TRP C CD2 1 
ATOM   1193 N NE1 . TRP B 2 83 ? 10.471  -12.155 -3.586  1.00 19.72 ? 103 TRP C NE1 1 
ATOM   1194 C CE2 . TRP B 2 83 ? 9.354   -11.688 -2.935  1.00 18.77 ? 103 TRP C CE2 1 
ATOM   1195 C CE3 . TRP B 2 83 ? 7.307   -10.530 -3.511  1.00 19.97 ? 103 TRP C CE3 1 
ATOM   1196 C CZ2 . TRP B 2 83 ? 8.969   -11.768 -1.592  1.00 20.12 ? 103 TRP C CZ2 1 
ATOM   1197 C CZ3 . TRP B 2 83 ? 6.965   -10.566 -2.173  1.00 18.96 ? 103 TRP C CZ3 1 
ATOM   1198 C CH2 . TRP B 2 83 ? 7.771   -11.194 -1.243  1.00 19.67 ? 103 TRP C CH2 1 
ATOM   1199 N N   . ILE B 2 84 ? 6.357   -10.557 -8.550  1.00 17.26 ? 104 ILE C N   1 
ATOM   1200 C CA  . ILE B 2 84 ? 5.722   -9.688  -9.578  1.00 16.91 ? 104 ILE C CA  1 
ATOM   1201 C C   . ILE B 2 84 ? 4.604   -8.916  -8.869  1.00 15.90 ? 104 ILE C C   1 
ATOM   1202 O O   . ILE B 2 84 ? 4.045   -9.407  -7.867  1.00 15.70 ? 104 ILE C O   1 
ATOM   1203 C CB  . ILE B 2 84 ? 5.244   -10.515 -10.797 1.00 18.94 ? 104 ILE C CB  1 
ATOM   1204 C CG1 . ILE B 2 84 ? 4.893   -9.646  -12.012 1.00 19.75 ? 104 ILE C CG1 1 
ATOM   1205 C CG2 . ILE B 2 84 ? 4.113   -11.458 -10.427 1.00 20.88 ? 104 ILE C CG2 1 
ATOM   1206 C CD1 . ILE B 2 84 ? 4.864   -10.439 -13.292 1.00 21.58 ? 104 ILE C CD1 1 
ATOM   1207 N N   . VAL B 2 85 ? 4.284   -7.757  -9.416  1.00 15.51 ? 105 VAL C N   1 
ATOM   1208 C CA  . VAL B 2 85 ? 3.092   -6.979  -9.029  1.00 14.40 ? 105 VAL C CA  1 
ATOM   1209 C C   . VAL B 2 85 ? 2.300   -6.784  -10.325 1.00 14.55 ? 105 VAL C C   1 
ATOM   1210 O O   . VAL B 2 85 ? 2.883   -6.326  -11.327 1.00 16.84 ? 105 VAL C O   1 
ATOM   1211 C CB  . VAL B 2 85 ? 3.437   -5.657  -8.318  1.00 14.89 ? 105 VAL C CB  1 
ATOM   1212 C CG1 . VAL B 2 85 ? 2.190   -4.923  -7.845  1.00 14.52 ? 105 VAL C CG1 1 
ATOM   1213 C CG2 . VAL B 2 85 ? 4.346   -5.880  -7.115  1.00 15.51 ? 105 VAL C CG2 1 
ATOM   1214 N N   . LEU B 2 86 ? 1.026   -7.167  -10.307 1.00 15.11 ? 106 LEU C N   1 
ATOM   1215 C CA  . LEU B 2 86 ? 0.097   -7.093  -11.455 1.00 16.07 ? 106 LEU C CA  1 
ATOM   1216 C C   . LEU B 2 86 ? -1.070  -6.157  -11.133 1.00 16.17 ? 106 LEU C C   1 
ATOM   1217 O O   . LEU B 2 86 ? -1.491  -6.069  -9.954  1.00 16.20 ? 106 LEU C O   1 
ATOM   1218 C CB  . LEU B 2 86 ? -0.441  -8.483  -11.790 1.00 16.79 ? 106 LEU C CB  1 
ATOM   1219 C CG  . LEU B 2 86 ? 0.567   -9.525  -12.234 1.00 18.04 ? 106 LEU C CG  1 
ATOM   1220 C CD1 . LEU B 2 86 ? -0.108  -10.872 -12.375 1.00 19.47 ? 106 LEU C CD1 1 
ATOM   1221 C CD2 . LEU B 2 86 ? 1.197   -9.093  -13.535 1.00 17.74 ? 106 LEU C CD2 1 
ATOM   1222 N N   . GLY B 2 87 ? -1.537  -5.419  -12.136 1.00 16.64 ? 107 GLY C N   1 
ATOM   1223 C CA  . GLY B 2 87 ? -2.608  -4.444  -11.953 1.00 16.12 ? 107 GLY C CA  1 
ATOM   1224 C C   . GLY B 2 87 ? -3.868  -4.838  -12.687 1.00 17.76 ? 107 GLY C C   1 
ATOM   1225 O O   . GLY B 2 87 ? -3.799  -5.559  -13.701 1.00 19.49 ? 107 GLY C O   1 
ATOM   1226 N N   . LYS B 2 88 ? -4.982  -4.305  -12.230 1.00 18.79 ? 108 LYS C N   1 
ATOM   1227 C CA  . LYS B 2 88 ? -6.297  -4.417  -12.907 1.00 23.11 ? 108 LYS C CA  1 
ATOM   1228 C C   . LYS B 2 88 ? -7.036  -3.098  -12.706 1.00 22.16 ? 108 LYS C C   1 
ATOM   1229 O O   . LYS B 2 88 ? -6.869  -2.458  -11.678 1.00 21.06 ? 108 LYS C O   1 
ATOM   1230 C CB  . LYS B 2 88 ? -7.089  -5.587  -12.324 1.00 28.00 ? 108 LYS C CB  1 
ATOM   1231 C CG  . LYS B 2 88 ? -8.601  -5.500  -12.480 1.00 36.56 ? 108 LYS C CG  1 
ATOM   1232 C CD  . LYS B 2 88 ? -9.285  -6.838  -12.697 1.00 40.57 ? 108 LYS C CD  1 
ATOM   1233 C CE  . LYS B 2 88 ? -8.617  -7.994  -11.988 1.00 43.07 ? 108 LYS C CE  1 
ATOM   1234 N NZ  . LYS B 2 88 ? -8.225  -7.656  -10.598 1.00 42.96 ? 108 LYS C NZ  1 
ATOM   1235 N N   . LYS B 2 89 ? -7.799  -2.655  -13.706 1.00 22.57 ? 109 LYS C N   1 
ATOM   1236 C CA  . LYS B 2 89 ? -8.649  -1.471  -13.547 1.00 23.19 ? 109 LYS C CA  1 
ATOM   1237 C C   . LYS B 2 89 ? -9.714  -1.812  -12.516 1.00 21.84 ? 109 LYS C C   1 
ATOM   1238 O O   . LYS B 2 89 ? -10.268 -2.897  -12.571 1.00 22.96 ? 109 LYS C O   1 
ATOM   1239 C CB  . LYS B 2 89 ? -9.357  -1.076  -14.846 1.00 28.18 ? 109 LYS C CB  1 
ATOM   1240 C CG  . LYS B 2 89 ? -8.699  0.048   -15.619 1.00 34.49 ? 109 LYS C CG  1 
ATOM   1241 C CD  . LYS B 2 89 ? -9.035  1.449   -15.117 1.00 38.82 ? 109 LYS C CD  1 
ATOM   1242 C CE  . LYS B 2 89 ? -8.551  2.523   -16.083 1.00 42.43 ? 109 LYS C CE  1 
ATOM   1243 N NZ  . LYS B 2 89 ? -8.243  3.815   -15.421 1.00 42.22 ? 109 LYS C NZ  1 
ATOM   1244 N N   . ARG B 2 90 ? -10.016 -0.875  -11.641 1.00 19.47 ? 110 ARG C N   1 
ATOM   1245 C CA  . ARG B 2 90 ? -11.146 -1.001  -10.711 1.00 19.25 ? 110 ARG C CA  1 
ATOM   1246 C C   . ARG B 2 90 ? -12.462 -0.910  -11.473 1.00 20.43 ? 110 ARG C C   1 
ATOM   1247 O O   . ARG B 2 90 ? -12.530 -0.323  -12.558 1.00 22.23 ? 110 ARG C O   1 
ATOM   1248 C CB  . ARG B 2 90 ? -11.093 0.100   -9.662  1.00 19.84 ? 110 ARG C CB  1 
ATOM   1249 C CG  . ARG B 2 90 ? -9.992  -0.143  -8.650  1.00 20.75 ? 110 ARG C CG  1 
ATOM   1250 C CD  . ARG B 2 90 ? -9.859  1.019   -7.718  1.00 21.59 ? 110 ARG C CD  1 
ATOM   1251 N NE  . ARG B 2 90 ? -11.098 1.288   -6.998  1.00 22.08 ? 110 ARG C NE  1 
ATOM   1252 C CZ  . ARG B 2 90 ? -11.168 2.100   -5.964  1.00 22.63 ? 110 ARG C CZ  1 
ATOM   1253 N NH1 . ARG B 2 90 ? -10.086 2.728   -5.546  1.00 21.97 ? 110 ARG C NH1 1 
ATOM   1254 N NH2 . ARG B 2 90 ? -12.297 2.270   -5.319  1.00 22.61 ? 110 ARG C NH2 1 
ATOM   1255 N N   . PRO B 2 91 ? -13.530 -1.499  -10.908 1.00 21.90 ? 111 PRO C N   1 
ATOM   1256 C CA  . PRO B 2 91 ? -14.883 -1.317  -11.444 1.00 24.52 ? 111 PRO C CA  1 
ATOM   1257 C C   . PRO B 2 91 ? -15.277 0.155   -11.634 1.00 23.02 ? 111 PRO C C   1 
ATOM   1258 O O   . PRO B 2 91 ? -15.129 0.981   -10.719 1.00 24.79 ? 111 PRO C O   1 
ATOM   1259 C CB  . PRO B 2 91 ? -15.782 -1.939  -10.377 1.00 23.49 ? 111 PRO C CB  1 
ATOM   1260 C CG  . PRO B 2 91 ? -14.899 -2.848  -9.578  1.00 23.35 ? 111 PRO C CG  1 
ATOM   1261 C CD  . PRO B 2 91 ? -13.504 -2.271  -9.657  1.00 21.06 ? 111 PRO C CD  1 
ATOM   1262 N N   . GLY B 2 92 ? -15.763 0.470   -12.844 1.00 25.61 ? 112 GLY C N   1 
ATOM   1263 C CA  . GLY B 2 92 ? -16.286 1.798   -13.208 1.00 26.45 ? 112 GLY C CA  1 
ATOM   1264 C C   . GLY B 2 92 ? -15.220 2.694   -13.818 1.00 29.37 ? 112 GLY C C   1 
ATOM   1265 O O   . GLY B 2 92 ? -15.578 3.800   -14.286 1.00 30.16 ? 112 GLY C O   1 
ATOM   1266 N N   . PHE B 2 93 ? -13.958 2.272   -13.799 1.00 29.33 ? 113 PHE C N   1 
ATOM   1267 C CA  . PHE B 2 93 ? -12.805 3.097   -14.248 1.00 31.30 ? 113 PHE C CA  1 
ATOM   1268 C C   . PHE B 2 93 ? -12.346 2.639   -15.629 1.00 39.57 ? 113 PHE C C   1 
ATOM   1269 O O   . PHE B 2 93 ? -12.637 1.524   -16.057 1.00 43.05 ? 113 PHE C O   1 
ATOM   1270 C CB  . PHE B 2 93 ? -11.648 3.022   -13.245 1.00 30.45 ? 113 PHE C CB  1 
ATOM   1271 C CG  . PHE B 2 93 ? -11.860 3.838   -11.999 1.00 28.03 ? 113 PHE C CG  1 
ATOM   1272 C CD1 . PHE B 2 93 ? -11.513 5.182   -11.970 1.00 28.55 ? 113 PHE C CD1 1 
ATOM   1273 C CD2 . PHE B 2 93 ? -12.424 3.282   -10.862 1.00 31.06 ? 113 PHE C CD2 1 
ATOM   1274 C CE1 . PHE B 2 93 ? -11.717 5.938   -10.830 1.00 28.37 ? 113 PHE C CE1 1 
ATOM   1275 C CE2 . PHE B 2 93 ? -12.602 4.038   -9.717  1.00 30.56 ? 113 PHE C CE2 1 
ATOM   1276 C CZ  . PHE B 2 93 ? -12.253 5.368   -9.702  1.00 30.67 ? 113 PHE C CZ  1 
ATOM   1277 O OXT . PHE B 2 93 ? -11.662 3.411   -16.313 1.00 48.18 ? 113 PHE C OXT 1 
HETATM 1278 O O   . HOH C 3 .  ? 6.695   10.138  -3.497  1.00 42.83 ? 301 HOH B O   1 
HETATM 1279 O O   . HOH C 3 .  ? -1.411  -7.597  4.698   1.00 26.08 ? 302 HOH B O   1 
HETATM 1280 O O   . HOH C 3 .  ? -3.439  17.449  7.985   1.00 30.77 ? 303 HOH B O   1 
HETATM 1281 O O   . HOH C 3 .  ? 11.506  -1.160  4.229   1.00 33.76 ? 304 HOH B O   1 
HETATM 1282 O O   . HOH C 3 .  ? -1.029  17.236  5.270   1.00 26.65 ? 305 HOH B O   1 
HETATM 1283 O O   . HOH C 3 .  ? -8.548  -3.345  7.501   1.00 38.82 ? 306 HOH B O   1 
HETATM 1284 O O   . HOH C 3 .  ? -5.462  -6.243  0.539   1.00 16.81 ? 307 HOH B O   1 
HETATM 1285 O O   . HOH C 3 .  ? -1.356  17.800  11.363  1.00 39.04 ? 308 HOH B O   1 
HETATM 1286 O O   . HOH C 3 .  ? -0.721  3.439   -4.268  1.00 18.46 ? 309 HOH B O   1 
HETATM 1287 O O   . HOH C 3 .  ? -6.217  1.873   0.142   1.00 20.30 ? 310 HOH B O   1 
HETATM 1288 O O   . HOH C 3 .  ? 0.636   -3.758  1.416   1.00 48.38 ? 311 HOH B O   1 
HETATM 1289 O O   . HOH C 3 .  ? -2.232  -12.539 0.730   1.00 24.90 ? 312 HOH B O   1 
HETATM 1290 O O   . HOH C 3 .  ? -4.708  6.782   -3.313  1.00 24.71 ? 313 HOH B O   1 
HETATM 1291 O O   . HOH C 3 .  ? -0.069  7.238   -4.779  1.00 25.84 ? 314 HOH B O   1 
HETATM 1292 O O   . HOH C 3 .  ? -5.456  14.790  1.652   1.00 25.84 ? 315 HOH B O   1 
HETATM 1293 O O   . HOH C 3 .  ? 3.943   13.563  3.104   1.00 39.91 ? 316 HOH B O   1 
HETATM 1294 O O   . HOH C 3 .  ? -6.045  12.170  -10.313 1.00 37.20 ? 317 HOH B O   1 
HETATM 1295 O O   . HOH C 3 .  ? -7.113  15.875  7.377   1.00 27.39 ? 318 HOH B O   1 
HETATM 1296 O O   . HOH C 3 .  ? -3.927  18.586  2.906   1.00 25.11 ? 319 HOH B O   1 
HETATM 1297 O O   . HOH C 3 .  ? 11.235  -2.408  13.440  1.00 44.27 ? 320 HOH B O   1 
HETATM 1298 O O   . HOH C 3 .  ? -1.365  -0.423  0.511   1.00 32.59 ? 321 HOH B O   1 
HETATM 1299 O O   . HOH C 3 .  ? 11.600  -0.304  7.065   1.00 40.47 ? 322 HOH B O   1 
HETATM 1300 O O   . HOH C 3 .  ? 1.827   -0.875  0.111   1.00 24.41 ? 323 HOH B O   1 
HETATM 1301 O O   . HOH C 3 .  ? -9.514  11.693  7.851   1.00 26.56 ? 324 HOH B O   1 
HETATM 1302 O O   . HOH C 3 .  ? -8.673  -8.823  17.049  1.00 49.27 ? 325 HOH B O   1 
HETATM 1303 O O   . HOH C 3 .  ? -1.136  13.324  -13.940 1.00 38.96 ? 326 HOH B O   1 
HETATM 1304 O O   . HOH C 3 .  ? -8.851  8.900   8.236   1.00 33.37 ? 327 HOH B O   1 
HETATM 1305 O O   . HOH C 3 .  ? 6.830   -7.577  4.927   1.00 49.59 ? 328 HOH B O   1 
HETATM 1306 O O   . HOH C 3 .  ? 15.856  7.633   13.274  1.00 43.71 ? 329 HOH B O   1 
HETATM 1307 O O   . HOH C 3 .  ? 4.188   20.681  5.370   1.00 35.31 ? 330 HOH B O   1 
HETATM 1308 O O   . HOH C 3 .  ? 3.045   -3.212  -0.220  1.00 34.09 ? 331 HOH B O   1 
HETATM 1309 O O   . HOH D 3 .  ? -4.256  -13.473 -15.117 1.00 34.27 ? 201 HOH C O   1 
HETATM 1310 O O   . HOH D 3 .  ? -9.695  -9.404  -9.661  1.00 34.14 ? 202 HOH C O   1 
HETATM 1311 O O   . HOH D 3 .  ? -5.806  -15.369 -4.210  1.00 39.22 ? 203 HOH C O   1 
HETATM 1312 O O   . HOH D 3 .  ? 14.177  -12.695 -5.245  1.00 42.01 ? 204 HOH C O   1 
HETATM 1313 O O   . HOH D 3 .  ? -10.490 -18.485 -14.546 1.00 32.95 ? 205 HOH C O   1 
HETATM 1314 O O   . HOH D 3 .  ? -10.969 -18.118 -6.651  1.00 39.80 ? 206 HOH C O   1 
HETATM 1315 O O   . HOH D 3 .  ? -5.906  -16.244 -8.987  1.00 31.50 ? 207 HOH C O   1 
HETATM 1316 O O   . HOH D 3 .  ? -13.389 -5.746  -8.160  1.00 25.80 ? 208 HOH C O   1 
HETATM 1317 O O   . HOH D 3 .  ? 1.262   -15.612 -14.557 1.00 34.37 ? 209 HOH C O   1 
HETATM 1318 O O   . HOH D 3 .  ? 2.864   -6.379  -14.065 1.00 24.87 ? 210 HOH C O   1 
HETATM 1319 O O   . HOH D 3 .  ? 14.122  -2.439  -8.100  1.00 35.26 ? 211 HOH C O   1 
HETATM 1320 O O   . HOH D 3 .  ? 8.413   0.357   -16.418 1.00 31.16 ? 212 HOH C O   1 
HETATM 1321 O O   . HOH D 3 .  ? -11.504 -9.128  -0.501  1.00 36.02 ? 213 HOH C O   1 
HETATM 1322 O O   . HOH D 3 .  ? -1.565  -18.052 -8.369  1.00 29.15 ? 214 HOH C O   1 
HETATM 1323 O O   . HOH D 3 .  ? -8.819  8.788   -14.001 1.00 39.64 ? 215 HOH C O   1 
HETATM 1324 O O   . HOH D 3 .  ? -0.571  -10.005 3.540   1.00 37.36 ? 216 HOH C O   1 
HETATM 1325 O O   . HOH D 3 .  ? 10.933  -13.916 -11.378 1.00 38.28 ? 217 HOH C O   1 
HETATM 1326 O O   . HOH D 3 .  ? 16.764  -9.681  -4.981  1.00 31.33 ? 218 HOH C O   1 
HETATM 1327 O O   . HOH D 3 .  ? -7.159  -20.185 -12.439 1.00 39.15 ? 219 HOH C O   1 
HETATM 1328 O O   . HOH D 3 .  ? -0.991  -6.147  -16.977 1.00 38.57 ? 220 HOH C O   1 
HETATM 1329 O O   . HOH D 3 .  ? -4.510  -2.656  0.689   1.00 27.73 ? 221 HOH C O   1 
HETATM 1330 O O   . HOH D 3 .  ? -0.880  6.715   -19.698 1.00 38.99 ? 222 HOH C O   1 
HETATM 1331 O O   . HOH D 3 .  ? -11.501 -16.461 -15.837 1.00 26.19 ? 223 HOH C O   1 
HETATM 1332 O O   . HOH D 3 .  ? 4.333   -21.387 -5.161  1.00 28.90 ? 224 HOH C O   1 
HETATM 1333 O O   . HOH D 3 .  ? -15.812 -1.489  -14.715 1.00 32.67 ? 225 HOH C O   1 
HETATM 1334 O O   . HOH D 3 .  ? -0.726  10.930  -15.370 1.00 27.28 ? 226 HOH C O   1 
HETATM 1335 O O   . HOH D 3 .  ? 5.449   -10.866 1.638   1.00 32.94 ? 227 HOH C O   1 
HETATM 1336 O O   . HOH D 3 .  ? -13.046 -11.449 -11.856 1.00 34.46 ? 228 HOH C O   1 
HETATM 1337 O O   . HOH D 3 .  ? -7.575  3.727   -2.080  1.00 18.30 ? 229 HOH C O   1 
HETATM 1338 O O   . HOH D 3 .  ? -14.503 5.762   -3.277  1.00 35.13 ? 230 HOH C O   1 
HETATM 1339 O O   . HOH D 3 .  ? 5.539   -14.896 -11.202 1.00 38.80 ? 231 HOH C O   1 
HETATM 1340 O O   . HOH D 3 .  ? -3.954  -16.488 -9.036  1.00 30.89 ? 232 HOH C O   1 
HETATM 1341 O O   . HOH D 3 .  ? -6.860  12.271  2.383   1.00 25.08 ? 233 HOH C O   1 
HETATM 1342 O O   . HOH D 3 .  ? 12.243  6.954   -6.248  1.00 38.52 ? 234 HOH C O   1 
HETATM 1343 O O   . HOH D 3 .  ? 15.697  -5.770  1.755   1.00 34.88 ? 235 HOH C O   1 
HETATM 1344 O O   . HOH D 3 .  ? -13.752 1.219   -8.314  1.00 30.20 ? 236 HOH C O   1 
HETATM 1345 O O   . HOH D 3 .  ? -13.006 -1.312  -15.115 1.00 38.07 ? 237 HOH C O   1 
HETATM 1346 O O   . HOH D 3 .  ? 8.498   -10.817 -12.445 1.00 32.65 ? 238 HOH C O   1 
HETATM 1347 O O   . HOH D 3 .  ? 4.338   8.500   -6.907  1.00 25.97 ? 239 HOH C O   1 
HETATM 1348 O O   . HOH D 3 .  ? -3.403  2.723   -1.680  1.00 22.25 ? 240 HOH C O   1 
HETATM 1349 O O   . HOH D 3 .  ? -7.449  9.658   -9.972  1.00 28.68 ? 241 HOH C O   1 
HETATM 1350 O O   . HOH D 3 .  ? 14.413  -5.666  -7.926  1.00 29.54 ? 242 HOH C O   1 
HETATM 1351 O O   . HOH D 3 .  ? 4.757   -16.741 0.324   1.00 29.46 ? 243 HOH C O   1 
HETATM 1352 O O   . HOH D 3 .  ? 10.545  -7.419  -13.932 1.00 34.08 ? 244 HOH C O   1 
HETATM 1353 O O   . HOH D 3 .  ? -8.822  8.353   -2.501  1.00 21.59 ? 245 HOH C O   1 
HETATM 1354 O O   . HOH D 3 .  ? 0.043   -14.350 1.768   1.00 32.08 ? 246 HOH C O   1 
HETATM 1355 O O   . HOH D 3 .  ? 5.346   -17.961 -2.022  1.00 27.03 ? 247 HOH C O   1 
HETATM 1356 O O   . HOH D 3 .  ? 7.220   -7.049  0.145   1.00 28.77 ? 248 HOH C O   1 
HETATM 1357 O O   . HOH D 3 .  ? -7.146  16.289  -3.666  1.00 38.36 ? 249 HOH C O   1 
HETATM 1358 O O   . HOH D 3 .  ? 11.526  -0.683  -11.577 1.00 29.20 ? 250 HOH C O   1 
HETATM 1359 O O   . HOH D 3 .  ? 3.240   6.118   -15.821 1.00 39.40 ? 251 HOH C O   1 
HETATM 1360 O O   . HOH D 3 .  ? 0.084   -5.507  -14.646 1.00 18.98 ? 252 HOH C O   1 
HETATM 1361 O O   . HOH D 3 .  ? 3.271   -0.189  -17.167 1.00 21.96 ? 253 HOH C O   1 
HETATM 1362 O O   . HOH D 3 .  ? -10.113 -7.289  -8.065  1.00 35.03 ? 254 HOH C O   1 
HETATM 1363 O O   . HOH D 3 .  ? -13.025 3.473   1.196   1.00 26.59 ? 255 HOH C O   1 
HETATM 1364 O O   . HOH D 3 .  ? 9.180   1.370   -13.834 1.00 31.82 ? 256 HOH C O   1 
HETATM 1365 O O   . HOH D 3 .  ? -8.415  -14.463 -3.768  1.00 22.13 ? 257 HOH C O   1 
HETATM 1366 O O   . HOH D 3 .  ? 5.351   -14.480 -8.486  1.00 17.97 ? 258 HOH C O   1 
HETATM 1367 O O   . HOH D 3 .  ? -12.882 1.295   2.653   1.00 32.05 ? 259 HOH C O   1 
HETATM 1368 O O   . HOH D 3 .  ? -11.560 11.050  -7.451  1.00 30.44 ? 260 HOH C O   1 
HETATM 1369 O O   . HOH D 3 .  ? 0.582   4.325   -9.265  1.00 27.14 ? 261 HOH C O   1 
HETATM 1370 O O   . HOH D 3 .  ? -2.174  -17.234 -3.920  1.00 21.75 ? 262 HOH C O   1 
HETATM 1371 O O   . HOH D 3 .  ? -13.651 6.178   2.056   1.00 35.16 ? 263 HOH C O   1 
HETATM 1372 O O   . HOH D 3 .  ? -1.913  -16.555 -0.905  1.00 25.91 ? 264 HOH C O   1 
HETATM 1373 O O   . HOH D 3 .  ? -11.760 11.163  -2.583  1.00 32.98 ? 265 HOH C O   1 
HETATM 1374 O O   . HOH D 3 .  ? -1.330  0.687   -1.995  1.00 18.11 ? 266 HOH C O   1 
HETATM 1375 O O   . HOH D 3 .  ? 9.335   -6.746  2.008   1.00 33.15 ? 267 HOH C O   1 
HETATM 1376 O O   . HOH D 3 .  ? -3.860  -14.570 0.284   1.00 30.32 ? 268 HOH C O   1 
HETATM 1377 O O   . HOH D 3 .  ? -7.374  -3.862  -16.426 1.00 40.36 ? 269 HOH C O   1 
HETATM 1378 O O   . HOH D 3 .  ? 2.124   2.346   -10.391 1.00 29.31 ? 270 HOH C O   1 
HETATM 1379 O O   . HOH D 3 .  ? 13.022  -13.493 -2.667  1.00 29.40 ? 271 HOH C O   1 
HETATM 1380 O O   . HOH D 3 .  ? 13.007  -0.183  -9.759  1.00 31.73 ? 272 HOH C O   1 
HETATM 1381 O O   . HOH D 3 .  ? -11.549 -15.071 -5.181  1.00 35.50 ? 273 HOH C O   1 
HETATM 1382 O O   . HOH D 3 .  ? 11.189  -10.846 -11.994 1.00 38.88 ? 274 HOH C O   1 
HETATM 1383 O O   . HOH D 3 .  ? -11.831 -2.953  1.832   1.00 33.69 ? 275 HOH C O   1 
HETATM 1384 O O   . HOH D 3 .  ? -0.190  5.084   -6.755  1.00 17.51 ? 276 HOH C O   1 
HETATM 1385 O O   . HOH D 3 .  ? -4.512  -0.203  -0.571  1.00 21.20 ? 277 HOH C O   1 
HETATM 1386 O O   . HOH D 3 .  ? -1.798  -3.183  1.238   1.00 28.25 ? 278 HOH C O   1 
HETATM 1387 O O   . HOH D 3 .  ? -6.187  -14.643 -16.313 1.00 31.06 ? 279 HOH C O   1 
HETATM 1388 O O   . HOH D 3 .  ? -6.905  6.476   -1.669  1.00 19.49 ? 280 HOH C O   1 
HETATM 1389 O O   . HOH D 3 .  ? 12.934  -7.127  -14.936 1.00 39.83 ? 281 HOH C O   1 
HETATM 1390 O O   . HOH D 3 .  ? 8.025   1.380   -18.847 1.00 41.09 ? 282 HOH C O   1 
HETATM 1391 O O   . HOH D 3 .  ? 12.380  -10.557 1.386   1.00 36.17 ? 283 HOH C O   1 
HETATM 1392 O O   . HOH D 3 .  ? -9.042  -10.142 -14.385 1.00 40.85 ? 284 HOH C O   1 
HETATM 1393 O O   . HOH D 3 .  ? -9.371  14.972  -4.303  1.00 38.82 ? 285 HOH C O   1 
HETATM 1394 O O   . HOH D 3 .  ? 17.418  -4.957  -7.633  1.00 49.62 ? 286 HOH C O   1 
HETATM 1395 O O   . HOH D 3 .  ? -11.217 -5.444  -10.134 1.00 37.65 ? 287 HOH C O   1 
HETATM 1396 O O   . HOH D 3 .  ? 6.026   -20.796 -2.813  1.00 37.98 ? 288 HOH C O   1 
HETATM 1397 O O   . HOH D 3 .  ? -13.256 -14.175 -15.934 1.00 35.32 ? 289 HOH C O   1 
HETATM 1398 O O   . HOH D 3 .  ? -1.668  -12.767 3.334   1.00 38.47 ? 290 HOH C O   1 
HETATM 1399 O O   . HOH D 3 .  ? -12.987 -16.167 -7.908  1.00 32.77 ? 291 HOH C O   1 
HETATM 1400 O O   . HOH D 3 .  ? -14.344 10.665  0.423   1.00 39.37 ? 292 HOH C O   1 
HETATM 1401 O O   . HOH D 3 .  ? 14.069  -12.468 0.187   1.00 42.07 ? 293 HOH C O   1 
HETATM 1402 O O   . HOH D 3 .  ? 8.258   -9.079  -14.504 1.00 36.48 ? 294 HOH C O   1 
HETATM 1403 O O   . HOH D 3 .  ? -6.982  -8.840  -15.813 1.00 39.99 ? 295 HOH C O   1 
# 
